data_2HCC
#
_entry.id   2HCC
#
_cell.length_a   1.000
_cell.length_b   1.000
_cell.length_c   1.000
_cell.angle_alpha   90.00
_cell.angle_beta   90.00
_cell.angle_gamma   90.00
#
_symmetry.space_group_name_H-M   'P 1'
#
_entity_poly.entity_id   1
_entity_poly.type   'polypeptide(L)'
_entity_poly.pdbx_seq_one_letter_code
;HFAADCCTSYISQSIPCSLMKSYFETSSECSKPGVIFLTKKGRQVCAKPSGPGVQDCMKKLKPYSI
;
_entity_poly.pdbx_strand_id   A
#
# COMPACT_ATOMS: atom_id res chain seq x y z
N HIS A 1 -1.26 -13.83 -13.88
CA HIS A 1 -0.10 -14.78 -13.83
C HIS A 1 0.91 -14.32 -12.78
N PHE A 2 0.46 -14.08 -11.58
CA PHE A 2 1.40 -13.62 -10.51
C PHE A 2 1.13 -14.38 -9.21
N ALA A 3 1.71 -13.94 -8.13
CA ALA A 3 1.49 -14.63 -6.82
C ALA A 3 1.36 -13.62 -5.69
N ALA A 4 1.27 -14.08 -4.47
CA ALA A 4 1.15 -13.13 -3.33
C ALA A 4 2.35 -12.20 -3.27
N ASP A 5 2.12 -10.91 -3.15
CA ASP A 5 3.26 -9.95 -3.08
C ASP A 5 3.61 -9.65 -1.63
N CYS A 6 4.80 -9.19 -1.38
CA CYS A 6 5.21 -8.87 0.02
C CYS A 6 6.18 -7.68 0.02
N CYS A 7 6.20 -6.91 1.07
CA CYS A 7 7.12 -5.75 1.11
C CYS A 7 8.46 -6.15 1.74
N THR A 8 9.54 -5.70 1.18
CA THR A 8 10.88 -6.03 1.75
C THR A 8 11.38 -4.86 2.60
N SER A 9 10.74 -3.72 2.45
CA SER A 9 11.15 -2.53 3.23
C SER A 9 10.12 -1.40 3.02
N TYR A 10 9.84 -0.63 4.03
CA TYR A 10 8.84 0.46 3.87
C TYR A 10 9.54 1.74 3.40
N ILE A 11 8.79 2.66 2.84
CA ILE A 11 9.40 3.93 2.36
C ILE A 11 10.15 4.60 3.51
N SER A 12 10.96 5.59 3.20
CA SER A 12 11.72 6.29 4.28
C SER A 12 11.03 7.59 4.65
N GLN A 13 9.93 7.90 4.02
CA GLN A 13 9.22 9.16 4.34
C GLN A 13 7.70 8.95 4.22
N SER A 14 6.93 9.99 4.36
CA SER A 14 5.45 9.84 4.25
C SER A 14 5.09 9.13 2.93
N ILE A 15 4.03 8.39 2.92
CA ILE A 15 3.62 7.68 1.67
C ILE A 15 3.11 8.70 0.65
N PRO A 16 3.43 8.46 -0.60
CA PRO A 16 3.01 9.36 -1.69
C PRO A 16 1.55 9.06 -2.08
N CYS A 17 0.65 9.22 -1.15
CA CYS A 17 -0.79 8.95 -1.46
C CYS A 17 -1.31 9.91 -2.52
N SER A 18 -0.68 11.05 -2.67
CA SER A 18 -1.14 12.03 -3.67
C SER A 18 -0.91 11.54 -5.11
N LEU A 19 -0.42 10.34 -5.28
CA LEU A 19 -0.18 9.84 -6.66
C LEU A 19 -0.56 8.35 -6.76
N MET A 20 -1.17 7.81 -5.76
CA MET A 20 -1.56 6.37 -5.82
C MET A 20 -3.00 6.23 -6.29
N LYS A 21 -3.25 5.32 -7.20
CA LYS A 21 -4.64 5.12 -7.70
C LYS A 21 -5.33 4.03 -6.89
N SER A 22 -4.58 3.12 -6.31
CA SER A 22 -5.20 2.03 -5.51
C SER A 22 -4.21 1.52 -4.47
N TYR A 23 -4.62 0.58 -3.66
CA TYR A 23 -3.71 0.02 -2.62
C TYR A 23 -4.07 -1.43 -2.34
N PHE A 24 -3.13 -2.24 -1.91
CA PHE A 24 -3.48 -3.67 -1.64
C PHE A 24 -2.64 -4.23 -0.49
N GLU A 25 -3.22 -5.07 0.32
CA GLU A 25 -2.46 -5.66 1.45
C GLU A 25 -1.83 -6.98 1.02
N THR A 26 -0.66 -7.29 1.50
CA THR A 26 0.00 -8.56 1.10
C THR A 26 -0.67 -9.75 1.78
N SER A 27 -0.08 -10.92 1.67
CA SER A 27 -0.68 -12.12 2.30
C SER A 27 -0.02 -12.39 3.66
N SER A 28 -0.79 -12.83 4.62
CA SER A 28 -0.20 -13.10 5.96
C SER A 28 0.73 -14.31 5.90
N GLU A 29 0.81 -14.96 4.78
CA GLU A 29 1.70 -16.14 4.65
C GLU A 29 3.17 -15.70 4.64
N CYS A 30 3.43 -14.48 4.23
CA CYS A 30 4.83 -13.99 4.21
C CYS A 30 5.34 -13.77 5.63
N SER A 31 6.62 -13.92 5.84
CA SER A 31 7.17 -13.73 7.22
C SER A 31 6.94 -12.28 7.68
N LYS A 32 6.56 -11.43 6.79
CA LYS A 32 6.31 -10.01 7.16
C LYS A 32 5.26 -9.40 6.23
N PRO A 33 4.16 -9.00 6.82
CA PRO A 33 3.06 -8.39 6.03
C PRO A 33 3.44 -6.99 5.56
N GLY A 34 2.51 -6.27 4.98
CA GLY A 34 2.81 -4.91 4.49
C GLY A 34 1.81 -4.54 3.38
N VAL A 35 1.50 -3.28 3.23
CA VAL A 35 0.54 -2.88 2.18
C VAL A 35 1.26 -2.04 1.11
N ILE A 36 1.12 -2.39 -0.14
CA ILE A 36 1.80 -1.61 -1.20
C ILE A 36 0.78 -0.81 -2.01
N PHE A 37 1.05 0.45 -2.23
CA PHE A 37 0.08 1.28 -3.01
C PHE A 37 0.47 1.23 -4.50
N LEU A 38 -0.50 1.09 -5.37
CA LEU A 38 -0.18 1.06 -6.81
C LEU A 38 -0.39 2.45 -7.41
N THR A 39 0.62 3.01 -8.02
CA THR A 39 0.47 4.37 -8.60
C THR A 39 -0.01 4.30 -10.05
N LYS A 40 -0.79 5.26 -10.45
CA LYS A 40 -1.31 5.24 -11.86
C LYS A 40 -0.15 5.43 -12.85
N LYS A 41 0.89 6.10 -12.44
CA LYS A 41 2.04 6.31 -13.35
C LYS A 41 2.78 4.99 -13.59
N GLY A 42 2.39 3.95 -12.91
CA GLY A 42 3.06 2.64 -13.10
C GLY A 42 4.18 2.47 -12.07
N ARG A 43 3.85 2.48 -10.81
CA ARG A 43 4.90 2.31 -9.77
C ARG A 43 4.32 1.62 -8.53
N GLN A 44 5.12 1.36 -7.54
CA GLN A 44 4.62 0.68 -6.31
C GLN A 44 5.37 1.18 -5.07
N VAL A 45 4.66 1.38 -3.99
CA VAL A 45 5.32 1.87 -2.75
C VAL A 45 5.10 0.86 -1.62
N CYS A 46 6.05 0.70 -0.75
CA CYS A 46 5.88 -0.27 0.37
C CYS A 46 5.56 0.48 1.66
N ALA A 47 4.54 0.08 2.37
CA ALA A 47 4.20 0.77 3.64
C ALA A 47 3.85 -0.24 4.73
N LYS A 48 3.96 0.16 5.96
CA LYS A 48 3.63 -0.78 7.08
C LYS A 48 2.13 -1.10 7.07
N PRO A 49 1.75 -1.97 7.98
CA PRO A 49 0.32 -2.38 8.08
C PRO A 49 -0.51 -1.26 8.71
N SER A 50 0.06 -0.56 9.67
CA SER A 50 -0.70 0.55 10.32
C SER A 50 0.13 1.84 10.28
N GLY A 51 0.79 2.09 9.18
CA GLY A 51 1.62 3.33 9.07
C GLY A 51 0.74 4.56 9.33
N PRO A 52 1.36 5.57 9.86
CA PRO A 52 0.63 6.84 10.16
C PRO A 52 0.24 7.54 8.86
N GLY A 53 -1.01 7.44 8.49
CA GLY A 53 -1.47 8.10 7.24
C GLY A 53 -1.65 7.04 6.15
N VAL A 54 -0.99 5.92 6.28
CA VAL A 54 -1.12 4.84 5.25
C VAL A 54 -2.56 4.35 5.21
N GLN A 55 -3.18 4.17 6.33
CA GLN A 55 -4.58 3.70 6.33
C GLN A 55 -5.49 4.79 5.77
N ASP A 56 -5.13 6.02 5.98
CA ASP A 56 -5.96 7.14 5.43
C ASP A 56 -5.84 7.14 3.90
N CYS A 57 -4.68 6.82 3.40
CA CYS A 57 -4.51 6.79 1.92
C CYS A 57 -5.36 5.67 1.32
N MET A 58 -5.35 4.52 1.93
CA MET A 58 -6.17 3.40 1.41
C MET A 58 -7.66 3.68 1.63
N LYS A 59 -7.98 4.42 2.65
CA LYS A 59 -9.41 4.74 2.91
C LYS A 59 -9.94 5.64 1.79
N LYS A 60 -9.19 6.64 1.44
CA LYS A 60 -9.62 7.54 0.34
C LYS A 60 -9.58 6.81 -1.00
N LEU A 61 -8.78 5.77 -1.09
CA LEU A 61 -8.70 5.01 -2.37
C LEU A 61 -9.94 4.12 -2.56
N LYS A 62 -10.80 4.08 -1.59
CA LYS A 62 -12.02 3.23 -1.73
C LYS A 62 -13.28 4.10 -1.69
N PRO A 63 -13.88 4.24 -2.84
CA PRO A 63 -15.12 5.05 -2.95
C PRO A 63 -16.30 4.31 -2.33
N TYR A 64 -16.73 4.73 -1.17
CA TYR A 64 -17.87 4.04 -0.51
C TYR A 64 -18.63 5.02 0.40
N SER A 65 -18.90 6.21 -0.09
CA SER A 65 -19.63 7.20 0.74
C SER A 65 -21.12 7.22 0.34
N ILE A 66 -21.81 6.14 0.56
CA ILE A 66 -23.25 6.10 0.19
C ILE A 66 -23.91 4.85 0.77
N HIS A 1 -0.17 -20.81 -4.95
CA HIS A 1 -0.03 -19.88 -3.79
C HIS A 1 -0.21 -18.44 -4.24
N PHE A 2 -0.45 -17.55 -3.32
CA PHE A 2 -0.64 -16.11 -3.70
C PHE A 2 0.46 -15.26 -3.06
N ALA A 3 1.56 -15.07 -3.75
CA ALA A 3 2.67 -14.25 -3.19
C ALA A 3 2.42 -12.77 -3.45
N ALA A 4 1.64 -12.45 -4.46
CA ALA A 4 1.36 -11.02 -4.76
C ALA A 4 2.65 -10.20 -4.73
N ASP A 5 2.99 -9.63 -3.61
CA ASP A 5 4.24 -8.82 -3.53
C ASP A 5 4.50 -8.37 -2.09
N CYS A 6 5.39 -9.04 -1.40
CA CYS A 6 5.67 -8.64 0.01
C CYS A 6 6.82 -7.62 0.05
N CYS A 7 6.67 -6.59 0.83
CA CYS A 7 7.73 -5.56 0.91
C CYS A 7 8.67 -5.82 2.08
N THR A 8 9.93 -5.52 1.92
CA THR A 8 10.90 -5.75 3.04
C THR A 8 11.22 -4.40 3.70
N SER A 9 10.90 -3.32 3.05
CA SER A 9 11.17 -1.97 3.63
C SER A 9 10.00 -1.03 3.32
N TYR A 10 9.52 -0.32 4.31
CA TYR A 10 8.38 0.61 4.06
C TYR A 10 8.91 1.99 3.66
N ILE A 11 8.02 2.89 3.32
CA ILE A 11 8.48 4.25 2.91
C ILE A 11 9.08 5.00 4.12
N SER A 12 9.74 6.09 3.88
CA SER A 12 10.34 6.86 5.01
C SER A 12 9.45 8.05 5.38
N GLN A 13 8.36 8.22 4.69
CA GLN A 13 7.46 9.37 4.99
C GLN A 13 6.01 8.98 4.70
N SER A 14 5.12 9.93 4.71
CA SER A 14 3.69 9.62 4.44
C SER A 14 3.54 9.01 3.03
N ILE A 15 2.57 8.16 2.84
CA ILE A 15 2.38 7.55 1.49
C ILE A 15 1.83 8.60 0.52
N PRO A 16 2.42 8.62 -0.66
CA PRO A 16 2.01 9.60 -1.70
C PRO A 16 0.71 9.18 -2.38
N CYS A 17 -0.40 9.26 -1.69
CA CYS A 17 -1.71 8.88 -2.33
C CYS A 17 -2.03 9.83 -3.48
N SER A 18 -1.36 10.93 -3.55
CA SER A 18 -1.64 11.92 -4.64
C SER A 18 -1.31 11.32 -6.01
N LEU A 19 -0.74 10.14 -6.04
CA LEU A 19 -0.41 9.52 -7.35
C LEU A 19 -0.70 8.01 -7.32
N MET A 20 -1.28 7.52 -6.25
CA MET A 20 -1.59 6.07 -6.19
C MET A 20 -3.02 5.81 -6.68
N LYS A 21 -3.20 4.84 -7.53
CA LYS A 21 -4.55 4.55 -8.07
C LYS A 21 -5.27 3.50 -7.22
N SER A 22 -4.56 2.53 -6.71
CA SER A 22 -5.23 1.49 -5.88
C SER A 22 -4.20 0.68 -5.08
N TYR A 23 -4.34 0.63 -3.79
CA TYR A 23 -3.37 -0.14 -2.95
C TYR A 23 -3.91 -1.55 -2.69
N PHE A 24 -3.09 -2.43 -2.17
CA PHE A 24 -3.56 -3.81 -1.89
C PHE A 24 -2.80 -4.39 -0.69
N GLU A 25 -3.44 -5.22 0.09
CA GLU A 25 -2.74 -5.82 1.27
C GLU A 25 -2.06 -7.12 0.87
N THR A 26 -0.89 -7.37 1.40
CA THR A 26 -0.16 -8.63 1.04
C THR A 26 -0.79 -9.82 1.77
N SER A 27 -0.24 -10.99 1.60
CA SER A 27 -0.79 -12.19 2.28
C SER A 27 -0.03 -12.45 3.59
N SER A 28 -0.72 -12.90 4.60
CA SER A 28 -0.03 -13.18 5.90
C SER A 28 0.91 -14.38 5.76
N GLU A 29 0.91 -15.03 4.62
CA GLU A 29 1.79 -16.20 4.42
C GLU A 29 3.25 -15.75 4.27
N CYS A 30 3.47 -14.54 3.86
CA CYS A 30 4.87 -14.05 3.70
C CYS A 30 5.53 -13.84 5.06
N SER A 31 6.83 -13.94 5.12
CA SER A 31 7.53 -13.76 6.42
C SER A 31 7.30 -12.35 6.95
N LYS A 32 6.77 -11.48 6.13
CA LYS A 32 6.51 -10.09 6.58
C LYS A 32 5.35 -9.48 5.78
N PRO A 33 4.28 -9.20 6.46
CA PRO A 33 3.08 -8.62 5.80
C PRO A 33 3.35 -7.17 5.42
N GLY A 34 2.38 -6.51 4.83
CA GLY A 34 2.57 -5.10 4.43
C GLY A 34 1.61 -4.76 3.29
N VAL A 35 1.26 -3.52 3.15
CA VAL A 35 0.34 -3.12 2.05
C VAL A 35 1.09 -2.29 1.01
N ILE A 36 1.04 -2.69 -0.24
CA ILE A 36 1.76 -1.93 -1.29
C ILE A 36 0.78 -1.09 -2.10
N PHE A 37 1.07 0.16 -2.30
CA PHE A 37 0.15 1.02 -3.10
C PHE A 37 0.55 0.94 -4.57
N LEU A 38 -0.39 0.78 -5.46
CA LEU A 38 -0.04 0.71 -6.90
C LEU A 38 -0.27 2.07 -7.54
N THR A 39 0.75 2.64 -8.11
CA THR A 39 0.60 3.99 -8.74
C THR A 39 0.20 3.85 -10.21
N LYS A 40 -0.57 4.78 -10.70
CA LYS A 40 -1.00 4.70 -12.13
C LYS A 40 0.22 4.88 -13.04
N LYS A 41 1.24 5.54 -12.57
CA LYS A 41 2.46 5.74 -13.41
C LYS A 41 3.21 4.42 -13.60
N GLY A 42 2.80 3.41 -12.88
CA GLY A 42 3.48 2.09 -13.01
C GLY A 42 4.55 1.95 -11.92
N ARG A 43 4.15 2.00 -10.68
CA ARG A 43 5.13 1.87 -9.57
C ARG A 43 4.48 1.23 -8.35
N GLN A 44 5.22 0.99 -7.31
CA GLN A 44 4.63 0.36 -6.10
C GLN A 44 5.33 0.88 -4.83
N VAL A 45 4.56 1.25 -3.84
CA VAL A 45 5.17 1.75 -2.58
C VAL A 45 5.01 0.69 -1.48
N CYS A 46 5.89 0.67 -0.52
CA CYS A 46 5.76 -0.33 0.56
C CYS A 46 5.29 0.32 1.86
N ALA A 47 4.27 -0.21 2.47
CA ALA A 47 3.76 0.41 3.73
C ALA A 47 3.52 -0.68 4.78
N LYS A 48 3.56 -0.32 6.03
CA LYS A 48 3.32 -1.31 7.11
C LYS A 48 1.82 -1.59 7.23
N PRO A 49 1.46 -2.43 8.16
CA PRO A 49 0.04 -2.78 8.37
C PRO A 49 -0.71 -1.59 8.99
N SER A 50 -0.03 -0.82 9.79
CA SER A 50 -0.69 0.36 10.41
C SER A 50 0.28 1.54 10.48
N GLY A 51 1.02 1.79 9.42
CA GLY A 51 1.98 2.92 9.42
C GLY A 51 1.22 4.24 9.40
N PRO A 52 1.79 5.23 10.02
CA PRO A 52 1.17 6.57 10.08
C PRO A 52 1.13 7.20 8.69
N GLY A 53 -0.02 7.25 8.08
CA GLY A 53 -0.12 7.85 6.72
C GLY A 53 -0.58 6.78 5.73
N VAL A 54 -0.18 5.55 5.93
CA VAL A 54 -0.61 4.47 5.00
C VAL A 54 -2.11 4.24 5.08
N GLN A 55 -2.65 4.23 6.27
CA GLN A 55 -4.12 4.02 6.39
C GLN A 55 -4.86 5.23 5.83
N ASP A 56 -4.33 6.40 6.02
CA ASP A 56 -4.99 7.60 5.47
C ASP A 56 -4.93 7.54 3.94
N CYS A 57 -3.87 6.99 3.41
CA CYS A 57 -3.78 6.87 1.93
C CYS A 57 -4.84 5.90 1.43
N MET A 58 -4.96 4.76 2.05
CA MET A 58 -5.99 3.78 1.62
C MET A 58 -7.38 4.36 1.86
N LYS A 59 -7.50 5.27 2.80
CA LYS A 59 -8.84 5.87 3.07
C LYS A 59 -9.28 6.69 1.85
N LYS A 60 -8.40 7.52 1.34
CA LYS A 60 -8.76 8.33 0.14
C LYS A 60 -8.90 7.42 -1.07
N LEU A 61 -8.29 6.25 -1.04
CA LEU A 61 -8.41 5.32 -2.20
C LEU A 61 -9.82 4.71 -2.24
N LYS A 62 -10.61 4.97 -1.25
CA LYS A 62 -11.99 4.40 -1.23
C LYS A 62 -12.88 5.21 -0.28
N PRO A 63 -13.49 6.23 -0.82
CA PRO A 63 -14.38 7.10 -0.01
C PRO A 63 -15.69 6.37 0.32
N TYR A 64 -15.83 5.92 1.53
CA TYR A 64 -17.07 5.19 1.92
C TYR A 64 -17.40 5.45 3.40
N SER A 65 -16.97 6.56 3.92
CA SER A 65 -17.25 6.86 5.36
C SER A 65 -16.66 5.77 6.25
N ILE A 66 -15.56 6.05 6.89
CA ILE A 66 -14.93 5.02 7.78
C ILE A 66 -14.77 3.70 7.04
N HIS A 1 5.82 -20.31 -11.34
CA HIS A 1 6.57 -19.54 -10.30
C HIS A 1 5.91 -18.19 -10.06
N PHE A 2 4.62 -18.17 -9.86
CA PHE A 2 3.92 -16.87 -9.63
C PHE A 2 4.44 -16.22 -8.34
N ALA A 3 5.21 -15.18 -8.47
CA ALA A 3 5.75 -14.48 -7.26
C ALA A 3 4.60 -13.92 -6.42
N ALA A 4 4.92 -13.26 -5.34
CA ALA A 4 3.84 -12.68 -4.48
C ALA A 4 4.14 -11.22 -4.16
N ASP A 5 3.16 -10.48 -3.73
CA ASP A 5 3.40 -9.04 -3.40
C ASP A 5 3.78 -8.89 -1.94
N CYS A 6 5.04 -8.69 -1.67
CA CYS A 6 5.49 -8.52 -0.25
C CYS A 6 6.66 -7.54 -0.19
N CYS A 7 6.97 -7.05 0.98
CA CYS A 7 8.10 -6.09 1.10
C CYS A 7 8.83 -6.29 2.44
N THR A 8 10.12 -6.07 2.45
CA THR A 8 10.89 -6.24 3.73
C THR A 8 11.14 -4.86 4.35
N SER A 9 11.05 -3.82 3.58
CA SER A 9 11.28 -2.45 4.12
C SER A 9 10.24 -1.48 3.57
N TYR A 10 9.68 -0.65 4.40
CA TYR A 10 8.65 0.32 3.91
C TYR A 10 9.32 1.62 3.48
N ILE A 11 8.54 2.64 3.23
CA ILE A 11 9.13 3.94 2.78
C ILE A 11 9.80 4.65 3.96
N SER A 12 10.70 5.56 3.68
CA SER A 12 11.39 6.28 4.78
C SER A 12 10.80 7.69 4.93
N GLN A 13 9.82 8.02 4.14
CA GLN A 13 9.21 9.38 4.23
C GLN A 13 7.69 9.28 4.04
N SER A 14 7.05 10.39 3.84
CA SER A 14 5.57 10.38 3.64
C SER A 14 5.19 9.57 2.41
N ILE A 15 4.12 8.84 2.48
CA ILE A 15 3.66 8.02 1.31
C ILE A 15 3.10 8.94 0.21
N PRO A 16 3.35 8.57 -1.01
CA PRO A 16 2.84 9.35 -2.17
C PRO A 16 1.38 8.98 -2.43
N CYS A 17 0.52 9.21 -1.48
CA CYS A 17 -0.92 8.85 -1.64
C CYS A 17 -1.55 9.69 -2.76
N SER A 18 -1.01 10.84 -3.04
CA SER A 18 -1.59 11.71 -4.11
C SER A 18 -1.34 11.10 -5.50
N LEU A 19 -0.74 9.94 -5.57
CA LEU A 19 -0.47 9.33 -6.90
C LEU A 19 -0.85 7.84 -6.90
N MET A 20 -1.50 7.38 -5.86
CA MET A 20 -1.89 5.94 -5.83
C MET A 20 -3.33 5.76 -6.30
N LYS A 21 -3.53 4.85 -7.21
CA LYS A 21 -4.90 4.60 -7.72
C LYS A 21 -5.52 3.38 -7.02
N SER A 22 -4.72 2.51 -6.48
CA SER A 22 -5.29 1.30 -5.79
C SER A 22 -4.26 0.65 -4.87
N TYR A 23 -4.53 0.60 -3.60
CA TYR A 23 -3.58 -0.04 -2.63
C TYR A 23 -4.00 -1.48 -2.36
N PHE A 24 -3.10 -2.32 -1.91
CA PHE A 24 -3.48 -3.73 -1.62
C PHE A 24 -2.62 -4.30 -0.49
N GLU A 25 -3.14 -5.24 0.24
CA GLU A 25 -2.35 -5.84 1.36
C GLU A 25 -1.58 -7.06 0.84
N THR A 26 -0.45 -7.35 1.41
CA THR A 26 0.33 -8.52 0.94
C THR A 26 -0.32 -9.82 1.40
N SER A 27 0.25 -10.95 1.05
CA SER A 27 -0.35 -12.25 1.48
C SER A 27 0.19 -12.66 2.85
N SER A 28 -0.66 -13.22 3.68
CA SER A 28 -0.19 -13.63 5.04
C SER A 28 0.80 -14.78 4.93
N GLU A 29 0.94 -15.33 3.76
CA GLU A 29 1.91 -16.46 3.57
C GLU A 29 3.34 -15.95 3.59
N CYS A 30 3.53 -14.68 3.34
CA CYS A 30 4.91 -14.12 3.33
C CYS A 30 5.46 -14.03 4.76
N SER A 31 6.75 -14.15 4.92
CA SER A 31 7.34 -14.08 6.28
C SER A 31 7.07 -12.71 6.92
N LYS A 32 6.61 -11.77 6.14
CA LYS A 32 6.32 -10.43 6.69
C LYS A 32 5.22 -9.74 5.86
N PRO A 33 4.20 -9.31 6.55
CA PRO A 33 3.06 -8.63 5.87
C PRO A 33 3.48 -7.23 5.41
N GLY A 34 2.54 -6.43 4.99
CA GLY A 34 2.88 -5.06 4.53
C GLY A 34 1.84 -4.56 3.53
N VAL A 35 1.59 -3.28 3.49
CA VAL A 35 0.59 -2.75 2.52
C VAL A 35 1.31 -2.04 1.38
N ILE A 36 1.10 -2.47 0.17
CA ILE A 36 1.79 -1.79 -0.96
C ILE A 36 0.81 -0.93 -1.75
N PHE A 37 1.16 0.29 -2.01
CA PHE A 37 0.23 1.18 -2.77
C PHE A 37 0.52 1.06 -4.27
N LEU A 38 -0.50 1.01 -5.07
CA LEU A 38 -0.27 0.91 -6.55
C LEU A 38 -0.44 2.28 -7.18
N THR A 39 0.56 2.78 -7.85
CA THR A 39 0.44 4.12 -8.48
C THR A 39 -0.06 4.01 -9.91
N LYS A 40 -0.84 4.96 -10.36
CA LYS A 40 -1.36 4.90 -11.75
C LYS A 40 -0.21 5.04 -12.75
N LYS A 41 0.87 5.69 -12.35
CA LYS A 41 2.02 5.85 -13.27
C LYS A 41 2.72 4.50 -13.49
N GLY A 42 2.30 3.49 -12.80
CA GLY A 42 2.93 2.15 -12.97
C GLY A 42 4.06 1.97 -11.94
N ARG A 43 3.74 2.03 -10.68
CA ARG A 43 4.79 1.85 -9.63
C ARG A 43 4.18 1.22 -8.38
N GLN A 44 4.98 0.94 -7.39
CA GLN A 44 4.45 0.31 -6.15
C GLN A 44 5.27 0.74 -4.92
N VAL A 45 4.61 1.09 -3.85
CA VAL A 45 5.35 1.50 -2.62
C VAL A 45 5.07 0.51 -1.50
N CYS A 46 5.81 0.59 -0.42
CA CYS A 46 5.58 -0.35 0.71
C CYS A 46 5.51 0.42 2.03
N ALA A 47 4.43 0.30 2.74
CA ALA A 47 4.30 1.04 4.03
C ALA A 47 3.78 0.12 5.14
N LYS A 48 3.94 0.53 6.37
CA LYS A 48 3.46 -0.31 7.50
C LYS A 48 1.96 -0.57 7.37
N PRO A 49 1.49 -1.52 8.14
CA PRO A 49 0.04 -1.87 8.10
C PRO A 49 -0.79 -0.80 8.81
N SER A 50 -0.25 -0.17 9.82
CA SER A 50 -1.02 0.89 10.54
C SER A 50 -0.24 2.20 10.55
N GLY A 51 0.52 2.46 9.53
CA GLY A 51 1.31 3.73 9.50
C GLY A 51 0.35 4.92 9.67
N PRO A 52 0.80 5.89 10.40
CA PRO A 52 -0.02 7.11 10.65
C PRO A 52 -0.20 7.89 9.35
N GLY A 53 -1.20 7.56 8.58
CA GLY A 53 -1.43 8.29 7.30
C GLY A 53 -1.58 7.26 6.18
N VAL A 54 -0.91 6.14 6.29
CA VAL A 54 -1.00 5.10 5.24
C VAL A 54 -2.45 4.61 5.12
N GLN A 55 -3.11 4.44 6.23
CA GLN A 55 -4.52 3.99 6.18
C GLN A 55 -5.37 5.10 5.59
N ASP A 56 -4.97 6.33 5.79
CA ASP A 56 -5.74 7.47 5.23
C ASP A 56 -5.64 7.44 3.70
N CYS A 57 -4.50 7.07 3.19
CA CYS A 57 -4.35 7.01 1.71
C CYS A 57 -5.27 5.91 1.15
N MET A 58 -5.32 4.79 1.81
CA MET A 58 -6.21 3.70 1.32
C MET A 58 -7.67 4.13 1.46
N LYS A 59 -7.98 4.91 2.46
CA LYS A 59 -9.39 5.38 2.61
C LYS A 59 -9.74 6.28 1.42
N LYS A 60 -8.77 7.00 0.93
CA LYS A 60 -9.03 7.88 -0.24
C LYS A 60 -9.30 7.02 -1.47
N LEU A 61 -8.61 5.91 -1.60
CA LEU A 61 -8.83 5.03 -2.79
C LEU A 61 -10.14 4.24 -2.64
N LYS A 62 -10.83 4.44 -1.55
CA LYS A 62 -12.12 3.71 -1.34
C LYS A 62 -13.08 4.55 -0.50
N PRO A 63 -13.64 5.55 -1.11
CA PRO A 63 -14.58 6.45 -0.42
C PRO A 63 -15.96 5.79 -0.31
N TYR A 64 -16.13 4.92 0.65
CA TYR A 64 -17.45 4.24 0.82
C TYR A 64 -17.39 3.26 1.98
N SER A 65 -16.87 3.69 3.10
CA SER A 65 -16.79 2.77 4.28
C SER A 65 -15.85 1.60 3.96
N ILE A 66 -15.08 1.16 4.92
CA ILE A 66 -14.15 0.03 4.67
C ILE A 66 -13.52 -0.44 5.98
N HIS A 1 6.11 -15.69 -13.30
CA HIS A 1 6.73 -14.90 -12.19
C HIS A 1 5.99 -15.15 -10.88
N PHE A 2 6.41 -14.53 -9.82
CA PHE A 2 5.72 -14.74 -8.51
C PHE A 2 4.21 -14.54 -8.66
N ALA A 3 3.44 -15.02 -7.73
CA ALA A 3 1.97 -14.86 -7.82
C ALA A 3 1.47 -13.91 -6.73
N ALA A 4 2.06 -13.96 -5.57
CA ALA A 4 1.62 -13.06 -4.47
C ALA A 4 2.59 -11.88 -4.33
N ASP A 5 2.28 -10.94 -3.48
CA ASP A 5 3.18 -9.77 -3.29
C ASP A 5 3.49 -9.56 -1.81
N CYS A 6 4.69 -9.15 -1.49
CA CYS A 6 5.05 -8.92 -0.07
C CYS A 6 6.03 -7.74 0.03
N CYS A 7 5.94 -6.97 1.08
CA CYS A 7 6.87 -5.81 1.22
C CYS A 7 8.13 -6.22 1.99
N THR A 8 9.27 -5.76 1.58
CA THR A 8 10.52 -6.09 2.31
C THR A 8 10.87 -4.95 3.24
N SER A 9 10.35 -3.78 2.96
CA SER A 9 10.61 -2.60 3.82
C SER A 9 9.42 -1.64 3.73
N TYR A 10 9.64 -0.37 3.90
CA TYR A 10 8.51 0.59 3.82
C TYR A 10 9.03 1.94 3.31
N ILE A 11 8.14 2.87 3.04
CA ILE A 11 8.61 4.19 2.54
C ILE A 11 9.36 4.93 3.64
N SER A 12 10.15 5.90 3.29
CA SER A 12 10.92 6.65 4.34
C SER A 12 10.20 7.96 4.68
N GLN A 13 9.03 8.17 4.13
CA GLN A 13 8.29 9.42 4.44
C GLN A 13 6.79 9.22 4.20
N SER A 14 6.00 10.22 4.47
CA SER A 14 4.53 10.10 4.27
C SER A 14 4.24 9.38 2.95
N ILE A 15 3.20 8.60 2.90
CA ILE A 15 2.86 7.87 1.64
C ILE A 15 2.29 8.87 0.62
N PRO A 16 2.75 8.73 -0.60
CA PRO A 16 2.30 9.62 -1.70
C PRO A 16 0.92 9.21 -2.21
N CYS A 17 -0.10 9.35 -1.40
CA CYS A 17 -1.47 8.97 -1.84
C CYS A 17 -1.91 9.88 -2.99
N SER A 18 -1.21 10.95 -3.22
CA SER A 18 -1.59 11.88 -4.32
C SER A 18 -1.38 11.22 -5.69
N LEU A 19 -0.91 9.99 -5.72
CA LEU A 19 -0.70 9.32 -7.02
C LEU A 19 -1.06 7.84 -6.91
N MET A 20 -1.65 7.42 -5.82
CA MET A 20 -2.02 5.98 -5.70
C MET A 20 -3.46 5.76 -6.17
N LYS A 21 -3.65 4.83 -7.06
CA LYS A 21 -5.02 4.56 -7.58
C LYS A 21 -5.62 3.32 -6.88
N SER A 22 -4.81 2.40 -6.42
CA SER A 22 -5.38 1.19 -5.76
C SER A 22 -4.33 0.48 -4.90
N TYR A 23 -4.54 0.44 -3.62
CA TYR A 23 -3.56 -0.25 -2.72
C TYR A 23 -4.03 -1.67 -2.42
N PHE A 24 -3.17 -2.51 -1.91
CA PHE A 24 -3.59 -3.91 -1.58
C PHE A 24 -2.79 -4.46 -0.40
N GLU A 25 -3.39 -5.30 0.38
CA GLU A 25 -2.66 -5.87 1.55
C GLU A 25 -1.96 -7.17 1.15
N THR A 26 -0.80 -7.42 1.67
CA THR A 26 -0.08 -8.67 1.30
C THR A 26 -0.58 -9.84 2.17
N SER A 27 -0.10 -11.02 1.91
CA SER A 27 -0.56 -12.19 2.71
C SER A 27 0.33 -12.36 3.96
N SER A 28 -0.26 -12.67 5.08
CA SER A 28 0.56 -12.85 6.31
C SER A 28 1.43 -14.10 6.20
N GLU A 29 1.27 -14.85 5.15
CA GLU A 29 2.08 -16.07 4.97
C GLU A 29 3.53 -15.70 4.61
N CYS A 30 3.72 -14.53 4.06
CA CYS A 30 5.09 -14.09 3.68
C CYS A 30 5.91 -13.78 4.94
N SER A 31 7.20 -13.89 4.86
CA SER A 31 8.05 -13.59 6.05
C SER A 31 7.89 -12.14 6.48
N LYS A 32 7.26 -11.34 5.68
CA LYS A 32 7.07 -9.91 6.05
C LYS A 32 5.80 -9.34 5.40
N PRO A 33 4.81 -9.10 6.21
CA PRO A 33 3.53 -8.55 5.71
C PRO A 33 3.68 -7.07 5.36
N GLY A 34 2.62 -6.45 4.91
CA GLY A 34 2.72 -5.00 4.55
C GLY A 34 1.69 -4.69 3.46
N VAL A 35 1.32 -3.44 3.33
CA VAL A 35 0.33 -3.06 2.28
C VAL A 35 1.03 -2.24 1.20
N ILE A 36 0.96 -2.67 -0.03
CA ILE A 36 1.64 -1.90 -1.11
C ILE A 36 0.62 -1.06 -1.87
N PHE A 37 0.87 0.22 -2.01
CA PHE A 37 -0.07 1.08 -2.77
C PHE A 37 0.35 1.09 -4.24
N LEU A 38 -0.56 0.92 -5.14
CA LEU A 38 -0.18 0.93 -6.58
C LEU A 38 -0.49 2.30 -7.18
N THR A 39 0.46 2.90 -7.84
CA THR A 39 0.23 4.25 -8.43
C THR A 39 -0.32 4.12 -9.85
N LYS A 40 -1.16 5.03 -10.25
CA LYS A 40 -1.73 4.97 -11.62
C LYS A 40 -0.61 5.20 -12.64
N LYS A 41 0.44 5.88 -12.27
CA LYS A 41 1.56 6.13 -13.22
C LYS A 41 2.32 4.83 -13.48
N GLY A 42 2.05 3.82 -12.72
CA GLY A 42 2.74 2.51 -12.92
C GLY A 42 3.88 2.37 -11.91
N ARG A 43 3.56 2.35 -10.64
CA ARG A 43 4.64 2.21 -9.61
C ARG A 43 4.10 1.49 -8.38
N GLN A 44 4.92 1.27 -7.39
CA GLN A 44 4.44 0.57 -6.16
C GLN A 44 5.12 1.14 -4.91
N VAL A 45 4.42 1.19 -3.82
CA VAL A 45 5.01 1.73 -2.57
C VAL A 45 4.87 0.70 -1.45
N CYS A 46 5.83 0.61 -0.57
CA CYS A 46 5.72 -0.38 0.53
C CYS A 46 5.35 0.33 1.83
N ALA A 47 4.31 -0.11 2.50
CA ALA A 47 3.91 0.54 3.76
C ALA A 47 3.67 -0.49 4.86
N LYS A 48 3.80 -0.10 6.10
CA LYS A 48 3.58 -1.07 7.21
C LYS A 48 2.08 -1.36 7.35
N PRO A 49 1.77 -2.21 8.31
CA PRO A 49 0.36 -2.58 8.55
C PRO A 49 -0.43 -1.42 9.18
N SER A 50 0.23 -0.62 9.99
CA SER A 50 -0.48 0.52 10.62
C SER A 50 0.36 1.79 10.54
N GLY A 51 1.10 1.97 9.49
CA GLY A 51 1.95 3.19 9.36
C GLY A 51 1.07 4.42 9.60
N PRO A 52 1.67 5.43 10.18
CA PRO A 52 0.94 6.69 10.47
C PRO A 52 0.63 7.42 9.16
N GLY A 53 -0.44 7.04 8.51
CA GLY A 53 -0.82 7.71 7.24
C GLY A 53 -1.12 6.64 6.18
N VAL A 54 -0.56 5.47 6.32
CA VAL A 54 -0.81 4.39 5.33
C VAL A 54 -2.28 3.97 5.37
N GLN A 55 -2.83 3.81 6.54
CA GLN A 55 -4.26 3.41 6.63
C GLN A 55 -5.13 4.54 6.09
N ASP A 56 -4.82 5.75 6.44
CA ASP A 56 -5.61 6.90 5.92
C ASP A 56 -5.41 6.98 4.40
N CYS A 57 -4.30 6.50 3.92
CA CYS A 57 -4.04 6.53 2.46
C CYS A 57 -4.99 5.55 1.77
N MET A 58 -5.22 4.43 2.37
CA MET A 58 -6.14 3.42 1.77
C MET A 58 -7.55 3.99 1.73
N LYS A 59 -7.92 4.74 2.75
CA LYS A 59 -9.29 5.33 2.76
C LYS A 59 -9.40 6.35 1.63
N LYS A 60 -8.45 7.25 1.54
CA LYS A 60 -8.48 8.25 0.45
C LYS A 60 -8.20 7.55 -0.88
N LEU A 61 -7.70 6.34 -0.83
CA LEU A 61 -7.41 5.59 -2.09
C LEU A 61 -8.72 5.11 -2.73
N LYS A 62 -9.83 5.41 -2.12
CA LYS A 62 -11.14 4.97 -2.69
C LYS A 62 -11.84 6.16 -3.36
N PRO A 63 -11.64 6.28 -4.65
CA PRO A 63 -12.25 7.38 -5.43
C PRO A 63 -13.75 7.16 -5.58
N TYR A 64 -14.55 7.90 -4.84
CA TYR A 64 -16.03 7.73 -4.95
C TYR A 64 -16.66 8.98 -5.57
N SER A 65 -15.85 9.84 -6.13
CA SER A 65 -16.40 11.08 -6.77
C SER A 65 -15.42 11.59 -7.83
N ILE A 66 -15.77 11.44 -9.08
CA ILE A 66 -14.87 11.93 -10.16
C ILE A 66 -15.68 12.36 -11.38
N HIS A 1 -7.97 -9.31 -1.19
CA HIS A 1 -7.29 -10.50 -0.62
C HIS A 1 -6.97 -11.51 -1.74
N PHE A 2 -6.04 -11.17 -2.60
CA PHE A 2 -5.69 -12.12 -3.70
C PHE A 2 -4.37 -11.70 -4.35
N ALA A 3 -3.32 -11.63 -3.57
CA ALA A 3 -1.99 -11.23 -4.15
C ALA A 3 -0.86 -11.88 -3.34
N ALA A 4 0.32 -11.95 -3.90
CA ALA A 4 1.46 -12.57 -3.16
C ALA A 4 2.63 -11.59 -3.08
N ASP A 5 2.56 -10.50 -3.78
CA ASP A 5 3.69 -9.51 -3.74
C ASP A 5 3.93 -9.04 -2.30
N CYS A 6 4.97 -9.53 -1.68
CA CYS A 6 5.27 -9.11 -0.28
C CYS A 6 6.20 -7.90 -0.28
N CYS A 7 6.21 -7.15 0.81
CA CYS A 7 7.10 -5.95 0.87
C CYS A 7 8.46 -6.31 1.48
N THR A 8 9.51 -5.77 0.93
CA THR A 8 10.86 -6.07 1.49
C THR A 8 11.35 -4.87 2.31
N SER A 9 10.70 -3.74 2.14
CA SER A 9 11.10 -2.52 2.90
C SER A 9 10.02 -1.45 2.72
N TYR A 10 9.70 -0.74 3.76
CA TYR A 10 8.64 0.31 3.65
C TYR A 10 9.26 1.66 3.25
N ILE A 11 8.44 2.65 3.05
CA ILE A 11 8.97 3.98 2.65
C ILE A 11 9.68 4.64 3.85
N SER A 12 10.21 5.82 3.67
CA SER A 12 10.90 6.49 4.81
C SER A 12 10.04 7.62 5.38
N GLN A 13 8.94 7.91 4.75
CA GLN A 13 8.05 8.99 5.26
C GLN A 13 6.58 8.63 5.01
N SER A 14 5.69 9.55 5.22
CA SER A 14 4.24 9.24 4.98
C SER A 14 4.04 8.81 3.53
N ILE A 15 3.10 7.92 3.30
CA ILE A 15 2.85 7.45 1.89
C ILE A 15 2.16 8.56 1.10
N PRO A 16 2.59 8.72 -0.13
CA PRO A 16 2.01 9.76 -1.01
C PRO A 16 0.65 9.32 -1.55
N CYS A 17 -0.38 9.49 -0.78
CA CYS A 17 -1.74 9.08 -1.25
C CYS A 17 -2.11 9.86 -2.52
N SER A 18 -1.59 11.05 -2.66
CA SER A 18 -1.90 11.88 -3.86
C SER A 18 -1.27 11.32 -5.15
N LEU A 19 -0.70 10.14 -5.09
CA LEU A 19 -0.08 9.58 -6.32
C LEU A 19 -0.44 8.10 -6.49
N MET A 20 -1.21 7.57 -5.58
CA MET A 20 -1.58 6.12 -5.70
C MET A 20 -3.02 5.97 -6.23
N LYS A 21 -3.22 5.07 -7.15
CA LYS A 21 -4.60 4.86 -7.68
C LYS A 21 -5.29 3.74 -6.89
N SER A 22 -4.53 2.89 -6.23
CA SER A 22 -5.16 1.79 -5.44
C SER A 22 -4.18 1.25 -4.40
N TYR A 23 -4.63 0.36 -3.56
CA TYR A 23 -3.73 -0.21 -2.52
C TYR A 23 -4.13 -1.64 -2.20
N PHE A 24 -3.22 -2.47 -1.76
CA PHE A 24 -3.62 -3.88 -1.44
C PHE A 24 -2.76 -4.42 -0.28
N GLU A 25 -3.35 -5.25 0.56
CA GLU A 25 -2.58 -5.82 1.69
C GLU A 25 -1.94 -7.14 1.26
N THR A 26 -0.75 -7.41 1.72
CA THR A 26 -0.07 -8.67 1.32
C THR A 26 -0.53 -9.83 2.22
N SER A 27 -0.13 -11.03 1.90
CA SER A 27 -0.56 -12.20 2.72
C SER A 27 0.33 -12.31 3.97
N SER A 28 -0.27 -12.60 5.10
CA SER A 28 0.53 -12.73 6.35
C SER A 28 1.42 -13.98 6.30
N GLU A 29 1.28 -14.76 5.27
CA GLU A 29 2.12 -16.00 5.15
C GLU A 29 3.57 -15.62 4.85
N CYS A 30 3.79 -14.47 4.28
CA CYS A 30 5.18 -14.07 3.94
C CYS A 30 5.95 -13.72 5.22
N SER A 31 7.24 -13.89 5.21
CA SER A 31 8.04 -13.57 6.43
C SER A 31 7.93 -12.09 6.79
N LYS A 32 7.37 -11.31 5.90
CA LYS A 32 7.23 -9.85 6.18
C LYS A 32 6.01 -9.29 5.45
N PRO A 33 4.94 -9.14 6.19
CA PRO A 33 3.68 -8.60 5.60
C PRO A 33 3.83 -7.11 5.32
N GLY A 34 2.77 -6.50 4.84
CA GLY A 34 2.83 -5.05 4.55
C GLY A 34 1.83 -4.71 3.44
N VAL A 35 1.48 -3.47 3.29
CA VAL A 35 0.51 -3.09 2.22
C VAL A 35 1.24 -2.32 1.11
N ILE A 36 1.07 -2.73 -0.12
CA ILE A 36 1.75 -2.02 -1.24
C ILE A 36 0.75 -1.16 -2.00
N PHE A 37 1.06 0.09 -2.20
CA PHE A 37 0.12 0.96 -2.97
C PHE A 37 0.53 0.97 -4.44
N LEU A 38 -0.41 0.83 -5.33
CA LEU A 38 -0.06 0.85 -6.78
C LEU A 38 -0.33 2.25 -7.33
N THR A 39 0.66 2.88 -7.89
CA THR A 39 0.45 4.25 -8.42
C THR A 39 0.04 4.20 -9.88
N LYS A 40 -0.54 5.27 -10.36
CA LYS A 40 -0.99 5.30 -11.78
C LYS A 40 0.21 5.18 -12.72
N LYS A 41 1.36 5.64 -12.30
CA LYS A 41 2.57 5.55 -13.17
C LYS A 41 3.05 4.10 -13.29
N GLY A 42 2.39 3.20 -12.61
CA GLY A 42 2.81 1.76 -12.69
C GLY A 42 3.87 1.49 -11.61
N ARG A 43 3.99 2.37 -10.65
CA ARG A 43 5.00 2.16 -9.57
C ARG A 43 4.37 1.41 -8.40
N GLN A 44 5.16 1.10 -7.40
CA GLN A 44 4.62 0.38 -6.22
C GLN A 44 5.34 0.85 -4.94
N VAL A 45 4.60 1.13 -3.91
CA VAL A 45 5.24 1.59 -2.64
C VAL A 45 5.05 0.54 -1.54
N CYS A 46 5.90 0.55 -0.56
CA CYS A 46 5.76 -0.46 0.55
C CYS A 46 5.46 0.27 1.87
N ALA A 47 4.39 -0.07 2.51
CA ALA A 47 4.06 0.61 3.79
C ALA A 47 3.74 -0.41 4.88
N LYS A 48 3.86 -0.02 6.12
CA LYS A 48 3.55 -0.96 7.24
C LYS A 48 2.06 -1.26 7.29
N PRO A 49 1.69 -2.12 8.20
CA PRO A 49 0.26 -2.48 8.36
C PRO A 49 -0.51 -1.33 9.02
N SER A 50 0.10 -0.66 9.94
CA SER A 50 -0.58 0.48 10.63
C SER A 50 0.29 1.74 10.57
N GLY A 51 1.01 1.92 9.49
CA GLY A 51 1.89 3.12 9.37
C GLY A 51 1.02 4.39 9.37
N PRO A 52 1.54 5.41 9.99
CA PRO A 52 0.80 6.70 10.06
C PRO A 52 0.75 7.36 8.68
N GLY A 53 -0.27 7.07 7.92
CA GLY A 53 -0.39 7.68 6.56
C GLY A 53 -0.93 6.63 5.59
N VAL A 54 -0.62 5.38 5.82
CA VAL A 54 -1.11 4.31 4.90
C VAL A 54 -2.64 4.29 4.90
N GLN A 55 -3.24 4.48 6.04
CA GLN A 55 -4.73 4.47 6.09
C GLN A 55 -5.26 5.69 5.34
N ASP A 56 -4.48 6.73 5.27
CA ASP A 56 -4.91 7.94 4.53
C ASP A 56 -4.97 7.63 3.04
N CYS A 57 -3.98 6.93 2.53
CA CYS A 57 -4.00 6.59 1.08
C CYS A 57 -5.18 5.66 0.81
N MET A 58 -5.42 4.72 1.67
CA MET A 58 -6.57 3.80 1.47
C MET A 58 -7.88 4.57 1.60
N LYS A 59 -7.89 5.61 2.39
CA LYS A 59 -9.14 6.39 2.55
C LYS A 59 -9.46 7.09 1.23
N LYS A 60 -8.45 7.61 0.58
CA LYS A 60 -8.67 8.28 -0.73
C LYS A 60 -9.09 7.24 -1.76
N LEU A 61 -8.67 6.01 -1.57
CA LEU A 61 -9.05 4.95 -2.55
C LEU A 61 -10.53 4.58 -2.38
N LYS A 62 -11.18 5.16 -1.41
CA LYS A 62 -12.61 4.86 -1.18
C LYS A 62 -13.50 5.90 -1.88
N PRO A 63 -14.54 5.42 -2.51
CA PRO A 63 -15.47 6.31 -3.23
C PRO A 63 -16.31 7.13 -2.24
N TYR A 64 -16.14 8.42 -2.24
CA TYR A 64 -16.93 9.27 -1.30
C TYR A 64 -16.89 10.73 -1.76
N SER A 65 -17.41 11.01 -2.92
CA SER A 65 -17.39 12.42 -3.43
C SER A 65 -15.97 12.96 -3.46
N ILE A 66 -15.75 14.07 -4.12
CA ILE A 66 -14.39 14.65 -4.18
C ILE A 66 -14.06 15.39 -2.88
N HIS A 1 -2.46 -9.95 -14.47
CA HIS A 1 -1.44 -10.85 -13.86
C HIS A 1 -1.53 -10.79 -12.33
N PHE A 2 -2.53 -11.43 -11.77
CA PHE A 2 -2.68 -11.42 -10.28
C PHE A 2 -1.76 -12.46 -9.65
N ALA A 3 -0.97 -12.06 -8.70
CA ALA A 3 -0.04 -13.03 -8.04
C ALA A 3 0.15 -12.66 -6.56
N ALA A 4 1.21 -13.13 -5.95
CA ALA A 4 1.43 -12.80 -4.52
C ALA A 4 2.55 -11.75 -4.39
N ASP A 5 2.33 -10.73 -3.61
CA ASP A 5 3.37 -9.68 -3.45
C ASP A 5 3.69 -9.47 -1.97
N CYS A 6 4.87 -9.00 -1.67
CA CYS A 6 5.24 -8.78 -0.24
C CYS A 6 6.20 -7.58 -0.15
N CYS A 7 6.16 -6.86 0.95
CA CYS A 7 7.06 -5.68 1.10
C CYS A 7 8.36 -6.07 1.80
N THR A 8 9.46 -5.57 1.33
CA THR A 8 10.77 -5.89 1.97
C THR A 8 11.19 -4.72 2.86
N SER A 9 10.66 -3.56 2.58
CA SER A 9 11.00 -2.36 3.39
C SER A 9 9.92 -1.29 3.19
N TYR A 10 9.59 -0.55 4.22
CA TYR A 10 8.54 0.50 4.06
C TYR A 10 9.17 1.83 3.65
N ILE A 11 8.37 2.77 3.24
CA ILE A 11 8.91 4.09 2.81
C ILE A 11 9.59 4.80 3.98
N SER A 12 10.15 5.96 3.75
CA SER A 12 10.82 6.70 4.86
C SER A 12 9.91 7.81 5.39
N GLN A 13 8.92 8.18 4.62
CA GLN A 13 7.99 9.25 5.07
C GLN A 13 6.55 8.81 4.85
N SER A 14 5.63 9.73 4.91
CA SER A 14 4.19 9.36 4.71
C SER A 14 3.98 8.79 3.30
N ILE A 15 2.98 7.98 3.13
CA ILE A 15 2.72 7.39 1.78
C ILE A 15 2.17 8.47 0.84
N PRO A 16 2.69 8.47 -0.36
CA PRO A 16 2.27 9.47 -1.37
C PRO A 16 0.96 9.06 -2.05
N CYS A 17 -0.16 9.27 -1.41
CA CYS A 17 -1.47 8.91 -2.06
C CYS A 17 -1.68 9.75 -3.31
N SER A 18 -1.05 10.89 -3.38
CA SER A 18 -1.21 11.76 -4.58
C SER A 18 -0.59 11.10 -5.82
N LEU A 19 -0.01 9.95 -5.66
CA LEU A 19 0.60 9.24 -6.81
C LEU A 19 0.19 7.77 -6.79
N MET A 20 -1.01 7.49 -6.35
CA MET A 20 -1.47 6.06 -6.32
C MET A 20 -2.96 5.98 -6.65
N LYS A 21 -3.34 5.02 -7.44
CA LYS A 21 -4.78 4.87 -7.80
C LYS A 21 -5.47 3.91 -6.83
N SER A 22 -4.73 3.05 -6.19
CA SER A 22 -5.36 2.10 -5.23
C SER A 22 -4.33 1.56 -4.24
N TYR A 23 -4.73 0.66 -3.38
CA TYR A 23 -3.79 0.09 -2.39
C TYR A 23 -4.21 -1.35 -2.06
N PHE A 24 -3.29 -2.20 -1.66
CA PHE A 24 -3.68 -3.61 -1.36
C PHE A 24 -2.79 -4.21 -0.28
N GLU A 25 -3.30 -5.14 0.48
CA GLU A 25 -2.48 -5.78 1.54
C GLU A 25 -1.84 -7.05 0.99
N THR A 26 -0.63 -7.33 1.38
CA THR A 26 0.06 -8.56 0.87
C THR A 26 -0.53 -9.81 1.54
N SER A 27 0.09 -10.93 1.33
CA SER A 27 -0.41 -12.19 1.95
C SER A 27 0.29 -12.43 3.29
N SER A 28 -0.45 -12.84 4.29
CA SER A 28 0.18 -13.09 5.62
C SER A 28 1.11 -14.30 5.55
N GLU A 29 1.11 -14.99 4.43
CA GLU A 29 2.00 -16.18 4.29
C GLU A 29 3.45 -15.73 4.13
N CYS A 30 3.66 -14.52 3.68
CA CYS A 30 5.05 -14.02 3.49
C CYS A 30 5.71 -13.75 4.85
N SER A 31 7.00 -13.88 4.93
CA SER A 31 7.70 -13.63 6.23
C SER A 31 7.53 -12.17 6.66
N LYS A 32 7.01 -11.35 5.79
CA LYS A 32 6.82 -9.91 6.15
C LYS A 32 5.64 -9.32 5.38
N PRO A 33 4.55 -9.15 6.08
CA PRO A 33 3.32 -8.59 5.45
C PRO A 33 3.49 -7.08 5.25
N GLY A 34 2.43 -6.41 4.86
CA GLY A 34 2.53 -4.93 4.64
C GLY A 34 1.43 -4.49 3.68
N VAL A 35 1.43 -3.25 3.29
CA VAL A 35 0.41 -2.74 2.34
C VAL A 35 1.10 -1.99 1.20
N ILE A 36 0.96 -2.44 -0.01
CA ILE A 36 1.62 -1.73 -1.13
C ILE A 36 0.60 -0.92 -1.93
N PHE A 37 0.90 0.32 -2.22
CA PHE A 37 -0.05 1.13 -3.00
C PHE A 37 0.26 0.98 -4.49
N LEU A 38 -0.73 0.81 -5.31
CA LEU A 38 -0.46 0.64 -6.77
C LEU A 38 -0.67 1.97 -7.49
N THR A 39 0.34 2.47 -8.13
CA THR A 39 0.21 3.77 -8.86
C THR A 39 -0.14 3.54 -10.31
N LYS A 40 -0.98 4.38 -10.86
CA LYS A 40 -1.35 4.23 -12.30
C LYS A 40 -0.14 4.46 -13.19
N LYS A 41 0.82 5.22 -12.70
CA LYS A 41 2.03 5.50 -13.51
C LYS A 41 2.88 4.23 -13.66
N GLY A 42 2.54 3.20 -12.96
CA GLY A 42 3.32 1.93 -13.05
C GLY A 42 4.35 1.87 -11.93
N ARG A 43 3.92 1.96 -10.70
CA ARG A 43 4.89 1.91 -9.57
C ARG A 43 4.23 1.28 -8.33
N GLN A 44 4.99 1.04 -7.30
CA GLN A 44 4.39 0.44 -6.07
C GLN A 44 5.15 0.93 -4.83
N VAL A 45 4.45 1.34 -3.81
CA VAL A 45 5.13 1.82 -2.57
C VAL A 45 4.92 0.80 -1.46
N CYS A 46 5.82 0.75 -0.49
CA CYS A 46 5.65 -0.23 0.62
C CYS A 46 5.31 0.49 1.92
N ALA A 47 4.28 0.07 2.60
CA ALA A 47 3.90 0.75 3.87
C ALA A 47 3.68 -0.29 4.97
N LYS A 48 3.76 0.11 6.21
CA LYS A 48 3.55 -0.86 7.32
C LYS A 48 2.06 -1.17 7.46
N PRO A 49 1.76 -2.00 8.42
CA PRO A 49 0.34 -2.39 8.66
C PRO A 49 -0.45 -1.24 9.27
N SER A 50 0.19 -0.43 10.09
CA SER A 50 -0.52 0.71 10.72
C SER A 50 0.33 1.97 10.65
N GLY A 51 1.13 2.11 9.63
CA GLY A 51 1.98 3.33 9.51
C GLY A 51 1.11 4.57 9.68
N PRO A 52 1.68 5.57 10.30
CA PRO A 52 0.95 6.84 10.53
C PRO A 52 0.74 7.58 9.20
N GLY A 53 -0.41 7.41 8.61
CA GLY A 53 -0.68 8.09 7.30
C GLY A 53 -0.97 7.04 6.24
N VAL A 54 -0.45 5.86 6.39
CA VAL A 54 -0.71 4.78 5.38
C VAL A 54 -2.19 4.43 5.35
N GLN A 55 -2.81 4.31 6.49
CA GLN A 55 -4.26 3.98 6.51
C GLN A 55 -5.04 5.17 5.97
N ASP A 56 -4.59 6.35 6.24
CA ASP A 56 -5.29 7.55 5.72
C ASP A 56 -5.16 7.57 4.20
N CYS A 57 -4.07 7.05 3.69
CA CYS A 57 -3.89 7.02 2.21
C CYS A 57 -4.93 6.08 1.60
N MET A 58 -5.08 4.90 2.15
CA MET A 58 -6.09 3.95 1.60
C MET A 58 -7.49 4.50 1.84
N LYS A 59 -7.66 5.32 2.84
CA LYS A 59 -9.01 5.89 3.11
C LYS A 59 -9.40 6.80 1.94
N LYS A 60 -8.47 7.55 1.45
CA LYS A 60 -8.78 8.46 0.29
C LYS A 60 -9.00 7.62 -0.97
N LEU A 61 -8.33 6.50 -1.09
CA LEU A 61 -8.50 5.66 -2.31
C LEU A 61 -9.83 4.89 -2.27
N LYS A 62 -10.63 5.12 -1.27
CA LYS A 62 -11.94 4.40 -1.19
C LYS A 62 -12.91 4.94 -2.25
N PRO A 63 -13.38 4.06 -3.09
CA PRO A 63 -14.33 4.47 -4.16
C PRO A 63 -15.70 4.80 -3.59
N TYR A 64 -16.67 5.01 -4.43
CA TYR A 64 -18.04 5.35 -3.92
C TYR A 64 -17.95 6.44 -2.85
N SER A 65 -17.13 7.43 -3.06
CA SER A 65 -17.00 8.52 -2.06
C SER A 65 -18.04 9.61 -2.31
N ILE A 66 -19.21 9.47 -1.75
CA ILE A 66 -20.26 10.50 -1.97
C ILE A 66 -20.58 11.23 -0.65
N HIS A 1 -1.75 -19.44 -6.03
CA HIS A 1 -2.15 -18.01 -5.93
C HIS A 1 -1.59 -17.22 -7.12
N PHE A 2 -1.94 -15.96 -7.22
CA PHE A 2 -1.43 -15.14 -8.35
C PHE A 2 -1.18 -13.70 -7.88
N ALA A 3 -0.47 -12.92 -8.65
CA ALA A 3 -0.20 -11.51 -8.25
C ALA A 3 0.39 -11.48 -6.83
N ALA A 4 -0.01 -10.53 -6.03
CA ALA A 4 0.52 -10.44 -4.64
C ALA A 4 2.00 -10.08 -4.67
N ASP A 5 2.49 -9.46 -3.61
CA ASP A 5 3.93 -9.08 -3.58
C ASP A 5 4.28 -8.49 -2.21
N CYS A 6 5.07 -9.18 -1.44
CA CYS A 6 5.43 -8.66 -0.08
C CYS A 6 6.72 -7.82 -0.16
N CYS A 7 6.74 -6.68 0.48
CA CYS A 7 7.96 -5.83 0.45
C CYS A 7 8.80 -6.08 1.70
N THR A 8 10.08 -5.84 1.61
CA THR A 8 10.96 -6.07 2.80
C THR A 8 11.26 -4.73 3.49
N SER A 9 11.02 -3.65 2.81
CA SER A 9 11.28 -2.31 3.42
C SER A 9 10.21 -1.31 2.93
N TYR A 10 9.69 -0.51 3.82
CA TYR A 10 8.64 0.47 3.40
C TYR A 10 9.28 1.80 2.99
N ILE A 11 8.47 2.78 2.69
CA ILE A 11 9.01 4.11 2.28
C ILE A 11 9.74 4.78 3.45
N SER A 12 10.38 5.89 3.21
CA SER A 12 11.12 6.58 4.30
C SER A 12 10.25 7.67 4.97
N GLN A 13 9.12 7.97 4.40
CA GLN A 13 8.25 9.02 5.00
C GLN A 13 6.77 8.68 4.76
N SER A 14 5.88 9.46 5.29
CA SER A 14 4.43 9.16 5.09
C SER A 14 4.17 8.76 3.63
N ILE A 15 3.22 7.89 3.39
CA ILE A 15 2.93 7.45 1.99
C ILE A 15 2.27 8.59 1.22
N PRO A 16 2.68 8.74 -0.01
CA PRO A 16 2.12 9.80 -0.88
C PRO A 16 0.75 9.39 -1.41
N CYS A 17 -0.30 9.66 -0.67
CA CYS A 17 -1.65 9.28 -1.16
C CYS A 17 -1.93 10.01 -2.48
N SER A 18 -1.38 11.19 -2.64
CA SER A 18 -1.60 11.98 -3.89
C SER A 18 -0.88 11.34 -5.09
N LEU A 19 -0.32 10.18 -4.91
CA LEU A 19 0.38 9.53 -6.05
C LEU A 19 0.03 8.04 -6.09
N MET A 20 -1.15 7.69 -5.63
CA MET A 20 -1.54 6.25 -5.65
C MET A 20 -3.01 6.11 -6.05
N LYS A 21 -3.31 5.18 -6.92
CA LYS A 21 -4.71 4.98 -7.36
C LYS A 21 -5.39 3.92 -6.49
N SER A 22 -4.65 2.92 -6.07
CA SER A 22 -5.25 1.86 -5.22
C SER A 22 -4.21 1.32 -4.24
N TYR A 23 -4.59 0.40 -3.40
CA TYR A 23 -3.63 -0.18 -2.43
C TYR A 23 -4.00 -1.63 -2.10
N PHE A 24 -3.07 -2.44 -1.68
CA PHE A 24 -3.42 -3.85 -1.36
C PHE A 24 -2.52 -4.40 -0.25
N GLU A 25 -3.07 -5.17 0.65
CA GLU A 25 -2.24 -5.74 1.75
C GLU A 25 -1.72 -7.12 1.32
N THR A 26 -0.56 -7.49 1.77
CA THR A 26 -0.01 -8.81 1.36
C THR A 26 -0.76 -9.94 2.10
N SER A 27 -0.39 -11.17 1.87
CA SER A 27 -1.08 -12.30 2.55
C SER A 27 -0.35 -12.67 3.84
N SER A 28 -1.06 -13.21 4.80
CA SER A 28 -0.41 -13.60 6.08
C SER A 28 0.55 -14.76 5.86
N GLU A 29 0.53 -15.34 4.68
CA GLU A 29 1.44 -16.48 4.39
C GLU A 29 2.86 -15.98 4.17
N CYS A 30 3.02 -14.72 3.88
CA CYS A 30 4.40 -14.17 3.64
C CYS A 30 5.16 -14.07 4.97
N SER A 31 6.45 -14.22 4.93
CA SER A 31 7.26 -14.13 6.18
C SER A 31 7.13 -12.75 6.80
N LYS A 32 6.61 -11.82 6.05
CA LYS A 32 6.44 -10.43 6.58
C LYS A 32 5.28 -9.73 5.87
N PRO A 33 4.40 -9.18 6.66
CA PRO A 33 3.22 -8.47 6.11
C PRO A 33 3.64 -7.14 5.48
N GLY A 34 2.70 -6.36 5.03
CA GLY A 34 3.04 -5.05 4.40
C GLY A 34 2.00 -4.71 3.34
N VAL A 35 1.64 -3.46 3.22
CA VAL A 35 0.64 -3.08 2.18
C VAL A 35 1.32 -2.29 1.06
N ILE A 36 1.19 -2.73 -0.16
CA ILE A 36 1.85 -2.01 -1.28
C ILE A 36 0.83 -1.14 -2.02
N PHE A 37 1.16 0.08 -2.29
CA PHE A 37 0.21 0.97 -3.01
C PHE A 37 0.49 0.93 -4.52
N LEU A 38 -0.52 0.84 -5.33
CA LEU A 38 -0.31 0.83 -6.80
C LEU A 38 -0.52 2.24 -7.35
N THR A 39 0.46 2.80 -7.98
CA THR A 39 0.30 4.19 -8.51
C THR A 39 -0.24 4.17 -9.94
N LYS A 40 -0.97 5.18 -10.30
CA LYS A 40 -1.53 5.23 -11.69
C LYS A 40 -0.39 5.35 -12.71
N LYS A 41 0.71 5.94 -12.33
CA LYS A 41 1.85 6.08 -13.28
C LYS A 41 2.48 4.72 -13.56
N GLY A 42 2.07 3.71 -12.85
CA GLY A 42 2.65 2.35 -13.09
C GLY A 42 3.82 2.10 -12.12
N ARG A 43 3.56 2.14 -10.84
CA ARG A 43 4.65 1.89 -9.87
C ARG A 43 4.09 1.24 -8.60
N GLN A 44 4.92 0.92 -7.64
CA GLN A 44 4.40 0.27 -6.41
C GLN A 44 5.19 0.72 -5.18
N VAL A 45 4.52 1.06 -4.13
CA VAL A 45 5.22 1.50 -2.89
C VAL A 45 4.99 0.48 -1.78
N CYS A 46 5.63 0.63 -0.66
CA CYS A 46 5.43 -0.35 0.45
C CYS A 46 5.36 0.38 1.80
N ALA A 47 4.29 0.21 2.51
CA ALA A 47 4.16 0.89 3.83
C ALA A 47 3.81 -0.12 4.93
N LYS A 48 4.00 0.25 6.16
CA LYS A 48 3.68 -0.69 7.29
C LYS A 48 2.18 -1.00 7.29
N PRO A 49 1.79 -1.82 8.23
CA PRO A 49 0.36 -2.21 8.35
C PRO A 49 -0.45 -1.03 8.89
N SER A 50 0.13 -0.22 9.74
CA SER A 50 -0.62 0.94 10.30
C SER A 50 0.28 2.17 10.33
N GLY A 51 1.09 2.37 9.31
CA GLY A 51 1.98 3.56 9.29
C GLY A 51 1.14 4.84 9.38
N PRO A 52 1.72 5.85 9.95
CA PRO A 52 1.02 7.15 10.09
C PRO A 52 0.86 7.82 8.73
N GLY A 53 -0.23 7.59 8.08
CA GLY A 53 -0.45 8.22 6.73
C GLY A 53 -0.90 7.14 5.74
N VAL A 54 -0.52 5.91 5.98
CA VAL A 54 -0.92 4.82 5.06
C VAL A 54 -2.43 4.70 5.02
N GLN A 55 -3.07 4.78 6.16
CA GLN A 55 -4.56 4.67 6.18
C GLN A 55 -5.15 5.88 5.47
N ASP A 56 -4.43 6.98 5.44
CA ASP A 56 -4.94 8.18 4.74
C ASP A 56 -4.96 7.90 3.23
N CYS A 57 -3.94 7.25 2.74
CA CYS A 57 -3.92 6.94 1.28
C CYS A 57 -5.07 5.98 0.96
N MET A 58 -5.22 4.96 1.75
CA MET A 58 -6.32 3.98 1.50
C MET A 58 -7.68 4.63 1.79
N LYS A 59 -7.69 5.67 2.58
CA LYS A 59 -8.99 6.33 2.89
C LYS A 59 -9.55 6.95 1.61
N LYS A 60 -8.77 7.79 0.98
CA LYS A 60 -9.23 8.40 -0.28
C LYS A 60 -9.28 7.35 -1.39
N LEU A 61 -8.54 6.28 -1.22
CA LEU A 61 -8.55 5.20 -2.26
C LEU A 61 -9.80 4.33 -2.11
N LYS A 62 -10.70 4.71 -1.25
CA LYS A 62 -11.94 3.89 -1.06
C LYS A 62 -12.79 3.90 -2.34
N PRO A 63 -12.86 2.75 -2.97
CA PRO A 63 -13.65 2.62 -4.21
C PRO A 63 -15.14 2.59 -3.89
N TYR A 64 -15.85 3.65 -4.18
CA TYR A 64 -17.31 3.67 -3.88
C TYR A 64 -17.95 4.95 -4.45
N SER A 65 -17.89 5.13 -5.74
CA SER A 65 -18.49 6.35 -6.35
C SER A 65 -19.91 6.06 -6.84
N ILE A 66 -20.89 6.73 -6.30
CA ILE A 66 -22.29 6.47 -6.73
C ILE A 66 -22.55 7.11 -8.10
N HIS A 1 -5.74 -16.69 -9.62
CA HIS A 1 -4.25 -16.56 -9.54
C HIS A 1 -3.88 -15.17 -9.05
N PHE A 2 -3.78 -14.99 -7.76
CA PHE A 2 -3.42 -13.65 -7.21
C PHE A 2 -2.57 -13.81 -5.94
N ALA A 3 -1.27 -13.88 -6.09
CA ALA A 3 -0.40 -14.05 -4.90
C ALA A 3 0.01 -12.68 -4.35
N ALA A 4 -0.40 -11.62 -5.00
CA ALA A 4 -0.03 -10.26 -4.51
C ALA A 4 1.48 -10.13 -4.39
N ASP A 5 1.95 -9.19 -3.61
CA ASP A 5 3.41 -9.01 -3.47
C ASP A 5 3.76 -8.67 -2.01
N CYS A 6 4.88 -9.14 -1.53
CA CYS A 6 5.28 -8.86 -0.12
C CYS A 6 6.19 -7.63 -0.05
N CYS A 7 6.17 -6.92 1.04
CA CYS A 7 7.04 -5.72 1.16
C CYS A 7 8.37 -6.10 1.81
N THR A 8 9.46 -5.60 1.29
CA THR A 8 10.80 -5.91 1.88
C THR A 8 11.28 -4.72 2.72
N SER A 9 10.74 -3.56 2.46
CA SER A 9 11.13 -2.35 3.23
C SER A 9 10.05 -1.29 3.09
N TYR A 10 9.76 -0.57 4.14
CA TYR A 10 8.70 0.47 4.07
C TYR A 10 9.30 1.83 3.65
N ILE A 11 8.47 2.73 3.22
CA ILE A 11 8.97 4.06 2.77
C ILE A 11 9.67 4.78 3.93
N SER A 12 10.41 5.82 3.64
CA SER A 12 11.13 6.55 4.71
C SER A 12 10.29 7.72 5.24
N GLN A 13 9.10 7.89 4.74
CA GLN A 13 8.24 9.00 5.21
C GLN A 13 6.76 8.67 4.99
N SER A 14 5.90 9.64 5.18
CA SER A 14 4.44 9.37 4.97
C SER A 14 4.19 8.90 3.54
N ILE A 15 3.24 8.02 3.35
CA ILE A 15 2.95 7.53 1.97
C ILE A 15 2.26 8.62 1.15
N PRO A 16 2.69 8.76 -0.07
CA PRO A 16 2.10 9.77 -0.98
C PRO A 16 0.77 9.26 -1.53
N CYS A 17 -0.31 9.51 -0.85
CA CYS A 17 -1.63 9.05 -1.34
C CYS A 17 -1.93 9.69 -2.70
N SER A 18 -1.44 10.88 -2.91
CA SER A 18 -1.70 11.58 -4.21
C SER A 18 -1.00 10.87 -5.36
N LEU A 19 -0.04 10.06 -5.06
CA LEU A 19 0.70 9.33 -6.12
C LEU A 19 0.23 7.88 -6.22
N MET A 20 -0.98 7.59 -5.82
CA MET A 20 -1.45 6.16 -5.90
C MET A 20 -2.94 6.10 -6.22
N LYS A 21 -3.34 5.15 -7.01
CA LYS A 21 -4.77 5.00 -7.38
C LYS A 21 -5.45 3.97 -6.46
N SER A 22 -4.72 2.96 -6.04
CA SER A 22 -5.33 1.92 -5.16
C SER A 22 -4.29 1.36 -4.19
N TYR A 23 -4.68 0.42 -3.37
CA TYR A 23 -3.73 -0.19 -2.40
C TYR A 23 -4.12 -1.65 -2.13
N PHE A 24 -3.19 -2.48 -1.72
CA PHE A 24 -3.55 -3.90 -1.45
C PHE A 24 -2.65 -4.48 -0.36
N GLU A 25 -3.17 -5.39 0.42
CA GLU A 25 -2.35 -6.02 1.50
C GLU A 25 -1.68 -7.28 0.97
N THR A 26 -0.45 -7.52 1.35
CA THR A 26 0.26 -8.74 0.85
C THR A 26 -0.44 -9.99 1.41
N SER A 27 0.18 -11.14 1.22
CA SER A 27 -0.44 -12.39 1.74
C SER A 27 0.17 -12.77 3.08
N SER A 28 -0.61 -13.35 3.96
CA SER A 28 -0.07 -13.75 5.30
C SER A 28 0.94 -14.89 5.14
N GLU A 29 1.09 -15.40 3.96
CA GLU A 29 2.04 -16.52 3.74
C GLU A 29 3.49 -16.00 3.79
N CYS A 30 3.70 -14.76 3.46
CA CYS A 30 5.08 -14.20 3.50
C CYS A 30 5.55 -14.00 4.94
N SER A 31 6.83 -14.10 5.17
CA SER A 31 7.36 -13.92 6.55
C SER A 31 7.11 -12.50 7.06
N LYS A 32 6.64 -11.63 6.23
CA LYS A 32 6.38 -10.23 6.67
C LYS A 32 5.24 -9.60 5.87
N PRO A 33 4.20 -9.24 6.56
CA PRO A 33 3.02 -8.61 5.90
C PRO A 33 3.34 -7.16 5.50
N GLY A 34 2.37 -6.44 5.02
CA GLY A 34 2.62 -5.03 4.61
C GLY A 34 1.53 -4.58 3.63
N VAL A 35 1.49 -3.32 3.32
CA VAL A 35 0.46 -2.81 2.35
C VAL A 35 1.15 -2.09 1.19
N ILE A 36 1.03 -2.59 0.01
CA ILE A 36 1.68 -1.91 -1.15
C ILE A 36 0.66 -1.09 -1.93
N PHE A 37 0.99 0.13 -2.23
CA PHE A 37 0.03 0.98 -3.00
C PHE A 37 0.36 0.91 -4.49
N LEU A 38 -0.64 0.81 -5.32
CA LEU A 38 -0.40 0.74 -6.79
C LEU A 38 -0.60 2.12 -7.41
N THR A 39 0.42 2.66 -8.03
CA THR A 39 0.32 4.01 -8.64
C THR A 39 -0.10 3.90 -10.11
N LYS A 40 -0.81 4.87 -10.60
CA LYS A 40 -1.25 4.84 -12.02
C LYS A 40 -0.03 4.94 -12.95
N LYS A 41 1.02 5.57 -12.50
CA LYS A 41 2.22 5.71 -13.36
C LYS A 41 2.92 4.35 -13.53
N GLY A 42 2.43 3.34 -12.87
CA GLY A 42 3.06 1.99 -13.00
C GLY A 42 4.16 1.84 -11.93
N ARG A 43 3.80 1.93 -10.69
CA ARG A 43 4.82 1.77 -9.60
C ARG A 43 4.17 1.18 -8.36
N GLN A 44 4.94 0.89 -7.35
CA GLN A 44 4.36 0.31 -6.10
C GLN A 44 5.16 0.76 -4.88
N VAL A 45 4.49 1.21 -3.85
CA VAL A 45 5.21 1.64 -2.63
C VAL A 45 4.98 0.63 -1.50
N CYS A 46 5.77 0.68 -0.47
CA CYS A 46 5.58 -0.31 0.64
C CYS A 46 5.38 0.42 1.97
N ALA A 47 4.25 0.24 2.59
CA ALA A 47 4.00 0.92 3.89
C ALA A 47 3.81 -0.11 5.00
N LYS A 48 3.94 0.31 6.24
CA LYS A 48 3.77 -0.64 7.37
C LYS A 48 2.29 -0.81 7.71
N PRO A 49 2.03 -1.65 8.67
CA PRO A 49 0.63 -1.92 9.10
C PRO A 49 0.08 -0.71 9.86
N SER A 50 0.91 0.00 10.58
CA SER A 50 0.43 1.19 11.33
C SER A 50 1.19 2.44 10.87
N GLY A 51 1.49 2.53 9.61
CA GLY A 51 2.23 3.73 9.11
C GLY A 51 1.34 4.96 9.21
N PRO A 52 1.92 6.05 9.65
CA PRO A 52 1.16 7.31 9.80
C PRO A 52 0.85 7.92 8.43
N GLY A 53 -0.27 7.57 7.87
CA GLY A 53 -0.63 8.13 6.53
C GLY A 53 -1.09 6.99 5.62
N VAL A 54 -0.72 5.77 5.93
CA VAL A 54 -1.14 4.63 5.07
C VAL A 54 -2.66 4.55 5.03
N GLN A 55 -3.31 4.76 6.14
CA GLN A 55 -4.79 4.70 6.15
C GLN A 55 -5.35 5.88 5.36
N ASP A 56 -4.61 6.96 5.31
CA ASP A 56 -5.07 8.13 4.53
C ASP A 56 -5.06 7.79 3.04
N CYS A 57 -4.02 7.12 2.59
CA CYS A 57 -3.96 6.73 1.16
C CYS A 57 -5.10 5.77 0.85
N MET A 58 -5.31 4.80 1.69
CA MET A 58 -6.41 3.83 1.45
C MET A 58 -7.77 4.51 1.65
N LYS A 59 -7.80 5.60 2.38
CA LYS A 59 -9.09 6.29 2.60
C LYS A 59 -9.59 6.86 1.27
N LYS A 60 -8.76 7.62 0.61
CA LYS A 60 -9.18 8.18 -0.71
C LYS A 60 -9.25 7.05 -1.74
N LEU A 61 -8.52 5.99 -1.52
CA LEU A 61 -8.54 4.85 -2.49
C LEU A 61 -9.79 3.98 -2.26
N LYS A 62 -10.71 4.44 -1.46
CA LYS A 62 -11.94 3.63 -1.21
C LYS A 62 -13.19 4.49 -1.39
N PRO A 63 -13.87 4.25 -2.48
CA PRO A 63 -15.11 5.01 -2.79
C PRO A 63 -16.26 4.53 -1.90
N TYR A 64 -16.42 5.11 -0.74
CA TYR A 64 -17.52 4.69 0.16
C TYR A 64 -18.20 5.92 0.77
N SER A 65 -17.90 7.08 0.29
CA SER A 65 -18.54 8.31 0.84
C SER A 65 -18.38 9.48 -0.13
N ILE A 66 -18.85 10.64 0.24
CA ILE A 66 -18.73 11.82 -0.67
C ILE A 66 -17.27 12.02 -1.08
N HIS A 1 6.19 -14.96 -13.92
CA HIS A 1 6.46 -15.87 -12.78
C HIS A 1 6.37 -15.10 -11.46
N PHE A 2 5.20 -14.64 -11.12
CA PHE A 2 5.05 -13.88 -9.84
C PHE A 2 3.57 -13.81 -9.44
N ALA A 3 3.30 -13.54 -8.20
CA ALA A 3 1.87 -13.45 -7.75
C ALA A 3 1.79 -12.76 -6.38
N ALA A 4 2.74 -13.00 -5.53
CA ALA A 4 2.72 -12.34 -4.19
C ALA A 4 3.75 -11.22 -4.13
N ASP A 5 3.35 -10.06 -3.66
CA ASP A 5 4.30 -8.92 -3.59
C ASP A 5 4.51 -8.49 -2.12
N CYS A 6 5.35 -9.19 -1.41
CA CYS A 6 5.58 -8.82 0.02
C CYS A 6 6.78 -7.88 0.13
N CYS A 7 6.66 -6.83 0.89
CA CYS A 7 7.78 -5.86 1.04
C CYS A 7 8.65 -6.23 2.25
N THR A 8 9.92 -5.97 2.16
CA THR A 8 10.83 -6.29 3.31
C THR A 8 11.07 -5.02 4.12
N SER A 9 10.82 -3.88 3.53
CA SER A 9 11.02 -2.59 4.24
C SER A 9 9.85 -1.65 3.94
N TYR A 10 10.04 -0.38 4.08
CA TYR A 10 8.92 0.57 3.80
C TYR A 10 9.47 1.91 3.30
N ILE A 11 8.61 2.71 2.70
CA ILE A 11 9.07 4.03 2.18
C ILE A 11 9.91 4.77 3.23
N SER A 12 10.43 5.92 2.89
CA SER A 12 11.26 6.67 3.88
C SER A 12 10.45 7.78 4.54
N GLN A 13 9.19 7.89 4.20
CA GLN A 13 8.35 8.95 4.82
C GLN A 13 6.87 8.65 4.62
N SER A 14 6.00 9.51 5.07
CA SER A 14 4.54 9.25 4.89
C SER A 14 4.26 8.80 3.45
N ILE A 15 3.31 7.92 3.28
CA ILE A 15 2.98 7.45 1.90
C ILE A 15 2.27 8.55 1.13
N PRO A 16 2.66 8.71 -0.10
CA PRO A 16 2.04 9.73 -0.99
C PRO A 16 0.69 9.23 -1.50
N CYS A 17 -0.36 9.47 -0.76
CA CYS A 17 -1.70 9.01 -1.23
C CYS A 17 -2.03 9.66 -2.57
N SER A 18 -1.57 10.87 -2.78
CA SER A 18 -1.86 11.56 -4.06
C SER A 18 -1.12 10.89 -5.21
N LEU A 19 -0.10 10.15 -4.88
CA LEU A 19 0.70 9.46 -5.94
C LEU A 19 0.26 8.00 -6.08
N MET A 20 -0.96 7.68 -5.72
CA MET A 20 -1.41 6.26 -5.84
C MET A 20 -2.87 6.19 -6.29
N LYS A 21 -3.17 5.30 -7.20
CA LYS A 21 -4.57 5.15 -7.68
C LYS A 21 -5.28 4.08 -6.83
N SER A 22 -4.56 3.12 -6.32
CA SER A 22 -5.20 2.06 -5.49
C SER A 22 -4.22 1.52 -4.45
N TYR A 23 -4.65 0.59 -3.65
CA TYR A 23 -3.74 0.01 -2.60
C TYR A 23 -4.14 -1.45 -2.33
N PHE A 24 -3.23 -2.28 -1.90
CA PHE A 24 -3.61 -3.70 -1.62
C PHE A 24 -2.76 -4.27 -0.49
N GLU A 25 -3.34 -5.13 0.30
CA GLU A 25 -2.58 -5.76 1.42
C GLU A 25 -1.97 -7.08 0.95
N THR A 26 -0.76 -7.37 1.37
CA THR A 26 -0.12 -8.65 0.94
C THR A 26 -0.75 -9.84 1.67
N SER A 27 -0.15 -10.99 1.58
CA SER A 27 -0.71 -12.19 2.26
C SER A 27 0.01 -12.43 3.58
N SER A 28 -0.72 -12.80 4.60
CA SER A 28 -0.08 -13.06 5.93
C SER A 28 0.82 -14.29 5.85
N GLU A 29 0.77 -15.00 4.75
CA GLU A 29 1.63 -16.21 4.62
C GLU A 29 3.08 -15.79 4.38
N CYS A 30 3.30 -14.59 3.94
CA CYS A 30 4.70 -14.13 3.71
C CYS A 30 5.40 -13.88 5.04
N SER A 31 6.69 -14.05 5.08
CA SER A 31 7.43 -13.83 6.36
C SER A 31 7.28 -12.38 6.82
N LYS A 32 6.79 -11.53 5.97
CA LYS A 32 6.62 -10.11 6.34
C LYS A 32 5.47 -9.48 5.55
N PRO A 33 4.42 -9.16 6.25
CA PRO A 33 3.24 -8.53 5.60
C PRO A 33 3.54 -7.08 5.23
N GLY A 34 2.56 -6.37 4.73
CA GLY A 34 2.78 -4.95 4.35
C GLY A 34 1.73 -4.55 3.30
N VAL A 35 1.45 -3.28 3.19
CA VAL A 35 0.45 -2.82 2.19
C VAL A 35 1.16 -2.11 1.03
N ILE A 36 1.01 -2.59 -0.17
CA ILE A 36 1.70 -1.92 -1.31
C ILE A 36 0.72 -1.02 -2.06
N PHE A 37 1.11 0.18 -2.35
CA PHE A 37 0.19 1.09 -3.08
C PHE A 37 0.51 1.04 -4.58
N LEU A 38 -0.50 0.98 -5.42
CA LEU A 38 -0.27 0.94 -6.88
C LEU A 38 -0.37 2.35 -7.45
N THR A 39 0.67 2.84 -8.05
CA THR A 39 0.63 4.21 -8.62
C THR A 39 0.14 4.20 -10.06
N LYS A 40 -0.53 5.23 -10.49
CA LYS A 40 -1.02 5.28 -11.89
C LYS A 40 0.17 5.35 -12.85
N LYS A 41 1.28 5.86 -12.39
CA LYS A 41 2.48 5.96 -13.27
C LYS A 41 3.05 4.57 -13.55
N GLY A 42 2.51 3.56 -12.92
CA GLY A 42 3.02 2.18 -13.16
C GLY A 42 4.13 1.86 -12.17
N ARG A 43 3.85 1.94 -10.90
CA ARG A 43 4.90 1.63 -9.88
C ARG A 43 4.26 1.02 -8.63
N GLN A 44 5.04 0.72 -7.62
CA GLN A 44 4.47 0.13 -6.39
C GLN A 44 5.24 0.58 -5.16
N VAL A 45 4.56 0.98 -4.13
CA VAL A 45 5.25 1.43 -2.89
C VAL A 45 5.00 0.42 -1.77
N CYS A 46 5.69 0.53 -0.67
CA CYS A 46 5.48 -0.43 0.45
C CYS A 46 5.40 0.31 1.78
N ALA A 47 4.27 0.25 2.43
CA ALA A 47 4.12 0.95 3.73
C ALA A 47 3.77 -0.04 4.84
N LYS A 48 3.98 0.32 6.07
CA LYS A 48 3.65 -0.59 7.19
C LYS A 48 2.16 -0.91 7.20
N PRO A 49 1.76 -1.77 8.10
CA PRO A 49 0.34 -2.17 8.21
C PRO A 49 -0.49 -1.03 8.82
N SER A 50 0.08 -0.29 9.73
CA SER A 50 -0.68 0.84 10.36
C SER A 50 0.16 2.11 10.34
N GLY A 51 1.02 2.27 9.36
CA GLY A 51 1.85 3.50 9.30
C GLY A 51 0.95 4.73 9.37
N PRO A 52 1.49 5.77 9.95
CA PRO A 52 0.73 7.04 10.10
C PRO A 52 0.55 7.71 8.73
N GLY A 53 -0.43 7.29 7.98
CA GLY A 53 -0.65 7.89 6.64
C GLY A 53 -1.07 6.80 5.65
N VAL A 54 -0.65 5.58 5.90
CA VAL A 54 -1.02 4.47 4.97
C VAL A 54 -2.54 4.31 4.93
N GLN A 55 -3.18 4.40 6.06
CA GLN A 55 -4.66 4.27 6.06
C GLN A 55 -5.26 5.49 5.37
N ASP A 56 -4.56 6.59 5.39
CA ASP A 56 -5.08 7.81 4.71
C ASP A 56 -5.08 7.57 3.20
N CYS A 57 -4.05 6.94 2.70
CA CYS A 57 -4.00 6.66 1.23
C CYS A 57 -5.16 5.74 0.87
N MET A 58 -5.34 4.68 1.61
CA MET A 58 -6.45 3.75 1.31
C MET A 58 -7.80 4.39 1.66
N LYS A 59 -7.79 5.42 2.47
CA LYS A 59 -9.07 6.08 2.82
C LYS A 59 -9.65 6.73 1.57
N LYS A 60 -8.83 7.48 0.86
CA LYS A 60 -9.31 8.11 -0.38
C LYS A 60 -9.57 7.05 -1.45
N LEU A 61 -8.81 5.98 -1.43
CA LEU A 61 -9.01 4.90 -2.43
C LEU A 61 -10.20 4.03 -2.05
N LYS A 62 -10.87 4.35 -0.98
CA LYS A 62 -12.05 3.54 -0.56
C LYS A 62 -13.30 4.42 -0.49
N PRO A 63 -14.02 4.45 -1.58
CA PRO A 63 -15.26 5.25 -1.66
C PRO A 63 -16.37 4.60 -0.84
N TYR A 64 -17.02 5.34 0.02
CA TYR A 64 -18.11 4.76 0.84
C TYR A 64 -18.79 5.85 1.69
N SER A 65 -19.24 6.91 1.06
CA SER A 65 -19.89 7.99 1.83
C SER A 65 -20.82 8.80 0.91
N ILE A 66 -21.42 9.84 1.41
CA ILE A 66 -22.32 10.67 0.57
C ILE A 66 -22.16 12.15 0.88
N HIS A 1 -5.80 -12.49 -11.85
CA HIS A 1 -4.56 -13.23 -12.26
C HIS A 1 -3.77 -13.63 -11.01
N PHE A 2 -3.14 -14.78 -11.04
CA PHE A 2 -2.34 -15.21 -9.85
C PHE A 2 -1.05 -14.39 -9.75
N ALA A 3 -0.63 -14.08 -8.55
CA ALA A 3 0.62 -13.28 -8.39
C ALA A 3 0.92 -13.08 -6.90
N ALA A 4 2.11 -12.64 -6.58
CA ALA A 4 2.46 -12.42 -5.16
C ALA A 4 3.35 -11.18 -5.02
N ASP A 5 3.08 -10.37 -4.03
CA ASP A 5 3.91 -9.14 -3.84
C ASP A 5 3.96 -8.75 -2.35
N CYS A 6 4.89 -9.31 -1.62
CA CYS A 6 4.98 -8.98 -0.17
C CYS A 6 5.91 -7.78 0.02
N CYS A 7 5.82 -7.10 1.12
CA CYS A 7 6.71 -5.92 1.36
C CYS A 7 7.99 -6.35 2.07
N THR A 8 9.10 -5.83 1.64
CA THR A 8 10.40 -6.18 2.30
C THR A 8 11.01 -4.93 2.94
N SER A 9 10.33 -3.81 2.82
CA SER A 9 10.83 -2.54 3.41
C SER A 9 9.79 -1.45 3.21
N TYR A 10 9.50 -0.69 4.23
CA TYR A 10 8.46 0.37 4.08
C TYR A 10 9.10 1.68 3.63
N ILE A 11 8.33 2.57 3.07
CA ILE A 11 8.89 3.86 2.60
C ILE A 11 9.69 4.54 3.71
N SER A 12 10.32 5.64 3.42
CA SER A 12 11.12 6.34 4.47
C SER A 12 10.37 7.58 4.97
N GLN A 13 9.16 7.79 4.50
CA GLN A 13 8.39 8.98 4.95
C GLN A 13 6.89 8.77 4.71
N SER A 14 6.09 9.75 5.00
CA SER A 14 4.61 9.61 4.80
C SER A 14 4.32 9.08 3.39
N ILE A 15 3.37 8.19 3.27
CA ILE A 15 3.05 7.63 1.92
C ILE A 15 2.31 8.67 1.07
N PRO A 16 2.70 8.75 -0.18
CA PRO A 16 2.07 9.70 -1.12
C PRO A 16 0.74 9.15 -1.61
N CYS A 17 -0.32 9.43 -0.92
CA CYS A 17 -1.65 8.93 -1.37
C CYS A 17 -1.97 9.51 -2.75
N SER A 18 -1.53 10.71 -3.01
CA SER A 18 -1.80 11.33 -4.33
C SER A 18 -1.01 10.62 -5.42
N LEU A 19 0.00 9.91 -5.04
CA LEU A 19 0.84 9.19 -6.03
C LEU A 19 0.39 7.73 -6.15
N MET A 20 -0.83 7.43 -5.79
CA MET A 20 -1.31 6.02 -5.89
C MET A 20 -2.76 5.97 -6.35
N LYS A 21 -3.05 5.10 -7.28
CA LYS A 21 -4.46 4.99 -7.77
C LYS A 21 -5.19 3.88 -6.99
N SER A 22 -4.46 2.96 -6.41
CA SER A 22 -5.12 1.87 -5.65
C SER A 22 -4.18 1.34 -4.56
N TYR A 23 -4.64 0.38 -3.78
CA TYR A 23 -3.77 -0.17 -2.70
C TYR A 23 -4.13 -1.64 -2.45
N PHE A 24 -3.20 -2.45 -2.01
CA PHE A 24 -3.54 -3.88 -1.76
C PHE A 24 -2.67 -4.43 -0.61
N GLU A 25 -3.22 -5.28 0.20
CA GLU A 25 -2.44 -5.85 1.34
C GLU A 25 -1.74 -7.14 0.90
N THR A 26 -0.52 -7.32 1.31
CA THR A 26 0.21 -8.57 0.91
C THR A 26 -0.37 -9.77 1.64
N SER A 27 0.04 -10.95 1.27
CA SER A 27 -0.49 -12.18 1.95
C SER A 27 0.20 -12.38 3.30
N SER A 28 -0.51 -12.88 4.27
CA SER A 28 0.10 -13.11 5.61
C SER A 28 1.15 -14.22 5.52
N GLU A 29 1.23 -14.87 4.39
CA GLU A 29 2.24 -15.97 4.22
C GLU A 29 3.64 -15.38 4.07
N CYS A 30 3.74 -14.14 3.69
CA CYS A 30 5.08 -13.51 3.51
C CYS A 30 5.74 -13.30 4.89
N SER A 31 7.03 -13.47 4.95
CA SER A 31 7.74 -13.28 6.24
C SER A 31 7.54 -11.84 6.75
N LYS A 32 7.07 -10.98 5.90
CA LYS A 32 6.84 -9.56 6.31
C LYS A 32 5.70 -8.97 5.48
N PRO A 33 4.55 -8.90 6.10
CA PRO A 33 3.35 -8.34 5.43
C PRO A 33 3.45 -6.83 5.28
N GLY A 34 2.41 -6.19 4.82
CA GLY A 34 2.44 -4.71 4.65
C GLY A 34 1.47 -4.30 3.54
N VAL A 35 1.15 -3.04 3.45
CA VAL A 35 0.21 -2.59 2.39
C VAL A 35 0.99 -1.94 1.25
N ILE A 36 0.90 -2.46 0.06
CA ILE A 36 1.64 -1.86 -1.08
C ILE A 36 0.68 -1.02 -1.93
N PHE A 37 1.01 0.21 -2.18
CA PHE A 37 0.11 1.05 -3.01
C PHE A 37 0.52 0.97 -4.47
N LEU A 38 -0.43 0.86 -5.35
CA LEU A 38 -0.09 0.78 -6.80
C LEU A 38 -0.24 2.16 -7.42
N THR A 39 0.81 2.67 -8.02
CA THR A 39 0.74 4.02 -8.63
C THR A 39 0.28 3.94 -10.08
N LYS A 40 -0.43 4.95 -10.53
CA LYS A 40 -0.90 4.94 -11.94
C LYS A 40 0.28 5.00 -12.91
N LYS A 41 1.36 5.62 -12.50
CA LYS A 41 2.55 5.72 -13.39
C LYS A 41 3.22 4.36 -13.55
N GLY A 42 2.75 3.38 -12.83
CA GLY A 42 3.35 2.01 -12.93
C GLY A 42 4.43 1.85 -11.87
N ARG A 43 4.08 1.89 -10.62
CA ARG A 43 5.09 1.73 -9.54
C ARG A 43 4.44 1.09 -8.31
N GLN A 44 5.22 0.81 -7.29
CA GLN A 44 4.65 0.19 -6.07
C GLN A 44 5.39 0.68 -4.82
N VAL A 45 4.65 1.07 -3.82
CA VAL A 45 5.29 1.56 -2.57
C VAL A 45 5.01 0.56 -1.44
N CYS A 46 5.85 0.50 -0.45
CA CYS A 46 5.60 -0.46 0.67
C CYS A 46 5.20 0.30 1.94
N ALA A 47 4.19 -0.16 2.62
CA ALA A 47 3.78 0.57 3.86
C ALA A 47 3.56 -0.42 5.02
N LYS A 48 3.66 0.06 6.22
CA LYS A 48 3.46 -0.83 7.40
C LYS A 48 1.98 -1.19 7.53
N PRO A 49 1.68 -1.96 8.54
CA PRO A 49 0.27 -2.38 8.79
C PRO A 49 -0.55 -1.18 9.28
N SER A 50 0.07 -0.30 10.02
CA SER A 50 -0.67 0.89 10.53
C SER A 50 0.21 2.14 10.41
N GLY A 51 0.91 2.27 9.32
CA GLY A 51 1.78 3.47 9.14
C GLY A 51 0.94 4.73 9.27
N PRO A 52 1.57 5.76 9.80
CA PRO A 52 0.88 7.06 9.99
C PRO A 52 0.63 7.73 8.64
N GLY A 53 -0.41 7.35 7.95
CA GLY A 53 -0.71 7.95 6.63
C GLY A 53 -1.12 6.86 5.65
N VAL A 54 -0.71 5.64 5.90
CA VAL A 54 -1.08 4.52 4.99
C VAL A 54 -2.59 4.39 4.93
N GLN A 55 -3.25 4.51 6.05
CA GLN A 55 -4.74 4.41 6.04
C GLN A 55 -5.30 5.63 5.30
N ASP A 56 -4.54 6.69 5.25
CA ASP A 56 -5.01 7.90 4.52
C ASP A 56 -5.03 7.61 3.02
N CYS A 57 -4.02 6.96 2.52
CA CYS A 57 -3.99 6.62 1.08
C CYS A 57 -5.14 5.67 0.76
N MET A 58 -5.35 4.68 1.59
CA MET A 58 -6.45 3.73 1.34
C MET A 58 -7.80 4.41 1.60
N LYS A 59 -7.81 5.45 2.39
CA LYS A 59 -9.09 6.16 2.66
C LYS A 59 -9.58 6.81 1.37
N LYS A 60 -8.71 7.50 0.68
CA LYS A 60 -9.12 8.14 -0.60
C LYS A 60 -9.39 7.05 -1.64
N LEU A 61 -8.71 5.94 -1.53
CA LEU A 61 -8.93 4.84 -2.51
C LEU A 61 -10.22 4.08 -2.18
N LYS A 62 -10.92 4.51 -1.17
CA LYS A 62 -12.19 3.83 -0.79
C LYS A 62 -13.23 4.85 -0.31
N PRO A 63 -14.45 4.62 -0.70
CA PRO A 63 -15.55 5.54 -0.31
C PRO A 63 -15.92 5.34 1.17
N TYR A 64 -15.14 5.86 2.06
CA TYR A 64 -15.46 5.71 3.51
C TYR A 64 -15.19 7.03 4.23
N SER A 65 -15.48 8.13 3.60
CA SER A 65 -15.24 9.45 4.25
C SER A 65 -16.57 10.21 4.42
N ILE A 66 -16.69 10.97 5.47
CA ILE A 66 -17.95 11.73 5.69
C ILE A 66 -18.03 12.93 4.74
N HIS A 1 -4.54 -11.44 -11.68
CA HIS A 1 -5.60 -11.53 -10.63
C HIS A 1 -4.99 -12.03 -9.32
N PHE A 2 -3.70 -11.90 -9.16
CA PHE A 2 -3.06 -12.37 -7.90
C PHE A 2 -1.67 -11.74 -7.75
N ALA A 3 -1.60 -10.59 -7.14
CA ALA A 3 -0.28 -9.92 -6.96
C ALA A 3 0.63 -10.77 -6.06
N ALA A 4 0.24 -10.98 -4.83
CA ALA A 4 1.08 -11.80 -3.92
C ALA A 4 2.40 -11.07 -3.61
N ASP A 5 2.52 -9.85 -4.05
CA ASP A 5 3.79 -9.08 -3.78
C ASP A 5 3.86 -8.68 -2.31
N CYS A 6 4.82 -9.20 -1.59
CA CYS A 6 4.95 -8.84 -0.15
C CYS A 6 5.90 -7.65 0.01
N CYS A 7 5.82 -6.94 1.10
CA CYS A 7 6.72 -5.78 1.31
C CYS A 7 8.00 -6.23 2.03
N THR A 8 9.13 -5.74 1.61
CA THR A 8 10.41 -6.13 2.28
C THR A 8 10.80 -5.04 3.28
N SER A 9 10.25 -3.87 3.13
CA SER A 9 10.56 -2.75 4.05
C SER A 9 9.42 -1.72 4.00
N TYR A 10 9.71 -0.48 4.25
CA TYR A 10 8.63 0.55 4.21
C TYR A 10 9.21 1.89 3.77
N ILE A 11 8.38 2.78 3.29
CA ILE A 11 8.88 4.11 2.86
C ILE A 11 9.55 4.83 4.04
N SER A 12 10.30 5.86 3.78
CA SER A 12 10.98 6.59 4.89
C SER A 12 10.16 7.82 5.30
N GLN A 13 9.07 8.06 4.62
CA GLN A 13 8.22 9.24 4.97
C GLN A 13 6.75 8.89 4.77
N SER A 14 5.87 9.83 4.97
CA SER A 14 4.42 9.55 4.78
C SER A 14 4.16 9.04 3.36
N ILE A 15 3.25 8.13 3.20
CA ILE A 15 2.95 7.60 1.84
C ILE A 15 2.23 8.67 1.02
N PRO A 16 2.63 8.79 -0.22
CA PRO A 16 2.01 9.78 -1.13
C PRO A 16 0.64 9.31 -1.59
N CYS A 17 -0.39 9.55 -0.82
CA CYS A 17 -1.75 9.12 -1.25
C CYS A 17 -2.10 9.80 -2.58
N SER A 18 -1.61 11.00 -2.78
CA SER A 18 -1.90 11.74 -4.04
C SER A 18 -1.22 11.10 -5.25
N LEU A 19 -0.60 9.96 -5.08
CA LEU A 19 0.08 9.31 -6.23
C LEU A 19 -0.25 7.82 -6.26
N MET A 20 -1.40 7.44 -5.77
CA MET A 20 -1.77 6.00 -5.78
C MET A 20 -3.24 5.82 -6.17
N LYS A 21 -3.50 4.90 -7.05
CA LYS A 21 -4.90 4.66 -7.49
C LYS A 21 -5.53 3.51 -6.69
N SER A 22 -4.77 2.50 -6.36
CA SER A 22 -5.35 1.37 -5.59
C SER A 22 -4.26 0.60 -4.83
N TYR A 23 -4.38 0.52 -3.53
CA TYR A 23 -3.38 -0.23 -2.72
C TYR A 23 -3.86 -1.67 -2.50
N PHE A 24 -3.01 -2.52 -1.98
CA PHE A 24 -3.44 -3.93 -1.74
C PHE A 24 -2.69 -4.53 -0.55
N GLU A 25 -3.30 -5.45 0.15
CA GLU A 25 -2.62 -6.06 1.32
C GLU A 25 -1.84 -7.31 0.89
N THR A 26 -0.69 -7.53 1.44
CA THR A 26 0.12 -8.72 1.04
C THR A 26 -0.51 -9.99 1.62
N SER A 27 0.18 -11.09 1.53
CA SER A 27 -0.37 -12.37 2.07
C SER A 27 0.31 -12.72 3.40
N SER A 28 -0.43 -13.25 4.33
CA SER A 28 0.17 -13.61 5.64
C SER A 28 1.16 -14.78 5.48
N GLU A 29 1.18 -15.37 4.32
CA GLU A 29 2.11 -16.51 4.09
C GLU A 29 3.56 -16.00 3.97
N CYS A 30 3.73 -14.76 3.58
CA CYS A 30 5.10 -14.21 3.44
C CYS A 30 5.71 -13.97 4.82
N SER A 31 7.01 -14.11 4.93
CA SER A 31 7.67 -13.90 6.26
C SER A 31 7.47 -12.45 6.72
N LYS A 32 7.00 -11.60 5.85
CA LYS A 32 6.79 -10.18 6.22
C LYS A 32 5.65 -9.58 5.39
N PRO A 33 4.55 -9.34 6.05
CA PRO A 33 3.37 -8.75 5.36
C PRO A 33 3.61 -7.27 5.06
N GLY A 34 2.59 -6.53 4.77
CA GLY A 34 2.77 -5.08 4.47
C GLY A 34 1.72 -4.63 3.45
N VAL A 35 1.49 -3.35 3.36
CA VAL A 35 0.49 -2.84 2.39
C VAL A 35 1.21 -2.11 1.24
N ILE A 36 1.12 -2.62 0.04
CA ILE A 36 1.80 -1.95 -1.09
C ILE A 36 0.80 -1.08 -1.87
N PHE A 37 1.14 0.15 -2.10
CA PHE A 37 0.18 1.02 -2.86
C PHE A 37 0.47 0.92 -4.35
N LEU A 38 -0.54 0.87 -5.17
CA LEU A 38 -0.30 0.78 -6.64
C LEU A 38 -0.51 2.15 -7.27
N THR A 39 0.49 2.68 -7.91
CA THR A 39 0.36 4.02 -8.55
C THR A 39 -0.16 3.89 -9.98
N LYS A 40 -0.96 4.82 -10.41
CA LYS A 40 -1.50 4.75 -11.80
C LYS A 40 -0.36 4.88 -12.82
N LYS A 41 0.70 5.54 -12.44
CA LYS A 41 1.85 5.71 -13.38
C LYS A 41 2.58 4.37 -13.58
N GLY A 42 2.17 3.36 -12.88
CA GLY A 42 2.83 2.03 -13.02
C GLY A 42 3.97 1.93 -12.00
N ARG A 43 3.64 1.96 -10.73
CA ARG A 43 4.69 1.87 -9.68
C ARG A 43 4.13 1.19 -8.43
N GLN A 44 4.95 0.96 -7.44
CA GLN A 44 4.44 0.30 -6.19
C GLN A 44 5.20 0.80 -4.96
N VAL A 45 4.50 1.07 -3.89
CA VAL A 45 5.17 1.54 -2.66
C VAL A 45 5.00 0.49 -1.55
N CYS A 46 5.71 0.63 -0.47
CA CYS A 46 5.58 -0.37 0.64
C CYS A 46 5.44 0.36 1.97
N ALA A 47 4.33 0.20 2.65
CA ALA A 47 4.15 0.90 3.94
C ALA A 47 3.82 -0.10 5.05
N LYS A 48 3.93 0.31 6.28
CA LYS A 48 3.62 -0.60 7.41
C LYS A 48 2.11 -0.78 7.55
N PRO A 49 1.72 -1.59 8.50
CA PRO A 49 0.29 -1.86 8.73
C PRO A 49 -0.40 -0.64 9.36
N SER A 50 0.29 0.04 10.23
CA SER A 50 -0.32 1.25 10.87
C SER A 50 0.54 2.49 10.61
N GLY A 51 1.29 2.49 9.54
CA GLY A 51 2.14 3.67 9.23
C GLY A 51 1.30 4.95 9.37
N PRO A 52 1.95 5.98 9.85
CA PRO A 52 1.26 7.28 10.03
C PRO A 52 0.97 7.93 8.68
N GLY A 53 -0.17 7.63 8.11
CA GLY A 53 -0.52 8.24 6.79
C GLY A 53 -0.93 7.13 5.82
N VAL A 54 -0.52 5.91 6.08
CA VAL A 54 -0.88 4.79 5.18
C VAL A 54 -2.40 4.62 5.13
N GLN A 55 -3.05 4.75 6.25
CA GLN A 55 -4.54 4.60 6.25
C GLN A 55 -5.14 5.77 5.49
N ASP A 56 -4.48 6.89 5.47
CA ASP A 56 -5.00 8.05 4.73
C ASP A 56 -4.97 7.75 3.23
N CYS A 57 -3.91 7.13 2.77
CA CYS A 57 -3.83 6.80 1.33
C CYS A 57 -4.94 5.79 0.98
N MET A 58 -5.12 4.82 1.83
CA MET A 58 -6.17 3.79 1.56
C MET A 58 -7.57 4.42 1.72
N LYS A 59 -7.69 5.48 2.48
CA LYS A 59 -9.01 6.11 2.66
C LYS A 59 -9.45 6.71 1.32
N LYS A 60 -8.66 7.60 0.80
CA LYS A 60 -9.02 8.22 -0.52
C LYS A 60 -8.83 7.20 -1.64
N LEU A 61 -8.16 6.12 -1.37
CA LEU A 61 -7.94 5.10 -2.43
C LEU A 61 -9.20 4.26 -2.65
N LYS A 62 -10.25 4.55 -1.93
CA LYS A 62 -11.51 3.77 -2.12
C LYS A 62 -12.72 4.58 -1.67
N PRO A 63 -13.31 5.29 -2.61
CA PRO A 63 -14.50 6.12 -2.32
C PRO A 63 -15.73 5.22 -2.12
N TYR A 64 -16.03 4.88 -0.89
CA TYR A 64 -17.22 4.02 -0.64
C TYR A 64 -17.92 4.43 0.66
N SER A 65 -17.86 5.69 1.00
CA SER A 65 -18.51 6.15 2.26
C SER A 65 -19.21 7.49 2.04
N ILE A 66 -20.52 7.50 2.01
CA ILE A 66 -21.24 8.78 1.79
C ILE A 66 -22.50 8.82 2.67
N HIS A 1 -2.78 -10.58 -15.04
CA HIS A 1 -3.26 -11.40 -13.89
C HIS A 1 -2.72 -10.83 -12.57
N PHE A 2 -3.53 -10.12 -11.85
CA PHE A 2 -3.07 -9.54 -10.55
C PHE A 2 -2.49 -10.62 -9.65
N ALA A 3 -1.25 -10.49 -9.25
CA ALA A 3 -0.64 -11.52 -8.37
C ALA A 3 -0.46 -10.95 -6.95
N ALA A 4 0.59 -11.33 -6.28
CA ALA A 4 0.82 -10.81 -4.90
C ALA A 4 2.17 -10.10 -4.82
N ASP A 5 2.60 -9.76 -3.64
CA ASP A 5 3.92 -9.07 -3.50
C ASP A 5 4.28 -8.92 -2.02
N CYS A 6 5.53 -8.64 -1.74
CA CYS A 6 5.95 -8.49 -0.31
C CYS A 6 7.08 -7.46 -0.21
N CYS A 7 7.27 -6.89 0.95
CA CYS A 7 8.35 -5.88 1.11
C CYS A 7 9.00 -6.01 2.48
N THR A 8 10.29 -5.77 2.56
CA THR A 8 10.99 -5.87 3.87
C THR A 8 11.19 -4.47 4.46
N SER A 9 11.18 -3.46 3.62
CA SER A 9 11.37 -2.07 4.12
C SER A 9 10.32 -1.16 3.48
N TYR A 10 9.68 -0.33 4.27
CA TYR A 10 8.64 0.57 3.70
C TYR A 10 9.25 1.89 3.26
N ILE A 11 8.45 2.78 2.73
CA ILE A 11 8.98 4.08 2.27
C ILE A 11 9.77 4.77 3.39
N SER A 12 10.24 5.95 3.16
CA SER A 12 11.04 6.66 4.21
C SER A 12 10.18 7.69 4.94
N GLN A 13 9.00 7.95 4.44
CA GLN A 13 8.12 8.95 5.11
C GLN A 13 6.65 8.63 4.82
N SER A 14 5.75 9.45 5.29
CA SER A 14 4.30 9.19 5.03
C SER A 14 4.09 8.76 3.57
N ILE A 15 3.16 7.88 3.34
CA ILE A 15 2.90 7.42 1.94
C ILE A 15 2.22 8.54 1.14
N PRO A 16 2.64 8.69 -0.08
CA PRO A 16 2.07 9.72 -0.97
C PRO A 16 0.70 9.27 -1.49
N CYS A 17 -0.34 9.53 -0.75
CA CYS A 17 -1.69 9.11 -1.23
C CYS A 17 -1.99 9.82 -2.55
N SER A 18 -1.50 11.02 -2.70
CA SER A 18 -1.74 11.79 -3.97
C SER A 18 -0.97 11.19 -5.15
N LEU A 19 -0.40 10.03 -4.98
CA LEU A 19 0.37 9.43 -6.11
C LEU A 19 0.04 7.94 -6.22
N MET A 20 -1.14 7.54 -5.79
CA MET A 20 -1.50 6.10 -5.88
C MET A 20 -2.96 5.94 -6.30
N LYS A 21 -3.24 5.00 -7.16
CA LYS A 21 -4.64 4.78 -7.62
C LYS A 21 -5.32 3.73 -6.75
N SER A 22 -4.57 2.87 -6.11
CA SER A 22 -5.20 1.83 -5.26
C SER A 22 -4.19 1.30 -4.23
N TYR A 23 -4.61 0.38 -3.40
CA TYR A 23 -3.68 -0.19 -2.37
C TYR A 23 -4.08 -1.65 -2.06
N PHE A 24 -3.14 -2.47 -1.71
CA PHE A 24 -3.51 -3.89 -1.40
C PHE A 24 -2.56 -4.48 -0.36
N GLU A 25 -3.02 -5.41 0.42
CA GLU A 25 -2.14 -6.03 1.45
C GLU A 25 -1.45 -7.26 0.85
N THR A 26 -0.24 -7.53 1.25
CA THR A 26 0.47 -8.71 0.68
C THR A 26 -0.20 -10.00 1.17
N SER A 27 0.30 -11.13 0.75
CA SER A 27 -0.31 -12.42 1.18
C SER A 27 0.22 -12.80 2.57
N SER A 28 -0.61 -13.39 3.39
CA SER A 28 -0.15 -13.78 4.75
C SER A 28 0.88 -14.90 4.66
N GLU A 29 1.09 -15.43 3.48
CA GLU A 29 2.10 -16.52 3.32
C GLU A 29 3.51 -15.97 3.43
N CYS A 30 3.68 -14.70 3.18
CA CYS A 30 5.05 -14.09 3.28
C CYS A 30 5.48 -14.00 4.74
N SER A 31 6.76 -14.14 4.99
CA SER A 31 7.26 -14.05 6.40
C SER A 31 6.99 -12.67 7.00
N LYS A 32 6.57 -11.74 6.19
CA LYS A 32 6.30 -10.38 6.71
C LYS A 32 5.18 -9.70 5.90
N PRO A 33 4.20 -9.20 6.61
CA PRO A 33 3.06 -8.52 5.95
C PRO A 33 3.49 -7.15 5.41
N GLY A 34 2.56 -6.38 4.91
CA GLY A 34 2.93 -5.05 4.36
C GLY A 34 1.87 -4.60 3.36
N VAL A 35 1.53 -3.35 3.35
CA VAL A 35 0.51 -2.85 2.38
C VAL A 35 1.21 -2.14 1.23
N ILE A 36 1.11 -2.65 0.03
CA ILE A 36 1.78 -1.97 -1.10
C ILE A 36 0.78 -1.15 -1.90
N PHE A 37 1.12 0.07 -2.19
CA PHE A 37 0.17 0.93 -2.97
C PHE A 37 0.51 0.85 -4.46
N LEU A 38 -0.49 0.72 -5.29
CA LEU A 38 -0.23 0.67 -6.75
C LEU A 38 -0.49 2.04 -7.37
N THR A 39 0.49 2.61 -7.99
CA THR A 39 0.29 3.97 -8.58
C THR A 39 -0.23 3.85 -10.02
N LYS A 40 -0.79 4.90 -10.53
CA LYS A 40 -1.31 4.85 -11.93
C LYS A 40 -0.16 4.64 -12.92
N LYS A 41 1.02 5.07 -12.58
CA LYS A 41 2.18 4.89 -13.51
C LYS A 41 2.58 3.41 -13.59
N GLY A 42 2.03 2.61 -12.72
CA GLY A 42 2.36 1.16 -12.73
C GLY A 42 3.45 0.87 -11.69
N ARG A 43 3.70 1.79 -10.81
CA ARG A 43 4.74 1.56 -9.77
C ARG A 43 4.12 0.95 -8.50
N GLN A 44 4.91 0.71 -7.50
CA GLN A 44 4.35 0.13 -6.23
C GLN A 44 5.14 0.63 -5.03
N VAL A 45 4.47 0.90 -3.94
CA VAL A 45 5.17 1.38 -2.71
C VAL A 45 4.95 0.37 -1.58
N CYS A 46 5.62 0.54 -0.47
CA CYS A 46 5.43 -0.42 0.66
C CYS A 46 5.34 0.32 1.99
N ALA A 47 4.22 0.25 2.66
CA ALA A 47 4.08 0.96 3.96
C ALA A 47 3.61 0.00 5.06
N LYS A 48 3.80 0.36 6.29
CA LYS A 48 3.36 -0.54 7.40
C LYS A 48 1.85 -0.75 7.34
N PRO A 49 1.37 -1.56 8.24
CA PRO A 49 -0.09 -1.86 8.30
C PRO A 49 -0.85 -0.65 8.84
N SER A 50 -0.27 0.08 9.74
CA SER A 50 -0.96 1.27 10.32
C SER A 50 0.00 2.46 10.39
N GLY A 51 0.81 2.64 9.39
CA GLY A 51 1.77 3.79 9.41
C GLY A 51 0.98 5.10 9.40
N PRO A 52 1.64 6.14 9.86
CA PRO A 52 0.99 7.48 9.91
C PRO A 52 0.81 8.04 8.49
N GLY A 53 -0.33 7.83 7.92
CA GLY A 53 -0.58 8.35 6.55
C GLY A 53 -0.97 7.18 5.63
N VAL A 54 -0.55 5.99 5.96
CA VAL A 54 -0.89 4.82 5.12
C VAL A 54 -2.41 4.62 5.09
N GLN A 55 -3.05 4.72 6.22
CA GLN A 55 -4.53 4.55 6.24
C GLN A 55 -5.17 5.72 5.51
N ASP A 56 -4.53 6.86 5.52
CA ASP A 56 -5.08 8.04 4.80
C ASP A 56 -5.03 7.77 3.30
N CYS A 57 -4.00 7.12 2.83
CA CYS A 57 -3.91 6.81 1.38
C CYS A 57 -5.04 5.86 1.00
N MET A 58 -5.24 4.83 1.79
CA MET A 58 -6.32 3.86 1.47
C MET A 58 -7.70 4.53 1.65
N LYS A 59 -7.79 5.52 2.48
CA LYS A 59 -9.10 6.20 2.68
C LYS A 59 -9.50 6.88 1.37
N LYS A 60 -8.58 7.56 0.75
CA LYS A 60 -8.89 8.23 -0.54
C LYS A 60 -9.15 7.18 -1.62
N LEU A 61 -8.51 6.05 -1.52
CA LEU A 61 -8.72 4.98 -2.54
C LEU A 61 -10.05 4.26 -2.28
N LYS A 62 -10.81 4.71 -1.33
CA LYS A 62 -12.12 4.05 -1.04
C LYS A 62 -13.18 5.09 -0.66
N PRO A 63 -13.83 5.60 -1.66
CA PRO A 63 -14.89 6.62 -1.43
C PRO A 63 -16.18 5.95 -0.93
N TYR A 64 -16.91 6.61 -0.07
CA TYR A 64 -18.17 6.00 0.44
C TYR A 64 -18.97 7.05 1.23
N SER A 65 -19.08 8.23 0.71
CA SER A 65 -19.85 9.29 1.44
C SER A 65 -20.78 10.02 0.47
N ILE A 66 -21.77 9.33 -0.04
CA ILE A 66 -22.73 9.98 -0.98
C ILE A 66 -24.16 9.63 -0.61
N HIS A 1 -8.18 -17.19 -6.98
CA HIS A 1 -7.04 -16.61 -6.19
C HIS A 1 -6.56 -15.31 -6.84
N PHE A 2 -5.39 -14.87 -6.50
CA PHE A 2 -4.86 -13.59 -7.10
C PHE A 2 -3.38 -13.42 -6.76
N ALA A 3 -2.67 -12.67 -7.54
CA ALA A 3 -1.22 -12.46 -7.27
C ALA A 3 -1.04 -11.70 -5.95
N ALA A 4 0.04 -11.97 -5.24
CA ALA A 4 0.27 -11.27 -3.96
C ALA A 4 1.73 -10.83 -3.86
N ASP A 5 2.01 -9.78 -3.13
CA ASP A 5 3.42 -9.32 -3.00
C ASP A 5 3.78 -9.11 -1.53
N CYS A 6 5.03 -8.90 -1.25
CA CYS A 6 5.46 -8.67 0.17
C CYS A 6 6.65 -7.72 0.21
N CYS A 7 6.96 -7.18 1.37
CA CYS A 7 8.12 -6.24 1.46
C CYS A 7 8.85 -6.41 2.79
N THR A 8 10.12 -6.13 2.81
CA THR A 8 10.91 -6.25 4.06
C THR A 8 11.04 -4.87 4.72
N SER A 9 11.00 -3.84 3.91
CA SER A 9 11.11 -2.45 4.46
C SER A 9 9.93 -1.61 3.96
N TYR A 10 10.00 -0.31 4.08
CA TYR A 10 8.88 0.54 3.61
C TYR A 10 9.40 1.89 3.11
N ILE A 11 8.52 2.81 2.83
CA ILE A 11 8.98 4.14 2.33
C ILE A 11 9.69 4.91 3.45
N SER A 12 10.50 5.88 3.11
CA SER A 12 11.23 6.64 4.15
C SER A 12 10.45 7.90 4.53
N GLN A 13 9.31 8.11 3.93
CA GLN A 13 8.51 9.32 4.27
C GLN A 13 7.02 9.01 4.11
N SER A 14 6.17 9.94 4.47
CA SER A 14 4.70 9.70 4.33
C SER A 14 4.40 9.10 2.96
N ILE A 15 3.37 8.29 2.88
CA ILE A 15 3.02 7.68 1.56
C ILE A 15 2.45 8.75 0.63
N PRO A 16 2.90 8.73 -0.60
CA PRO A 16 2.46 9.72 -1.60
C PRO A 16 1.09 9.33 -2.18
N CYS A 17 0.05 9.39 -1.40
CA CYS A 17 -1.30 9.03 -1.92
C CYS A 17 -1.69 9.98 -3.06
N SER A 18 -1.02 11.09 -3.17
CA SER A 18 -1.37 12.06 -4.25
C SER A 18 -1.01 11.51 -5.63
N LEU A 19 -0.50 10.31 -5.70
CA LEU A 19 -0.14 9.73 -7.02
C LEU A 19 -0.56 8.26 -7.09
N MET A 20 -1.19 7.75 -6.07
CA MET A 20 -1.61 6.32 -6.10
C MET A 20 -3.06 6.21 -6.57
N LYS A 21 -3.32 5.31 -7.48
CA LYS A 21 -4.72 5.15 -7.98
C LYS A 21 -5.42 4.04 -7.18
N SER A 22 -4.66 3.15 -6.59
CA SER A 22 -5.29 2.04 -5.81
C SER A 22 -4.32 1.57 -4.72
N TYR A 23 -4.75 0.65 -3.89
CA TYR A 23 -3.85 0.13 -2.81
C TYR A 23 -4.21 -1.32 -2.50
N PHE A 24 -3.26 -2.11 -2.06
CA PHE A 24 -3.59 -3.53 -1.74
C PHE A 24 -2.71 -4.05 -0.61
N GLU A 25 -3.25 -4.88 0.23
CA GLU A 25 -2.44 -5.43 1.35
C GLU A 25 -1.78 -6.72 0.89
N THR A 26 -0.71 -7.13 1.53
CA THR A 26 -0.04 -8.38 1.10
C THR A 26 -0.79 -9.60 1.64
N SER A 27 -0.22 -10.76 1.51
CA SER A 27 -0.90 -11.99 2.02
C SER A 27 -0.37 -12.35 3.40
N SER A 28 -1.21 -12.84 4.27
CA SER A 28 -0.74 -13.21 5.63
C SER A 28 0.21 -14.42 5.58
N GLU A 29 0.36 -15.00 4.42
CA GLU A 29 1.26 -16.18 4.28
C GLU A 29 2.73 -15.72 4.34
N CYS A 30 2.99 -14.48 4.01
CA CYS A 30 4.39 -13.98 4.03
C CYS A 30 4.86 -13.80 5.48
N SER A 31 6.13 -14.02 5.73
CA SER A 31 6.64 -13.85 7.12
C SER A 31 6.53 -12.40 7.57
N LYS A 32 6.16 -11.51 6.69
CA LYS A 32 6.04 -10.08 7.06
C LYS A 32 4.92 -9.41 6.26
N PRO A 33 4.00 -8.82 6.96
CA PRO A 33 2.85 -8.14 6.30
C PRO A 33 3.31 -6.82 5.68
N GLY A 34 2.40 -6.09 5.10
CA GLY A 34 2.76 -4.80 4.48
C GLY A 34 1.71 -4.40 3.46
N VAL A 35 1.61 -3.15 3.14
CA VAL A 35 0.59 -2.70 2.14
C VAL A 35 1.29 -1.91 1.03
N ILE A 36 1.03 -2.24 -0.20
CA ILE A 36 1.69 -1.49 -1.31
C ILE A 36 0.66 -0.72 -2.12
N PHE A 37 0.92 0.52 -2.41
CA PHE A 37 -0.04 1.33 -3.21
C PHE A 37 0.35 1.25 -4.68
N LEU A 38 -0.61 1.11 -5.56
CA LEU A 38 -0.28 1.04 -7.00
C LEU A 38 -0.46 2.42 -7.62
N THR A 39 0.55 2.95 -8.24
CA THR A 39 0.43 4.31 -8.84
C THR A 39 -0.06 4.20 -10.28
N LYS A 40 -0.86 5.13 -10.71
CA LYS A 40 -1.37 5.08 -12.11
C LYS A 40 -0.21 5.26 -13.09
N LYS A 41 0.82 5.97 -12.70
CA LYS A 41 1.98 6.19 -13.60
C LYS A 41 2.76 4.88 -13.80
N GLY A 42 2.38 3.85 -13.10
CA GLY A 42 3.10 2.55 -13.24
C GLY A 42 4.21 2.47 -12.18
N ARG A 43 3.85 2.46 -10.93
CA ARG A 43 4.88 2.36 -9.85
C ARG A 43 4.31 1.64 -8.63
N GLN A 44 5.11 1.39 -7.63
CA GLN A 44 4.60 0.71 -6.42
C GLN A 44 5.32 1.21 -5.16
N VAL A 45 4.58 1.49 -4.13
CA VAL A 45 5.21 1.97 -2.86
C VAL A 45 5.01 0.93 -1.77
N CYS A 46 6.00 0.73 -0.93
CA CYS A 46 5.85 -0.29 0.15
C CYS A 46 5.75 0.41 1.52
N ALA A 47 4.64 0.27 2.19
CA ALA A 47 4.49 0.93 3.52
C ALA A 47 4.18 -0.10 4.61
N LYS A 48 4.51 0.21 5.83
CA LYS A 48 4.24 -0.74 6.94
C LYS A 48 2.74 -1.07 7.00
N PRO A 49 2.42 -2.06 7.79
CA PRO A 49 1.00 -2.47 7.95
C PRO A 49 0.23 -1.42 8.73
N SER A 50 0.86 -0.77 9.68
CA SER A 50 0.17 0.28 10.46
C SER A 50 0.89 1.61 10.33
N GLY A 51 1.66 1.78 9.28
CA GLY A 51 2.40 3.06 9.08
C GLY A 51 1.45 4.23 9.33
N PRO A 52 1.99 5.27 9.91
CA PRO A 52 1.18 6.47 10.21
C PRO A 52 0.80 7.19 8.93
N GLY A 53 -0.41 7.00 8.47
CA GLY A 53 -0.85 7.68 7.21
C GLY A 53 -1.13 6.63 6.13
N VAL A 54 -0.50 5.49 6.21
CA VAL A 54 -0.73 4.43 5.19
C VAL A 54 -2.18 3.96 5.23
N GLN A 55 -2.71 3.73 6.39
CA GLN A 55 -4.13 3.27 6.48
C GLN A 55 -5.04 4.41 6.03
N ASP A 56 -4.73 5.61 6.41
CA ASP A 56 -5.57 6.76 5.98
C ASP A 56 -5.45 6.89 4.47
N CYS A 57 -4.37 6.43 3.91
CA CYS A 57 -4.20 6.51 2.44
C CYS A 57 -5.22 5.58 1.76
N MET A 58 -5.27 4.35 2.17
CA MET A 58 -6.25 3.41 1.55
C MET A 58 -7.68 3.82 1.93
N LYS A 59 -7.84 4.50 3.03
CA LYS A 59 -9.20 4.93 3.44
C LYS A 59 -9.74 5.93 2.42
N LYS A 60 -8.94 6.88 2.04
CA LYS A 60 -9.39 7.89 1.03
C LYS A 60 -9.53 7.22 -0.34
N LEU A 61 -8.78 6.18 -0.60
CA LEU A 61 -8.87 5.50 -1.92
C LEU A 61 -10.14 4.66 -2.02
N LYS A 62 -10.97 4.68 -1.01
CA LYS A 62 -12.22 3.87 -1.06
C LYS A 62 -13.03 4.24 -2.30
N PRO A 63 -13.41 3.23 -3.03
CA PRO A 63 -14.21 3.44 -4.27
C PRO A 63 -15.64 3.86 -3.93
N TYR A 64 -16.36 4.39 -4.88
CA TYR A 64 -17.77 4.81 -4.61
C TYR A 64 -18.63 4.61 -5.84
N SER A 65 -18.14 3.89 -6.82
CA SER A 65 -18.93 3.66 -8.06
C SER A 65 -18.64 2.27 -8.62
N ILE A 66 -19.46 1.78 -9.51
CA ILE A 66 -19.22 0.44 -10.10
C ILE A 66 -19.12 -0.61 -8.99
N HIS A 1 -2.16 -15.82 -13.29
CA HIS A 1 -0.79 -15.23 -13.29
C HIS A 1 -0.68 -14.13 -12.23
N PHE A 2 -0.48 -14.52 -10.99
CA PHE A 2 -0.37 -13.49 -9.91
C PHE A 2 0.13 -14.15 -8.61
N ALA A 3 1.17 -13.63 -8.04
CA ALA A 3 1.71 -14.22 -6.78
C ALA A 3 1.55 -13.22 -5.62
N ALA A 4 1.90 -13.62 -4.42
CA ALA A 4 1.77 -12.70 -3.26
C ALA A 4 2.75 -11.54 -3.39
N ASP A 5 2.54 -10.48 -2.66
CA ASP A 5 3.46 -9.31 -2.75
C ASP A 5 4.02 -8.97 -1.37
N CYS A 6 5.24 -9.35 -1.09
CA CYS A 6 5.84 -9.05 0.23
C CYS A 6 6.64 -7.75 0.17
N CYS A 7 6.64 -6.99 1.24
CA CYS A 7 7.40 -5.70 1.23
C CYS A 7 8.83 -5.93 1.74
N THR A 8 9.80 -5.32 1.12
CA THR A 8 11.20 -5.48 1.57
C THR A 8 11.66 -4.20 2.29
N SER A 9 10.95 -3.13 2.09
CA SER A 9 11.32 -1.84 2.74
C SER A 9 10.13 -0.88 2.65
N TYR A 10 9.85 -0.16 3.70
CA TYR A 10 8.70 0.78 3.66
C TYR A 10 9.16 2.16 3.18
N ILE A 11 8.25 3.08 3.05
CA ILE A 11 8.64 4.44 2.58
C ILE A 11 9.36 5.19 3.70
N SER A 12 9.84 6.38 3.43
CA SER A 12 10.56 7.14 4.50
C SER A 12 9.69 8.26 5.06
N GLN A 13 8.51 8.42 4.55
CA GLN A 13 7.61 9.49 5.07
C GLN A 13 6.14 9.14 4.80
N SER A 14 5.25 10.05 5.03
CA SER A 14 3.81 9.76 4.79
C SER A 14 3.62 9.14 3.41
N ILE A 15 2.64 8.30 3.25
CA ILE A 15 2.43 7.67 1.92
C ILE A 15 1.85 8.70 0.94
N PRO A 16 2.41 8.70 -0.24
CA PRO A 16 1.97 9.65 -1.29
C PRO A 16 0.71 9.13 -1.99
N CYS A 17 -0.43 9.35 -1.41
CA CYS A 17 -1.69 8.86 -2.06
C CYS A 17 -1.90 9.57 -3.39
N SER A 18 -1.39 10.77 -3.52
CA SER A 18 -1.57 11.52 -4.80
C SER A 18 -0.76 10.86 -5.92
N LEU A 19 -0.02 9.84 -5.60
CA LEU A 19 0.79 9.13 -6.65
C LEU A 19 0.42 7.66 -6.69
N MET A 20 -0.78 7.32 -6.31
CA MET A 20 -1.20 5.88 -6.33
C MET A 20 -2.67 5.76 -6.72
N LYS A 21 -3.01 4.77 -7.48
CA LYS A 21 -4.43 4.59 -7.90
C LYS A 21 -5.16 3.64 -6.95
N SER A 22 -4.44 2.78 -6.28
CA SER A 22 -5.11 1.82 -5.35
C SER A 22 -4.15 1.35 -4.26
N TYR A 23 -4.61 0.49 -3.38
CA TYR A 23 -3.74 -0.01 -2.28
C TYR A 23 -4.17 -1.44 -1.90
N PHE A 24 -3.26 -2.24 -1.42
CA PHE A 24 -3.65 -3.64 -1.03
C PHE A 24 -2.75 -4.14 0.09
N GLU A 25 -3.29 -4.96 0.96
CA GLU A 25 -2.48 -5.51 2.08
C GLU A 25 -1.90 -6.86 1.68
N THR A 26 -0.66 -7.13 2.02
CA THR A 26 -0.06 -8.43 1.64
C THR A 26 -0.87 -9.58 2.23
N SER A 27 -0.35 -10.78 2.22
CA SER A 27 -1.10 -11.93 2.77
C SER A 27 -0.28 -12.64 3.85
N SER A 28 -0.85 -13.63 4.47
CA SER A 28 -0.12 -14.38 5.52
C SER A 28 0.98 -15.22 4.88
N GLU A 29 0.87 -15.46 3.61
CA GLU A 29 1.91 -16.26 2.90
C GLU A 29 3.16 -15.43 2.68
N CYS A 30 3.04 -14.12 2.68
CA CYS A 30 4.24 -13.28 2.46
C CYS A 30 5.17 -13.33 3.67
N SER A 31 6.46 -13.40 3.44
CA SER A 31 7.44 -13.45 4.56
C SER A 31 7.39 -12.15 5.36
N LYS A 32 6.75 -11.15 4.83
CA LYS A 32 6.66 -9.85 5.55
C LYS A 32 5.37 -9.12 5.16
N PRO A 33 4.57 -8.83 6.15
CA PRO A 33 3.29 -8.13 5.90
C PRO A 33 3.53 -6.65 5.56
N GLY A 34 2.49 -5.92 5.32
CA GLY A 34 2.65 -4.47 4.98
C GLY A 34 1.64 -4.09 3.89
N VAL A 35 1.34 -2.83 3.78
CA VAL A 35 0.36 -2.39 2.75
C VAL A 35 1.09 -1.75 1.58
N ILE A 36 0.95 -2.30 0.39
CA ILE A 36 1.65 -1.71 -0.78
C ILE A 36 0.66 -0.95 -1.65
N PHE A 37 0.98 0.26 -2.01
CA PHE A 37 0.06 1.05 -2.89
C PHE A 37 0.47 0.86 -4.34
N LEU A 38 -0.48 0.64 -5.21
CA LEU A 38 -0.12 0.44 -6.65
C LEU A 38 -0.34 1.75 -7.41
N THR A 39 0.68 2.21 -8.08
CA THR A 39 0.56 3.49 -8.84
C THR A 39 0.13 3.23 -10.29
N LYS A 40 -0.62 4.12 -10.85
CA LYS A 40 -1.07 3.94 -12.27
C LYS A 40 0.13 3.98 -13.22
N LYS A 41 1.17 4.70 -12.87
CA LYS A 41 2.35 4.78 -13.77
C LYS A 41 3.11 3.45 -13.77
N GLY A 42 2.67 2.50 -13.00
CA GLY A 42 3.36 1.18 -12.96
C GLY A 42 4.43 1.18 -11.86
N ARG A 43 4.03 1.33 -10.63
CA ARG A 43 5.01 1.34 -9.52
C ARG A 43 4.38 0.79 -8.24
N GLN A 44 5.13 0.63 -7.20
CA GLN A 44 4.55 0.09 -5.94
C GLN A 44 5.27 0.66 -4.73
N VAL A 45 4.53 1.10 -3.75
CA VAL A 45 5.16 1.66 -2.52
C VAL A 45 4.97 0.67 -1.37
N CYS A 46 5.87 0.69 -0.41
CA CYS A 46 5.72 -0.26 0.73
C CYS A 46 5.45 0.49 2.04
N ALA A 47 4.44 0.10 2.76
CA ALA A 47 4.14 0.79 4.04
C ALA A 47 3.95 -0.23 5.17
N LYS A 48 4.16 0.17 6.39
CA LYS A 48 3.99 -0.78 7.52
C LYS A 48 2.53 -1.21 7.62
N PRO A 49 2.27 -2.10 8.55
CA PRO A 49 0.89 -2.60 8.75
C PRO A 49 0.02 -1.51 9.38
N SER A 50 0.59 -0.69 10.21
CA SER A 50 -0.20 0.39 10.86
C SER A 50 0.53 1.72 10.73
N GLY A 51 1.17 1.96 9.62
CA GLY A 51 1.91 3.24 9.45
C GLY A 51 0.97 4.42 9.72
N PRO A 52 1.50 5.42 10.36
CA PRO A 52 0.71 6.62 10.69
C PRO A 52 0.37 7.41 9.43
N GLY A 53 -0.71 7.08 8.79
CA GLY A 53 -1.10 7.80 7.54
C GLY A 53 -1.31 6.80 6.41
N VAL A 54 -0.70 5.64 6.51
CA VAL A 54 -0.88 4.62 5.44
C VAL A 54 -2.34 4.19 5.34
N GLN A 55 -2.98 3.98 6.46
CA GLN A 55 -4.41 3.58 6.42
C GLN A 55 -5.24 4.74 5.90
N ASP A 56 -4.85 5.94 6.22
CA ASP A 56 -5.61 7.12 5.72
C ASP A 56 -5.44 7.21 4.21
N CYS A 57 -4.31 6.78 3.70
CA CYS A 57 -4.09 6.83 2.23
C CYS A 57 -5.06 5.86 1.55
N MET A 58 -5.20 4.68 2.08
CA MET A 58 -6.15 3.71 1.47
C MET A 58 -7.58 4.20 1.63
N LYS A 59 -7.87 4.88 2.71
CA LYS A 59 -9.24 5.39 2.92
C LYS A 59 -9.56 6.43 1.85
N LYS A 60 -8.61 7.27 1.53
CA LYS A 60 -8.84 8.30 0.48
C LYS A 60 -8.93 7.62 -0.89
N LEU A 61 -8.32 6.47 -1.04
CA LEU A 61 -8.38 5.76 -2.36
C LEU A 61 -9.75 5.11 -2.55
N LYS A 62 -10.64 5.29 -1.61
CA LYS A 62 -11.99 4.68 -1.75
C LYS A 62 -13.06 5.77 -1.84
N PRO A 63 -13.14 6.36 -3.01
CA PRO A 63 -14.12 7.44 -3.26
C PRO A 63 -15.53 6.87 -3.45
N TYR A 64 -16.17 6.46 -2.39
CA TYR A 64 -17.55 5.90 -2.52
C TYR A 64 -18.38 6.24 -1.30
N SER A 65 -18.32 7.47 -0.85
CA SER A 65 -19.12 7.87 0.34
C SER A 65 -19.95 9.12 0.04
N ILE A 66 -21.23 9.05 0.26
CA ILE A 66 -22.10 10.23 -0.03
C ILE A 66 -22.17 11.16 1.19
N HIS A 1 -4.71 -17.00 -7.86
CA HIS A 1 -5.12 -15.64 -7.44
C HIS A 1 -3.98 -14.65 -7.65
N PHE A 2 -4.15 -13.42 -7.22
CA PHE A 2 -3.06 -12.42 -7.39
C PHE A 2 -2.68 -11.82 -6.04
N ALA A 3 -1.87 -12.51 -5.28
CA ALA A 3 -1.46 -11.97 -3.95
C ALA A 3 -0.15 -12.63 -3.50
N ALA A 4 0.84 -11.84 -3.18
CA ALA A 4 2.15 -12.43 -2.73
C ALA A 4 3.21 -11.34 -2.62
N ASP A 5 3.14 -10.34 -3.46
CA ASP A 5 4.15 -9.24 -3.40
C ASP A 5 4.33 -8.76 -1.96
N CYS A 6 5.26 -9.34 -1.24
CA CYS A 6 5.48 -8.91 0.18
C CYS A 6 6.56 -7.83 0.23
N CYS A 7 6.38 -6.81 1.03
CA CYS A 7 7.40 -5.74 1.13
C CYS A 7 8.42 -6.07 2.21
N THR A 8 9.67 -5.86 1.94
CA THR A 8 10.72 -6.14 2.96
C THR A 8 11.18 -4.83 3.60
N SER A 9 10.76 -3.72 3.05
CA SER A 9 11.15 -2.40 3.62
C SER A 9 10.11 -1.35 3.22
N TYR A 10 9.76 -0.47 4.11
CA TYR A 10 8.75 0.57 3.78
C TYR A 10 9.44 1.82 3.23
N ILE A 11 8.70 2.75 2.71
CA ILE A 11 9.33 3.98 2.16
C ILE A 11 10.13 4.70 3.24
N SER A 12 11.03 5.55 2.86
CA SER A 12 11.85 6.28 3.87
C SER A 12 11.23 7.65 4.13
N GLN A 13 10.21 8.01 3.41
CA GLN A 13 9.56 9.33 3.62
C GLN A 13 8.04 9.17 3.62
N SER A 14 7.31 10.26 3.70
CA SER A 14 5.83 10.18 3.71
C SER A 14 5.33 9.45 2.47
N ILE A 15 4.25 8.72 2.58
CA ILE A 15 3.70 7.99 1.41
C ILE A 15 3.07 8.98 0.42
N PRO A 16 3.29 8.73 -0.84
CA PRO A 16 2.73 9.60 -1.90
C PRO A 16 1.27 9.22 -2.17
N CYS A 17 0.43 9.35 -1.17
CA CYS A 17 -1.01 8.99 -1.35
C CYS A 17 -1.67 9.91 -2.37
N SER A 18 -1.13 11.08 -2.58
CA SER A 18 -1.72 12.03 -3.55
C SER A 18 -1.56 11.53 -5.00
N LEU A 19 -0.99 10.36 -5.19
CA LEU A 19 -0.82 9.85 -6.58
C LEU A 19 -1.12 8.36 -6.65
N MET A 20 -1.69 7.79 -5.62
CA MET A 20 -2.00 6.33 -5.67
C MET A 20 -3.43 6.10 -6.16
N LYS A 21 -3.59 5.21 -7.11
CA LYS A 21 -4.95 4.93 -7.65
C LYS A 21 -5.56 3.70 -6.97
N SER A 22 -4.74 2.81 -6.45
CA SER A 22 -5.30 1.59 -5.79
C SER A 22 -4.26 0.90 -4.90
N TYR A 23 -4.53 0.80 -3.62
CA TYR A 23 -3.57 0.14 -2.69
C TYR A 23 -3.99 -1.32 -2.47
N PHE A 24 -3.08 -2.16 -2.05
CA PHE A 24 -3.47 -3.59 -1.80
C PHE A 24 -2.61 -4.19 -0.69
N GLU A 25 -3.18 -5.06 0.10
CA GLU A 25 -2.40 -5.70 1.21
C GLU A 25 -1.76 -6.98 0.70
N THR A 26 -0.59 -7.31 1.18
CA THR A 26 0.08 -8.55 0.72
C THR A 26 -0.59 -9.78 1.34
N SER A 27 -0.14 -10.95 0.97
CA SER A 27 -0.76 -12.18 1.53
C SER A 27 -0.34 -12.38 2.99
N SER A 28 -1.25 -12.76 3.84
CA SER A 28 -0.88 -12.98 5.27
C SER A 28 0.01 -14.22 5.41
N GLU A 29 0.23 -14.91 4.33
CA GLU A 29 1.10 -16.12 4.39
C GLU A 29 2.57 -15.72 4.58
N CYS A 30 2.90 -14.51 4.23
CA CYS A 30 4.31 -14.05 4.38
C CYS A 30 4.65 -13.89 5.87
N SER A 31 5.87 -14.15 6.24
CA SER A 31 6.27 -13.99 7.67
C SER A 31 6.09 -12.54 8.13
N LYS A 32 5.86 -11.66 7.20
CA LYS A 32 5.67 -10.22 7.56
C LYS A 32 4.71 -9.57 6.55
N PRO A 33 3.59 -9.11 7.06
CA PRO A 33 2.58 -8.46 6.19
C PRO A 33 3.09 -7.11 5.69
N GLY A 34 2.26 -6.38 5.00
CA GLY A 34 2.69 -5.06 4.48
C GLY A 34 1.64 -4.55 3.49
N VAL A 35 1.67 -3.28 3.19
CA VAL A 35 0.68 -2.71 2.24
C VAL A 35 1.42 -2.01 1.09
N ILE A 36 1.16 -2.41 -0.12
CA ILE A 36 1.84 -1.74 -1.27
C ILE A 36 0.84 -0.82 -1.98
N PHE A 37 1.19 0.42 -2.15
CA PHE A 37 0.26 1.36 -2.84
C PHE A 37 0.54 1.33 -4.34
N LEU A 38 -0.49 1.29 -5.15
CA LEU A 38 -0.27 1.27 -6.62
C LEU A 38 -0.47 2.68 -7.19
N THR A 39 0.54 3.23 -7.82
CA THR A 39 0.40 4.61 -8.36
C THR A 39 -0.09 4.55 -9.81
N LYS A 40 -0.80 5.56 -10.23
CA LYS A 40 -1.30 5.59 -11.64
C LYS A 40 -0.12 5.66 -12.61
N LYS A 41 0.97 6.26 -12.20
CA LYS A 41 2.16 6.37 -13.10
C LYS A 41 2.81 5.01 -13.30
N GLY A 42 2.31 3.99 -12.64
CA GLY A 42 2.90 2.64 -12.80
C GLY A 42 4.09 2.50 -11.84
N ARG A 43 3.86 2.66 -10.57
CA ARG A 43 4.97 2.53 -9.59
C ARG A 43 4.43 2.03 -8.25
N GLN A 44 4.96 0.95 -7.75
CA GLN A 44 4.45 0.41 -6.46
C GLN A 44 5.29 0.94 -5.28
N VAL A 45 4.69 1.07 -4.13
CA VAL A 45 5.43 1.59 -2.94
C VAL A 45 5.25 0.63 -1.77
N CYS A 46 6.20 0.56 -0.87
CA CYS A 46 6.04 -0.35 0.31
C CYS A 46 5.63 0.46 1.53
N ALA A 47 4.62 0.03 2.24
CA ALA A 47 4.20 0.78 3.45
C ALA A 47 3.96 -0.15 4.63
N LYS A 48 4.09 0.34 5.83
CA LYS A 48 3.87 -0.51 7.03
C LYS A 48 2.41 -0.98 7.08
N PRO A 49 2.13 -1.78 8.07
CA PRO A 49 0.74 -2.30 8.26
C PRO A 49 -0.19 -1.18 8.72
N SER A 50 0.29 -0.34 9.60
CA SER A 50 -0.56 0.77 10.10
C SER A 50 0.25 2.08 10.14
N GLY A 51 1.13 2.26 9.19
CA GLY A 51 1.95 3.50 9.17
C GLY A 51 1.07 4.70 9.48
N PRO A 52 1.68 5.73 10.00
CA PRO A 52 0.93 6.96 10.35
C PRO A 52 0.44 7.68 9.09
N GLY A 53 -0.74 7.39 8.66
CA GLY A 53 -1.28 8.04 7.43
C GLY A 53 -1.42 7.00 6.31
N VAL A 54 -0.72 5.91 6.42
CA VAL A 54 -0.81 4.85 5.36
C VAL A 54 -2.24 4.33 5.28
N GLN A 55 -2.85 4.05 6.40
CA GLN A 55 -4.25 3.55 6.37
C GLN A 55 -5.16 4.67 5.88
N ASP A 56 -4.80 5.89 6.15
CA ASP A 56 -5.63 7.03 5.68
C ASP A 56 -5.58 7.09 4.16
N CYS A 57 -4.46 6.77 3.58
CA CYS A 57 -4.35 6.79 2.10
C CYS A 57 -5.28 5.71 1.51
N MET A 58 -5.23 4.52 2.05
CA MET A 58 -6.13 3.45 1.53
C MET A 58 -7.58 3.78 1.87
N LYS A 59 -7.80 4.58 2.89
CA LYS A 59 -9.19 4.94 3.26
C LYS A 59 -9.82 5.76 2.14
N LYS A 60 -9.13 6.77 1.69
CA LYS A 60 -9.66 7.61 0.59
C LYS A 60 -9.67 6.81 -0.72
N LEU A 61 -8.81 5.82 -0.83
CA LEU A 61 -8.77 5.01 -2.07
C LEU A 61 -9.93 4.02 -2.10
N LYS A 62 -10.81 4.08 -1.13
CA LYS A 62 -11.96 3.13 -1.11
C LYS A 62 -12.95 3.48 -2.23
N PRO A 63 -13.14 2.54 -3.12
CA PRO A 63 -14.06 2.74 -4.26
C PRO A 63 -15.52 2.67 -3.78
N TYR A 64 -16.45 2.65 -4.70
CA TYR A 64 -17.89 2.57 -4.33
C TYR A 64 -18.22 3.56 -3.20
N SER A 65 -17.56 4.68 -3.16
CA SER A 65 -17.85 5.68 -2.09
C SER A 65 -19.35 5.94 -2.01
N ILE A 66 -19.81 6.57 -0.96
CA ILE A 66 -21.27 6.86 -0.84
C ILE A 66 -21.50 8.36 -0.74
N HIS A 1 -0.88 -22.70 1.29
CA HIS A 1 -1.38 -21.36 0.86
C HIS A 1 -0.56 -20.85 -0.34
N PHE A 2 -0.85 -19.68 -0.81
CA PHE A 2 -0.10 -19.14 -1.98
C PHE A 2 -0.01 -17.61 -1.88
N ALA A 3 1.18 -17.08 -1.90
CA ALA A 3 1.33 -15.60 -1.82
C ALA A 3 1.54 -14.99 -3.20
N ALA A 4 1.63 -13.69 -3.29
CA ALA A 4 1.82 -13.04 -4.62
C ALA A 4 2.75 -11.84 -4.48
N ASP A 5 2.32 -10.82 -3.79
CA ASP A 5 3.17 -9.62 -3.60
C ASP A 5 3.53 -9.43 -2.13
N CYS A 6 4.71 -8.97 -1.84
CA CYS A 6 5.11 -8.77 -0.42
C CYS A 6 6.04 -7.56 -0.29
N CYS A 7 6.02 -6.90 0.84
CA CYS A 7 6.90 -5.73 1.02
C CYS A 7 8.25 -6.15 1.62
N THR A 8 9.33 -5.62 1.12
CA THR A 8 10.66 -5.99 1.67
C THR A 8 11.11 -4.89 2.64
N SER A 9 10.50 -3.75 2.57
CA SER A 9 10.87 -2.62 3.46
C SER A 9 9.72 -1.62 3.52
N TYR A 10 10.00 -0.38 3.80
CA TYR A 10 8.90 0.63 3.85
C TYR A 10 9.43 2.01 3.46
N ILE A 11 8.59 2.85 2.94
CA ILE A 11 9.03 4.21 2.52
C ILE A 11 9.74 4.90 3.69
N SER A 12 10.26 6.08 3.47
CA SER A 12 10.98 6.78 4.57
C SER A 12 10.08 7.84 5.22
N GLN A 13 8.87 7.97 4.74
CA GLN A 13 7.94 8.98 5.33
C GLN A 13 6.49 8.58 5.07
N SER A 14 5.56 9.42 5.40
CA SER A 14 4.13 9.08 5.17
C SER A 14 3.94 8.70 3.69
N ILE A 15 3.02 7.82 3.41
CA ILE A 15 2.80 7.41 1.98
C ILE A 15 2.16 8.57 1.22
N PRO A 16 2.65 8.80 0.03
CA PRO A 16 2.10 9.88 -0.82
C PRO A 16 0.79 9.43 -1.47
N CYS A 17 -0.31 9.62 -0.80
CA CYS A 17 -1.61 9.21 -1.39
C CYS A 17 -1.84 9.96 -2.71
N SER A 18 -1.29 11.16 -2.80
CA SER A 18 -1.45 11.97 -4.04
C SER A 18 -0.67 11.38 -5.22
N LEU A 19 -0.11 10.22 -5.06
CA LEU A 19 0.67 9.60 -6.17
C LEU A 19 0.33 8.11 -6.25
N MET A 20 -0.85 7.74 -5.84
CA MET A 20 -1.25 6.31 -5.92
C MET A 20 -2.71 6.19 -6.34
N LYS A 21 -3.01 5.24 -7.20
CA LYS A 21 -4.42 5.07 -7.65
C LYS A 21 -5.14 4.05 -6.77
N SER A 22 -4.45 3.04 -6.31
CA SER A 22 -5.10 2.02 -5.44
C SER A 22 -4.12 1.48 -4.40
N TYR A 23 -4.54 0.54 -3.59
CA TYR A 23 -3.63 -0.03 -2.56
C TYR A 23 -4.03 -1.50 -2.30
N PHE A 24 -3.09 -2.32 -1.91
CA PHE A 24 -3.45 -3.75 -1.64
C PHE A 24 -2.58 -4.33 -0.53
N GLU A 25 -3.12 -5.23 0.24
CA GLU A 25 -2.33 -5.85 1.34
C GLU A 25 -1.66 -7.13 0.84
N THR A 26 -0.46 -7.38 1.28
CA THR A 26 0.25 -8.61 0.81
C THR A 26 -0.38 -9.85 1.44
N SER A 27 0.08 -11.01 1.07
CA SER A 27 -0.50 -12.27 1.65
C SER A 27 0.09 -12.52 3.04
N SER A 28 -0.72 -12.98 3.96
CA SER A 28 -0.21 -13.25 5.33
C SER A 28 0.76 -14.45 5.31
N GLU A 29 0.87 -15.09 4.18
CA GLU A 29 1.80 -16.26 4.09
C GLU A 29 3.25 -15.78 4.10
N CYS A 30 3.48 -14.53 3.77
CA CYS A 30 4.87 -14.00 3.76
C CYS A 30 5.38 -13.86 5.19
N SER A 31 6.68 -13.95 5.38
CA SER A 31 7.23 -13.82 6.75
C SER A 31 6.86 -12.46 7.35
N LYS A 32 6.47 -11.55 6.52
CA LYS A 32 6.07 -10.20 7.02
C LYS A 32 5.06 -9.55 6.06
N PRO A 33 3.95 -9.13 6.61
CA PRO A 33 2.90 -8.50 5.78
C PRO A 33 3.33 -7.09 5.36
N GLY A 34 2.44 -6.34 4.78
CA GLY A 34 2.80 -4.96 4.33
C GLY A 34 1.77 -4.48 3.30
N VAL A 35 1.47 -3.20 3.30
CA VAL A 35 0.49 -2.68 2.32
C VAL A 35 1.21 -1.96 1.18
N ILE A 36 1.09 -2.45 -0.02
CA ILE A 36 1.79 -1.78 -1.15
C ILE A 36 0.81 -0.93 -1.95
N PHE A 37 1.15 0.29 -2.24
CA PHE A 37 0.23 1.16 -3.02
C PHE A 37 0.57 1.08 -4.51
N LEU A 38 -0.40 0.94 -5.35
CA LEU A 38 -0.11 0.88 -6.81
C LEU A 38 -0.37 2.25 -7.42
N THR A 39 0.63 2.84 -8.01
CA THR A 39 0.43 4.20 -8.60
C THR A 39 -0.01 4.10 -10.06
N LYS A 40 -0.52 5.17 -10.59
CA LYS A 40 -0.99 5.16 -12.00
C LYS A 40 0.19 4.91 -12.95
N LYS A 41 1.36 5.39 -12.60
CA LYS A 41 2.53 5.20 -13.50
C LYS A 41 2.97 3.73 -13.51
N GLY A 42 2.33 2.91 -12.71
CA GLY A 42 2.70 1.47 -12.67
C GLY A 42 3.77 1.23 -11.60
N ARG A 43 3.94 2.17 -10.71
CA ARG A 43 4.97 2.00 -9.64
C ARG A 43 4.34 1.35 -8.41
N GLN A 44 5.12 1.00 -7.42
CA GLN A 44 4.54 0.37 -6.20
C GLN A 44 5.29 0.85 -4.96
N VAL A 45 4.56 1.20 -3.93
CA VAL A 45 5.19 1.69 -2.68
C VAL A 45 5.02 0.63 -1.59
N CYS A 46 5.75 0.73 -0.50
CA CYS A 46 5.61 -0.28 0.59
C CYS A 46 5.47 0.42 1.93
N ALA A 47 4.37 0.23 2.61
CA ALA A 47 4.19 0.90 3.92
C ALA A 47 3.95 -0.13 5.04
N LYS A 48 4.16 0.26 6.26
CA LYS A 48 3.94 -0.68 7.40
C LYS A 48 2.44 -0.94 7.58
N PRO A 49 2.13 -1.77 8.53
CA PRO A 49 0.71 -2.10 8.81
C PRO A 49 -0.01 -0.89 9.43
N SER A 50 0.68 -0.11 10.22
CA SER A 50 0.03 1.07 10.85
C SER A 50 0.86 2.34 10.56
N GLY A 51 1.41 2.45 9.39
CA GLY A 51 2.21 3.66 9.05
C GLY A 51 1.34 4.91 9.17
N PRO A 52 1.92 5.95 9.67
CA PRO A 52 1.18 7.23 9.84
C PRO A 52 0.91 7.88 8.48
N GLY A 53 -0.25 7.64 7.93
CA GLY A 53 -0.58 8.23 6.60
C GLY A 53 -0.96 7.12 5.62
N VAL A 54 -0.50 5.92 5.87
CA VAL A 54 -0.85 4.79 4.96
C VAL A 54 -2.36 4.59 4.93
N GLN A 55 -2.99 4.68 6.07
CA GLN A 55 -4.48 4.51 6.10
C GLN A 55 -5.13 5.69 5.39
N ASP A 56 -4.45 6.81 5.34
CA ASP A 56 -5.02 7.98 4.62
C ASP A 56 -5.05 7.68 3.12
N CYS A 57 -4.02 7.07 2.60
CA CYS A 57 -4.01 6.73 1.16
C CYS A 57 -5.14 5.74 0.86
N MET A 58 -5.26 4.74 1.68
CA MET A 58 -6.35 3.74 1.46
C MET A 58 -7.71 4.36 1.75
N LYS A 59 -7.74 5.41 2.53
CA LYS A 59 -9.04 6.06 2.85
C LYS A 59 -9.63 6.64 1.57
N LYS A 60 -8.83 7.37 0.82
CA LYS A 60 -9.35 7.95 -0.45
C LYS A 60 -9.58 6.83 -1.47
N LEU A 61 -8.80 5.78 -1.42
CA LEU A 61 -8.99 4.67 -2.41
C LEU A 61 -10.19 3.80 -2.01
N LYS A 62 -10.89 4.18 -0.97
CA LYS A 62 -12.08 3.38 -0.54
C LYS A 62 -13.37 4.09 -0.95
N PRO A 63 -14.09 3.47 -1.84
CA PRO A 63 -15.37 4.06 -2.31
C PRO A 63 -16.44 3.98 -1.21
N TYR A 64 -17.06 5.09 -0.91
CA TYR A 64 -18.10 5.08 0.15
C TYR A 64 -19.47 5.39 -0.46
N SER A 65 -19.66 5.10 -1.72
CA SER A 65 -20.96 5.38 -2.36
C SER A 65 -21.03 4.74 -3.75
N ILE A 66 -22.20 4.51 -4.26
CA ILE A 66 -22.32 3.90 -5.62
C ILE A 66 -22.01 4.94 -6.70
N HIS A 1 10.92 -11.78 -5.36
CA HIS A 1 9.96 -12.84 -4.96
C HIS A 1 8.91 -13.06 -6.07
N PHE A 2 8.29 -14.21 -6.09
CA PHE A 2 7.26 -14.47 -7.14
C PHE A 2 5.91 -14.77 -6.49
N ALA A 3 4.85 -14.57 -7.21
CA ALA A 3 3.50 -14.86 -6.65
C ALA A 3 3.21 -13.93 -5.45
N ALA A 4 2.09 -13.26 -5.46
CA ALA A 4 1.76 -12.35 -4.34
C ALA A 4 2.85 -11.28 -4.17
N ASP A 5 2.60 -10.29 -3.35
CA ASP A 5 3.62 -9.21 -3.15
C ASP A 5 3.96 -9.10 -1.66
N CYS A 6 5.20 -8.87 -1.34
CA CYS A 6 5.59 -8.74 0.09
C CYS A 6 6.71 -7.71 0.23
N CYS A 7 6.95 -7.21 1.42
CA CYS A 7 8.04 -6.21 1.60
C CYS A 7 8.70 -6.37 2.97
N THR A 8 9.97 -6.13 3.04
CA THR A 8 10.69 -6.25 4.35
C THR A 8 11.02 -4.84 4.87
N SER A 9 10.98 -3.86 4.01
CA SER A 9 11.28 -2.47 4.44
C SER A 9 10.31 -1.50 3.77
N TYR A 10 9.75 -0.58 4.52
CA TYR A 10 8.79 0.39 3.93
C TYR A 10 9.51 1.63 3.42
N ILE A 11 8.78 2.64 3.06
CA ILE A 11 9.42 3.88 2.53
C ILE A 11 10.20 4.60 3.64
N SER A 12 11.09 5.49 3.27
CA SER A 12 11.88 6.22 4.31
C SER A 12 11.27 7.61 4.52
N GLN A 13 10.17 7.90 3.88
CA GLN A 13 9.52 9.23 4.05
C GLN A 13 7.99 9.08 3.99
N SER A 14 7.29 10.16 3.84
CA SER A 14 5.80 10.09 3.78
C SER A 14 5.35 9.34 2.51
N ILE A 15 4.24 8.65 2.60
CA ILE A 15 3.74 7.91 1.41
C ILE A 15 3.18 8.88 0.38
N PRO A 16 3.39 8.56 -0.86
CA PRO A 16 2.88 9.41 -1.97
C PRO A 16 1.41 9.09 -2.24
N CYS A 17 0.57 9.28 -1.27
CA CYS A 17 -0.88 8.97 -1.45
C CYS A 17 -1.51 9.86 -2.52
N SER A 18 -0.91 10.99 -2.78
CA SER A 18 -1.47 11.90 -3.83
C SER A 18 -1.33 11.31 -5.23
N LEU A 19 -0.81 10.12 -5.35
CA LEU A 19 -0.66 9.50 -6.69
C LEU A 19 -0.98 8.00 -6.65
N MET A 20 -1.58 7.54 -5.58
CA MET A 20 -1.92 6.08 -5.53
C MET A 20 -3.35 5.84 -6.00
N LYS A 21 -3.54 4.86 -6.85
CA LYS A 21 -4.90 4.57 -7.36
C LYS A 21 -5.56 3.45 -6.53
N SER A 22 -4.82 2.44 -6.15
CA SER A 22 -5.43 1.33 -5.36
C SER A 22 -4.36 0.59 -4.53
N TYR A 23 -4.52 0.56 -3.24
CA TYR A 23 -3.52 -0.14 -2.37
C TYR A 23 -3.98 -1.58 -2.10
N PHE A 24 -3.09 -2.42 -1.61
CA PHE A 24 -3.48 -3.83 -1.32
C PHE A 24 -2.66 -4.38 -0.16
N GLU A 25 -3.26 -5.22 0.66
CA GLU A 25 -2.50 -5.80 1.81
C GLU A 25 -1.85 -7.11 1.38
N THR A 26 -0.63 -7.34 1.78
CA THR A 26 0.05 -8.61 1.38
C THR A 26 -0.77 -9.81 1.84
N SER A 27 -0.24 -11.00 1.70
CA SER A 27 -1.00 -12.21 2.12
C SER A 27 -0.23 -12.96 3.20
N SER A 28 -0.82 -13.97 3.79
CA SER A 28 -0.10 -14.73 4.85
C SER A 28 1.07 -15.50 4.24
N GLU A 29 1.09 -15.63 2.95
CA GLU A 29 2.22 -16.35 2.29
C GLU A 29 3.47 -15.47 2.27
N CYS A 30 3.29 -14.19 2.47
CA CYS A 30 4.47 -13.27 2.46
C CYS A 30 5.31 -13.48 3.73
N SER A 31 6.61 -13.51 3.59
CA SER A 31 7.47 -13.70 4.80
C SER A 31 7.21 -12.56 5.78
N LYS A 32 6.66 -11.49 5.31
CA LYS A 32 6.36 -10.33 6.20
C LYS A 32 5.19 -9.53 5.63
N PRO A 33 4.30 -9.13 6.49
CA PRO A 33 3.12 -8.36 6.07
C PRO A 33 3.52 -6.95 5.62
N GLY A 34 2.57 -6.18 5.18
CA GLY A 34 2.89 -4.80 4.73
C GLY A 34 1.81 -4.34 3.74
N VAL A 35 1.52 -3.07 3.72
CA VAL A 35 0.49 -2.55 2.77
C VAL A 35 1.19 -1.86 1.60
N ILE A 36 1.04 -2.38 0.42
CA ILE A 36 1.71 -1.72 -0.74
C ILE A 36 0.70 -0.91 -1.55
N PHE A 37 0.99 0.32 -1.80
CA PHE A 37 0.05 1.17 -2.59
C PHE A 37 0.38 1.04 -4.07
N LEU A 38 -0.61 0.88 -4.91
CA LEU A 38 -0.32 0.79 -6.37
C LEU A 38 -0.56 2.16 -7.00
N THR A 39 0.42 2.71 -7.64
CA THR A 39 0.25 4.07 -8.24
C THR A 39 -0.27 3.96 -9.67
N LYS A 40 -1.03 4.93 -10.10
CA LYS A 40 -1.58 4.90 -11.48
C LYS A 40 -0.43 4.99 -12.50
N LYS A 41 0.66 5.60 -12.12
CA LYS A 41 1.81 5.74 -13.06
C LYS A 41 2.46 4.37 -13.30
N GLY A 42 2.03 3.37 -12.57
CA GLY A 42 2.62 2.01 -12.76
C GLY A 42 3.76 1.79 -11.77
N ARG A 43 3.50 1.88 -10.50
CA ARG A 43 4.57 1.67 -9.49
C ARG A 43 3.98 1.08 -8.20
N GLN A 44 4.80 0.79 -7.23
CA GLN A 44 4.26 0.22 -5.95
C GLN A 44 5.10 0.70 -4.76
N VAL A 45 4.46 1.14 -3.71
CA VAL A 45 5.21 1.59 -2.52
C VAL A 45 4.97 0.62 -1.37
N CYS A 46 5.81 0.63 -0.36
CA CYS A 46 5.63 -0.31 0.78
C CYS A 46 5.54 0.46 2.10
N ALA A 47 4.45 0.33 2.81
CA ALA A 47 4.32 1.06 4.10
C ALA A 47 3.81 0.12 5.19
N LYS A 48 3.95 0.49 6.43
CA LYS A 48 3.47 -0.38 7.53
C LYS A 48 1.97 -0.66 7.35
N PRO A 49 1.43 -1.46 8.23
CA PRO A 49 0.00 -1.82 8.17
C PRO A 49 -0.86 -0.61 8.56
N SER A 50 -0.38 0.21 9.45
CA SER A 50 -1.16 1.41 9.88
C SER A 50 -0.24 2.62 9.97
N GLY A 51 0.66 2.77 9.04
CA GLY A 51 1.59 3.94 9.06
C GLY A 51 0.80 5.21 9.37
N PRO A 52 1.49 6.20 9.86
CA PRO A 52 0.85 7.50 10.20
C PRO A 52 0.37 8.20 8.93
N GLY A 53 -0.79 7.86 8.46
CA GLY A 53 -1.32 8.49 7.22
C GLY A 53 -1.53 7.41 6.16
N VAL A 54 -0.86 6.30 6.29
CA VAL A 54 -1.02 5.20 5.29
C VAL A 54 -2.48 4.75 5.25
N GLN A 55 -3.12 4.70 6.40
CA GLN A 55 -4.54 4.27 6.42
C GLN A 55 -5.41 5.32 5.73
N ASP A 56 -5.06 6.57 5.87
CA ASP A 56 -5.86 7.64 5.22
C ASP A 56 -5.71 7.51 3.70
N CYS A 57 -4.55 7.11 3.24
CA CYS A 57 -4.36 6.94 1.78
C CYS A 57 -5.25 5.80 1.27
N MET A 58 -5.37 4.76 2.05
CA MET A 58 -6.24 3.63 1.63
C MET A 58 -7.70 4.05 1.64
N LYS A 59 -8.06 4.92 2.54
CA LYS A 59 -9.48 5.39 2.59
C LYS A 59 -9.81 6.15 1.32
N LYS A 60 -8.94 7.02 0.90
CA LYS A 60 -9.20 7.78 -0.36
C LYS A 60 -9.14 6.82 -1.55
N LEU A 61 -8.40 5.75 -1.42
CA LEU A 61 -8.31 4.77 -2.53
C LEU A 61 -9.57 3.92 -2.59
N LYS A 62 -10.52 4.19 -1.73
CA LYS A 62 -11.78 3.38 -1.73
C LYS A 62 -13.00 4.31 -1.85
N PRO A 63 -13.44 4.51 -3.06
CA PRO A 63 -14.60 5.38 -3.32
C PRO A 63 -15.90 4.67 -2.92
N TYR A 64 -16.27 4.72 -1.67
CA TYR A 64 -17.52 4.05 -1.23
C TYR A 64 -18.63 5.08 -0.99
N SER A 65 -18.91 5.90 -1.97
CA SER A 65 -19.98 6.92 -1.81
C SER A 65 -21.16 6.61 -2.73
N ILE A 66 -22.36 6.72 -2.23
CA ILE A 66 -23.55 6.43 -3.09
C ILE A 66 -24.33 7.71 -3.37
N HIS A 1 4.70 -20.18 -9.38
CA HIS A 1 4.12 -20.26 -8.02
C HIS A 1 4.93 -19.40 -7.03
N PHE A 2 5.92 -18.69 -7.53
CA PHE A 2 6.74 -17.84 -6.64
C PHE A 2 6.48 -16.36 -6.94
N ALA A 3 5.25 -15.94 -6.85
CA ALA A 3 4.93 -14.51 -7.13
C ALA A 3 4.01 -13.95 -6.04
N ALA A 4 4.30 -12.77 -5.56
CA ALA A 4 3.45 -12.17 -4.50
C ALA A 4 3.80 -10.68 -4.32
N ASP A 5 3.41 -10.11 -3.22
CA ASP A 5 3.72 -8.67 -2.98
C ASP A 5 4.18 -8.44 -1.55
N CYS A 6 5.22 -9.12 -1.14
CA CYS A 6 5.72 -8.95 0.26
C CYS A 6 6.81 -7.87 0.30
N CYS A 7 7.10 -7.35 1.45
CA CYS A 7 8.15 -6.29 1.55
C CYS A 7 8.91 -6.41 2.87
N THR A 8 10.17 -6.09 2.86
CA THR A 8 10.97 -6.17 4.11
C THR A 8 11.11 -4.77 4.72
N SER A 9 10.98 -3.75 3.90
CA SER A 9 11.09 -2.37 4.41
C SER A 9 9.88 -1.55 3.95
N TYR A 10 9.91 -0.26 4.14
CA TYR A 10 8.76 0.58 3.71
C TYR A 10 9.22 1.98 3.32
N ILE A 11 8.30 2.85 2.98
CA ILE A 11 8.69 4.23 2.59
C ILE A 11 9.31 4.96 3.80
N SER A 12 10.04 6.02 3.56
CA SER A 12 10.67 6.75 4.70
C SER A 12 9.80 7.94 5.11
N GLN A 13 8.63 8.06 4.54
CA GLN A 13 7.74 9.20 4.90
C GLN A 13 6.29 8.82 4.59
N SER A 14 5.35 9.63 5.02
CA SER A 14 3.92 9.32 4.76
C SER A 14 3.75 8.83 3.31
N ILE A 15 2.77 8.00 3.07
CA ILE A 15 2.55 7.48 1.69
C ILE A 15 2.01 8.60 0.79
N PRO A 16 2.54 8.68 -0.39
CA PRO A 16 2.12 9.72 -1.36
C PRO A 16 0.83 9.31 -2.08
N CYS A 17 -0.30 9.46 -1.44
CA CYS A 17 -1.58 9.09 -2.10
C CYS A 17 -1.78 9.94 -3.36
N SER A 18 -1.13 11.06 -3.42
CA SER A 18 -1.29 11.95 -4.61
C SER A 18 -0.71 11.29 -5.87
N LEU A 19 -0.18 10.11 -5.75
CA LEU A 19 0.39 9.42 -6.94
C LEU A 19 0.03 7.93 -6.90
N MET A 20 -1.14 7.59 -6.42
CA MET A 20 -1.53 6.15 -6.37
C MET A 20 -3.01 6.00 -6.73
N LYS A 21 -3.34 4.99 -7.49
CA LYS A 21 -4.76 4.77 -7.88
C LYS A 21 -5.45 3.81 -6.91
N SER A 22 -4.74 2.82 -6.42
CA SER A 22 -5.37 1.86 -5.48
C SER A 22 -4.36 1.41 -4.42
N TYR A 23 -4.78 0.58 -3.50
CA TYR A 23 -3.86 0.09 -2.44
C TYR A 23 -4.26 -1.32 -2.00
N PHE A 24 -3.33 -2.13 -1.59
CA PHE A 24 -3.71 -3.51 -1.15
C PHE A 24 -2.73 -4.02 -0.09
N GLU A 25 -3.15 -4.96 0.71
CA GLU A 25 -2.24 -5.50 1.76
C GLU A 25 -1.47 -6.69 1.18
N THR A 26 -0.24 -6.87 1.60
CA THR A 26 0.55 -8.01 1.07
C THR A 26 -0.19 -9.33 1.29
N SER A 27 0.20 -10.36 0.58
CA SER A 27 -0.48 -11.68 0.75
C SER A 27 -0.10 -12.31 2.09
N SER A 28 -0.90 -13.22 2.56
CA SER A 28 -0.58 -13.89 3.87
C SER A 28 0.66 -14.76 3.72
N GLU A 29 1.10 -14.97 2.51
CA GLU A 29 2.31 -15.81 2.30
C GLU A 29 3.57 -15.06 2.73
N CYS A 30 3.49 -13.76 2.85
CA CYS A 30 4.67 -12.96 3.26
C CYS A 30 4.98 -13.21 4.74
N SER A 31 6.23 -13.20 5.10
CA SER A 31 6.59 -13.44 6.52
C SER A 31 5.95 -12.37 7.40
N LYS A 32 5.49 -11.31 6.81
CA LYS A 32 4.86 -10.22 7.60
C LYS A 32 3.84 -9.46 6.74
N PRO A 33 2.97 -8.76 7.40
CA PRO A 33 1.93 -7.98 6.69
C PRO A 33 2.54 -6.75 6.00
N GLY A 34 1.72 -5.89 5.47
CA GLY A 34 2.25 -4.67 4.79
C GLY A 34 1.18 -4.10 3.85
N VAL A 35 1.42 -2.96 3.29
CA VAL A 35 0.41 -2.35 2.37
C VAL A 35 1.12 -1.72 1.17
N ILE A 36 0.96 -2.29 0.01
CA ILE A 36 1.63 -1.72 -1.19
C ILE A 36 0.62 -0.90 -1.99
N PHE A 37 0.98 0.30 -2.36
CA PHE A 37 0.04 1.14 -3.15
C PHE A 37 0.36 0.99 -4.65
N LEU A 38 -0.63 0.82 -5.47
CA LEU A 38 -0.37 0.67 -6.92
C LEU A 38 -0.61 2.00 -7.64
N THR A 39 0.39 2.54 -8.26
CA THR A 39 0.22 3.85 -8.96
C THR A 39 -0.21 3.62 -10.41
N LYS A 40 -0.99 4.52 -10.95
CA LYS A 40 -1.44 4.37 -12.36
C LYS A 40 -0.24 4.50 -13.30
N LYS A 41 0.82 5.13 -12.84
CA LYS A 41 2.02 5.30 -13.70
C LYS A 41 2.72 3.95 -13.90
N GLY A 42 2.31 2.96 -13.17
CA GLY A 42 2.96 1.62 -13.31
C GLY A 42 4.05 1.45 -12.25
N ARG A 43 3.73 1.67 -11.01
CA ARG A 43 4.76 1.51 -9.94
C ARG A 43 4.09 1.02 -8.66
N GLN A 44 4.84 0.76 -7.63
CA GLN A 44 4.22 0.27 -6.35
C GLN A 44 5.04 0.73 -5.14
N VAL A 45 4.37 1.20 -4.12
CA VAL A 45 5.09 1.64 -2.90
C VAL A 45 4.91 0.59 -1.80
N CYS A 46 5.67 0.67 -0.75
CA CYS A 46 5.53 -0.34 0.34
C CYS A 46 5.50 0.35 1.70
N ALA A 47 4.43 0.20 2.42
CA ALA A 47 4.36 0.85 3.77
C ALA A 47 4.07 -0.18 4.86
N LYS A 48 4.47 0.11 6.06
CA LYS A 48 4.23 -0.85 7.18
C LYS A 48 2.74 -1.21 7.26
N PRO A 49 2.45 -2.12 8.15
CA PRO A 49 1.04 -2.56 8.34
C PRO A 49 0.24 -1.46 9.03
N SER A 50 0.86 -0.72 9.90
CA SER A 50 0.15 0.38 10.61
C SER A 50 0.91 1.69 10.45
N GLY A 51 1.49 1.92 9.31
CA GLY A 51 2.26 3.19 9.09
C GLY A 51 1.33 4.39 9.31
N PRO A 52 1.88 5.39 9.94
CA PRO A 52 1.10 6.63 10.21
C PRO A 52 0.83 7.38 8.92
N GLY A 53 -0.37 7.30 8.41
CA GLY A 53 -0.70 8.01 7.15
C GLY A 53 -0.97 7.00 6.05
N VAL A 54 -0.40 5.82 6.16
CA VAL A 54 -0.63 4.78 5.11
C VAL A 54 -2.10 4.37 5.09
N GLN A 55 -2.69 4.16 6.23
CA GLN A 55 -4.12 3.76 6.26
C GLN A 55 -4.96 4.95 5.79
N ASP A 56 -4.55 6.14 6.13
CA ASP A 56 -5.31 7.33 5.68
C ASP A 56 -5.20 7.44 4.16
N CYS A 57 -4.11 6.98 3.60
CA CYS A 57 -3.96 7.03 2.13
C CYS A 57 -4.98 6.09 1.48
N MET A 58 -5.07 4.88 1.97
CA MET A 58 -6.04 3.92 1.40
C MET A 58 -7.47 4.40 1.68
N LYS A 59 -7.66 5.12 2.74
CA LYS A 59 -9.03 5.62 3.05
C LYS A 59 -9.43 6.64 1.99
N LYS A 60 -8.58 7.58 1.71
CA LYS A 60 -8.91 8.58 0.66
C LYS A 60 -8.93 7.91 -0.71
N LEU A 61 -8.36 6.74 -0.82
CA LEU A 61 -8.33 6.03 -2.12
C LEU A 61 -9.67 5.32 -2.39
N LYS A 62 -10.77 5.93 -2.03
CA LYS A 62 -12.09 5.30 -2.29
C LYS A 62 -12.09 3.84 -1.81
N PRO A 63 -12.55 3.65 -0.60
CA PRO A 63 -12.62 2.29 -0.01
C PRO A 63 -13.76 1.50 -0.66
N TYR A 64 -13.48 0.81 -1.73
CA TYR A 64 -14.55 0.01 -2.41
C TYR A 64 -13.94 -1.16 -3.17
N SER A 65 -12.72 -1.53 -2.85
CA SER A 65 -12.08 -2.67 -3.56
C SER A 65 -12.19 -2.46 -5.07
N ILE A 66 -11.30 -1.69 -5.65
CA ILE A 66 -11.35 -1.45 -7.12
C ILE A 66 -10.16 -2.12 -7.80
N HIS A 1 -3.86 -19.26 -11.60
CA HIS A 1 -2.83 -18.24 -11.28
C HIS A 1 -2.48 -18.29 -9.79
N PHE A 2 -1.25 -17.99 -9.44
CA PHE A 2 -0.86 -18.02 -8.01
C PHE A 2 0.41 -17.18 -7.80
N ALA A 3 0.28 -16.06 -7.13
CA ALA A 3 1.48 -15.20 -6.90
C ALA A 3 1.34 -14.42 -5.59
N ALA A 4 2.41 -13.82 -5.14
CA ALA A 4 2.34 -13.05 -3.86
C ALA A 4 3.39 -11.92 -3.87
N ASP A 5 3.04 -10.78 -3.35
CA ASP A 5 4.03 -9.65 -3.33
C ASP A 5 4.29 -9.20 -1.89
N CYS A 6 5.53 -9.03 -1.52
CA CYS A 6 5.85 -8.60 -0.13
C CYS A 6 7.12 -7.75 -0.11
N CYS A 7 7.09 -6.64 0.57
CA CYS A 7 8.29 -5.76 0.63
C CYS A 7 9.08 -6.02 1.92
N THR A 8 10.37 -5.87 1.88
CA THR A 8 11.19 -6.09 3.11
C THR A 8 11.48 -4.75 3.78
N SER A 9 11.32 -3.68 3.04
CA SER A 9 11.56 -2.32 3.61
C SER A 9 10.44 -1.38 3.16
N TYR A 10 9.91 -0.59 4.05
CA TYR A 10 8.81 0.34 3.66
C TYR A 10 9.37 1.69 3.21
N ILE A 11 8.54 2.68 3.12
CA ILE A 11 8.99 4.02 2.67
C ILE A 11 9.75 4.73 3.80
N SER A 12 10.18 5.94 3.55
CA SER A 12 10.93 6.70 4.61
C SER A 12 10.03 7.80 5.19
N GLN A 13 8.83 7.93 4.68
CA GLN A 13 7.91 8.98 5.21
C GLN A 13 6.46 8.63 4.84
N SER A 14 5.51 9.35 5.37
CA SER A 14 4.08 9.05 5.06
C SER A 14 3.92 8.67 3.59
N ILE A 15 2.99 7.81 3.29
CA ILE A 15 2.78 7.38 1.88
C ILE A 15 2.16 8.52 1.07
N PRO A 16 2.60 8.65 -0.15
CA PRO A 16 2.09 9.70 -1.05
C PRO A 16 0.74 9.27 -1.64
N CYS A 17 -0.33 9.53 -0.95
CA CYS A 17 -1.67 9.14 -1.49
C CYS A 17 -1.92 9.87 -2.81
N SER A 18 -1.32 11.02 -2.96
CA SER A 18 -1.51 11.82 -4.22
C SER A 18 -0.91 11.11 -5.44
N LEU A 19 -0.34 9.94 -5.26
CA LEU A 19 0.25 9.23 -6.41
C LEU A 19 -0.12 7.74 -6.35
N MET A 20 -1.29 7.42 -5.89
CA MET A 20 -1.68 5.98 -5.81
C MET A 20 -3.14 5.79 -6.25
N LYS A 21 -3.36 4.84 -7.12
CA LYS A 21 -4.75 4.58 -7.59
C LYS A 21 -5.37 3.40 -6.83
N SER A 22 -4.60 2.42 -6.48
CA SER A 22 -5.18 1.25 -5.74
C SER A 22 -4.12 0.54 -4.90
N TYR A 23 -4.31 0.50 -3.61
CA TYR A 23 -3.33 -0.19 -2.72
C TYR A 23 -3.77 -1.63 -2.46
N PHE A 24 -2.89 -2.46 -1.97
CA PHE A 24 -3.28 -3.88 -1.69
C PHE A 24 -2.46 -4.43 -0.53
N GLU A 25 -3.05 -5.30 0.25
CA GLU A 25 -2.30 -5.88 1.41
C GLU A 25 -1.61 -7.17 0.97
N THR A 26 -0.41 -7.39 1.41
CA THR A 26 0.31 -8.64 1.01
C THR A 26 -0.39 -9.87 1.60
N SER A 27 -0.12 -11.02 1.07
CA SER A 27 -0.78 -12.26 1.59
C SER A 27 -0.23 -12.59 2.98
N SER A 28 -1.06 -13.12 3.84
CA SER A 28 -0.58 -13.47 5.22
C SER A 28 0.40 -14.64 5.15
N GLU A 29 0.54 -15.23 4.00
CA GLU A 29 1.48 -16.38 3.86
C GLU A 29 2.93 -15.88 3.86
N CYS A 30 3.13 -14.62 3.61
CA CYS A 30 4.52 -14.08 3.60
C CYS A 30 5.07 -13.96 5.02
N SER A 31 6.34 -14.20 5.20
CA SER A 31 6.93 -14.11 6.56
C SER A 31 6.80 -12.68 7.10
N LYS A 32 6.44 -11.76 6.25
CA LYS A 32 6.29 -10.34 6.71
C LYS A 32 5.20 -9.64 5.88
N PRO A 33 4.21 -9.17 6.57
CA PRO A 33 3.08 -8.47 5.89
C PRO A 33 3.53 -7.09 5.41
N GLY A 34 2.61 -6.30 4.92
CA GLY A 34 2.97 -4.95 4.44
C GLY A 34 1.94 -4.48 3.40
N VAL A 35 1.63 -3.22 3.38
CA VAL A 35 0.64 -2.70 2.39
C VAL A 35 1.38 -1.99 1.26
N ILE A 36 1.27 -2.49 0.06
CA ILE A 36 1.97 -1.82 -1.07
C ILE A 36 0.97 -1.00 -1.88
N PHE A 37 1.28 0.22 -2.17
CA PHE A 37 0.34 1.06 -2.96
C PHE A 37 0.67 0.95 -4.45
N LEU A 38 -0.32 0.84 -5.28
CA LEU A 38 -0.06 0.76 -6.74
C LEU A 38 -0.32 2.13 -7.36
N THR A 39 0.65 2.70 -8.01
CA THR A 39 0.47 4.06 -8.59
C THR A 39 -0.07 3.97 -10.02
N LYS A 40 -0.84 4.94 -10.41
CA LYS A 40 -1.40 4.93 -11.80
C LYS A 40 -0.27 5.05 -12.82
N LYS A 41 0.81 5.71 -12.46
CA LYS A 41 1.94 5.86 -13.40
C LYS A 41 2.66 4.53 -13.61
N GLY A 42 2.32 3.54 -12.84
CA GLY A 42 2.97 2.20 -12.99
C GLY A 42 4.11 2.05 -11.98
N ARG A 43 3.80 2.07 -10.71
CA ARG A 43 4.86 1.93 -9.67
C ARG A 43 4.28 1.25 -8.43
N GLN A 44 5.09 1.01 -7.44
CA GLN A 44 4.58 0.35 -6.20
C GLN A 44 5.36 0.81 -4.98
N VAL A 45 4.68 1.16 -3.93
CA VAL A 45 5.37 1.60 -2.68
C VAL A 45 5.13 0.57 -1.58
N CYS A 46 5.83 0.68 -0.48
CA CYS A 46 5.63 -0.31 0.62
C CYS A 46 5.60 0.39 1.97
N ALA A 47 4.52 0.27 2.69
CA ALA A 47 4.44 0.96 4.01
C ALA A 47 3.94 -0.01 5.10
N LYS A 48 4.19 0.32 6.33
CA LYS A 48 3.73 -0.57 7.44
C LYS A 48 2.24 -0.86 7.30
N PRO A 49 1.74 -1.65 8.22
CA PRO A 49 0.30 -2.01 8.21
C PRO A 49 -0.55 -0.83 8.66
N SER A 50 -0.13 -0.13 9.67
CA SER A 50 -0.91 1.04 10.17
C SER A 50 -0.02 2.28 10.22
N GLY A 51 0.86 2.44 9.26
CA GLY A 51 1.77 3.62 9.27
C GLY A 51 0.92 4.90 9.25
N PRO A 52 1.47 5.93 9.83
CA PRO A 52 0.76 7.24 9.89
C PRO A 52 0.68 7.84 8.49
N GLY A 53 -0.49 7.88 7.92
CA GLY A 53 -0.66 8.46 6.56
C GLY A 53 -1.02 7.33 5.59
N VAL A 54 -0.56 6.14 5.85
CA VAL A 54 -0.89 4.99 4.96
C VAL A 54 -2.40 4.78 4.92
N GLN A 55 -3.05 4.88 6.05
CA GLN A 55 -4.52 4.69 6.07
C GLN A 55 -5.18 5.84 5.32
N ASP A 56 -4.52 6.96 5.23
CA ASP A 56 -5.08 8.10 4.48
C ASP A 56 -5.08 7.77 2.99
N CYS A 57 -4.04 7.13 2.52
CA CYS A 57 -3.99 6.76 1.08
C CYS A 57 -5.12 5.77 0.77
N MET A 58 -5.27 4.77 1.59
CA MET A 58 -6.36 3.78 1.35
C MET A 58 -7.72 4.42 1.58
N LYS A 59 -7.77 5.44 2.41
CA LYS A 59 -9.08 6.10 2.66
C LYS A 59 -9.54 6.77 1.37
N LYS A 60 -8.61 7.31 0.63
CA LYS A 60 -8.97 7.95 -0.66
C LYS A 60 -9.39 6.89 -1.67
N LEU A 61 -8.73 5.77 -1.68
CA LEU A 61 -9.09 4.69 -2.64
C LEU A 61 -10.34 3.95 -2.18
N LYS A 62 -10.93 4.38 -1.09
CA LYS A 62 -12.16 3.69 -0.58
C LYS A 62 -13.10 4.70 0.06
N PRO A 63 -14.04 5.16 -0.73
CA PRO A 63 -15.03 6.14 -0.24
C PRO A 63 -16.06 5.46 0.67
N TYR A 64 -15.75 5.32 1.93
CA TYR A 64 -16.71 4.66 2.86
C TYR A 64 -16.28 4.87 4.31
N SER A 65 -15.74 6.03 4.61
CA SER A 65 -15.30 6.30 6.01
C SER A 65 -16.38 7.05 6.77
N ILE A 66 -17.29 6.34 7.38
CA ILE A 66 -18.39 7.02 8.15
C ILE A 66 -18.17 6.82 9.65
N HIS A 1 -3.41 -10.77 -12.74
CA HIS A 1 -4.66 -11.12 -12.01
C HIS A 1 -4.33 -11.55 -10.59
N PHE A 2 -3.14 -11.30 -10.14
CA PHE A 2 -2.76 -11.69 -8.75
C PHE A 2 -2.16 -10.49 -8.01
N ALA A 3 -2.92 -9.88 -7.15
CA ALA A 3 -2.39 -8.69 -6.40
C ALA A 3 -1.63 -9.15 -5.15
N ALA A 4 -1.58 -10.43 -4.91
CA ALA A 4 -0.86 -10.95 -3.72
C ALA A 4 0.63 -10.55 -3.81
N ASP A 5 1.23 -10.22 -2.69
CA ASP A 5 2.67 -9.84 -2.71
C ASP A 5 3.19 -9.62 -1.29
N CYS A 6 4.42 -9.21 -1.15
CA CYS A 6 4.97 -8.98 0.22
C CYS A 6 5.91 -7.76 0.20
N CYS A 7 5.97 -7.03 1.27
CA CYS A 7 6.87 -5.83 1.29
C CYS A 7 8.25 -6.19 1.83
N THR A 8 9.28 -5.67 1.24
CA THR A 8 10.66 -5.96 1.72
C THR A 8 11.18 -4.76 2.51
N SER A 9 10.34 -3.79 2.76
CA SER A 9 10.76 -2.59 3.52
C SER A 9 9.57 -1.62 3.64
N TYR A 10 9.84 -0.38 3.90
CA TYR A 10 8.73 0.62 4.01
C TYR A 10 9.22 1.99 3.58
N ILE A 11 8.32 2.84 3.16
CA ILE A 11 8.74 4.21 2.70
C ILE A 11 9.43 4.96 3.84
N SER A 12 10.11 6.04 3.53
CA SER A 12 10.81 6.82 4.59
C SER A 12 9.98 8.07 4.93
N GLN A 13 8.85 8.24 4.29
CA GLN A 13 8.01 9.44 4.57
C GLN A 13 6.53 9.08 4.42
N SER A 14 5.67 10.06 4.50
CA SER A 14 4.21 9.77 4.35
C SER A 14 3.94 9.15 2.97
N ILE A 15 2.96 8.30 2.89
CA ILE A 15 2.64 7.66 1.58
C ILE A 15 2.04 8.70 0.62
N PRO A 16 2.55 8.70 -0.59
CA PRO A 16 2.08 9.67 -1.61
C PRO A 16 0.77 9.22 -2.25
N CYS A 17 -0.32 9.28 -1.52
CA CYS A 17 -1.64 8.88 -2.10
C CYS A 17 -2.00 9.79 -3.27
N SER A 18 -1.44 10.96 -3.32
CA SER A 18 -1.76 11.90 -4.42
C SER A 18 -1.25 11.38 -5.76
N LEU A 19 -0.61 10.25 -5.77
CA LEU A 19 -0.09 9.68 -7.06
C LEU A 19 -0.42 8.19 -7.16
N MET A 20 -1.05 7.64 -6.15
CA MET A 20 -1.39 6.19 -6.19
C MET A 20 -2.82 6.00 -6.69
N LYS A 21 -3.04 5.01 -7.53
CA LYS A 21 -4.41 4.77 -8.04
C LYS A 21 -5.13 3.75 -7.13
N SER A 22 -4.39 2.83 -6.55
CA SER A 22 -5.04 1.83 -5.65
C SER A 22 -4.05 1.35 -4.58
N TYR A 23 -4.47 0.47 -3.73
CA TYR A 23 -3.57 -0.04 -2.65
C TYR A 23 -3.96 -1.48 -2.29
N PHE A 24 -3.03 -2.28 -1.82
CA PHE A 24 -3.39 -3.68 -1.46
C PHE A 24 -2.55 -4.17 -0.28
N GLU A 25 -3.15 -4.92 0.61
CA GLU A 25 -2.38 -5.44 1.78
C GLU A 25 -1.80 -6.81 1.45
N THR A 26 -0.64 -7.12 1.95
CA THR A 26 -0.03 -8.45 1.66
C THR A 26 -0.77 -9.54 2.43
N SER A 27 -0.24 -10.73 2.45
CA SER A 27 -0.92 -11.84 3.19
C SER A 27 -0.01 -12.35 4.31
N SER A 28 -0.57 -13.10 5.24
CA SER A 28 0.26 -13.63 6.36
C SER A 28 1.27 -14.64 5.83
N GLU A 29 1.08 -15.08 4.62
CA GLU A 29 2.02 -16.08 4.03
C GLU A 29 3.33 -15.37 3.67
N CYS A 30 3.30 -14.08 3.54
CA CYS A 30 4.52 -13.33 3.18
C CYS A 30 5.48 -13.27 4.38
N SER A 31 6.76 -13.37 4.14
CA SER A 31 7.73 -13.32 5.27
C SER A 31 7.61 -11.99 6.00
N LYS A 32 6.95 -11.05 5.39
CA LYS A 32 6.78 -9.71 6.04
C LYS A 32 5.50 -9.05 5.52
N PRO A 33 4.63 -8.69 6.44
CA PRO A 33 3.35 -8.05 6.07
C PRO A 33 3.59 -6.61 5.59
N GLY A 34 2.55 -5.93 5.25
CA GLY A 34 2.70 -4.52 4.77
C GLY A 34 1.77 -4.28 3.58
N VAL A 35 1.33 -3.07 3.40
CA VAL A 35 0.42 -2.78 2.25
C VAL A 35 1.17 -1.98 1.18
N ILE A 36 1.13 -2.44 -0.04
CA ILE A 36 1.84 -1.71 -1.13
C ILE A 36 0.84 -0.92 -1.98
N PHE A 37 1.15 0.31 -2.27
CA PHE A 37 0.22 1.12 -3.11
C PHE A 37 0.63 1.03 -4.58
N LEU A 38 -0.31 0.85 -5.46
CA LEU A 38 0.03 0.76 -6.91
C LEU A 38 -0.19 2.12 -7.56
N THR A 39 0.84 2.69 -8.13
CA THR A 39 0.70 4.02 -8.77
C THR A 39 0.31 3.87 -10.24
N LYS A 40 -0.48 4.78 -10.75
CA LYS A 40 -0.88 4.68 -12.19
C LYS A 40 0.33 4.86 -13.09
N LYS A 41 1.34 5.54 -12.61
CA LYS A 41 2.56 5.75 -13.45
C LYS A 41 3.33 4.43 -13.63
N GLY A 42 2.89 3.40 -12.97
CA GLY A 42 3.58 2.09 -13.10
C GLY A 42 4.64 1.96 -12.01
N ARG A 43 4.25 2.02 -10.77
CA ARG A 43 5.23 1.91 -9.66
C ARG A 43 4.58 1.27 -8.43
N GLN A 44 5.34 1.01 -7.41
CA GLN A 44 4.74 0.39 -6.19
C GLN A 44 5.48 0.86 -4.93
N VAL A 45 4.73 1.26 -3.93
CA VAL A 45 5.37 1.73 -2.67
C VAL A 45 5.13 0.68 -1.57
N CYS A 46 5.95 0.65 -0.57
CA CYS A 46 5.74 -0.36 0.52
C CYS A 46 5.44 0.34 1.84
N ALA A 47 4.38 -0.05 2.51
CA ALA A 47 4.05 0.61 3.79
C ALA A 47 3.81 -0.42 4.89
N LYS A 48 4.02 -0.03 6.13
CA LYS A 48 3.79 -0.97 7.25
C LYS A 48 2.33 -1.41 7.27
N PRO A 49 2.03 -2.34 8.14
CA PRO A 49 0.65 -2.87 8.26
C PRO A 49 -0.26 -1.81 8.91
N SER A 50 0.27 -1.02 9.80
CA SER A 50 -0.56 0.03 10.45
C SER A 50 0.19 1.36 10.44
N GLY A 51 0.95 1.61 9.40
CA GLY A 51 1.70 2.89 9.31
C GLY A 51 0.76 4.06 9.54
N PRO A 52 1.23 5.01 10.30
CA PRO A 52 0.43 6.23 10.61
C PRO A 52 0.26 7.07 9.34
N GLY A 53 -0.79 6.84 8.61
CA GLY A 53 -1.02 7.62 7.36
C GLY A 53 -1.30 6.65 6.21
N VAL A 54 -0.72 5.48 6.26
CA VAL A 54 -0.95 4.49 5.17
C VAL A 54 -2.43 4.10 5.13
N GLN A 55 -3.05 3.92 6.26
CA GLN A 55 -4.49 3.55 6.26
C GLN A 55 -5.31 4.72 5.73
N ASP A 56 -4.97 5.92 6.10
CA ASP A 56 -5.71 7.09 5.57
C ASP A 56 -5.47 7.18 4.07
N CYS A 57 -4.33 6.70 3.63
CA CYS A 57 -4.02 6.73 2.17
C CYS A 57 -4.97 5.77 1.44
N MET A 58 -5.07 4.56 1.91
CA MET A 58 -5.99 3.59 1.24
C MET A 58 -7.44 4.04 1.42
N LYS A 59 -7.71 4.80 2.45
CA LYS A 59 -9.10 5.28 2.66
C LYS A 59 -9.48 6.23 1.53
N LYS A 60 -8.57 7.11 1.17
CA LYS A 60 -8.87 8.06 0.07
C LYS A 60 -8.95 7.29 -1.25
N LEU A 61 -8.24 6.19 -1.35
CA LEU A 61 -8.28 5.39 -2.62
C LEU A 61 -9.61 4.65 -2.73
N LYS A 62 -10.47 4.78 -1.74
CA LYS A 62 -11.78 4.08 -1.80
C LYS A 62 -12.81 4.79 -0.91
N PRO A 63 -13.18 5.96 -1.33
CA PRO A 63 -14.16 6.77 -0.57
C PRO A 63 -15.59 6.31 -0.91
N TYR A 64 -15.94 5.10 -0.55
CA TYR A 64 -17.32 4.62 -0.85
C TYR A 64 -17.50 3.17 -0.36
N SER A 65 -17.59 2.99 0.92
CA SER A 65 -17.77 1.61 1.46
C SER A 65 -16.59 0.72 1.06
N ILE A 66 -16.09 -0.07 1.96
CA ILE A 66 -14.94 -0.96 1.63
C ILE A 66 -15.20 -2.37 2.15
N HIS A 1 9.18 -20.26 -4.42
CA HIS A 1 8.52 -19.93 -5.72
C HIS A 1 7.79 -18.58 -5.61
N PHE A 2 8.19 -17.63 -6.40
CA PHE A 2 7.53 -16.30 -6.35
C PHE A 2 6.01 -16.46 -6.50
N ALA A 3 5.25 -15.48 -6.08
CA ALA A 3 3.77 -15.58 -6.20
C ALA A 3 3.12 -14.20 -6.04
N ALA A 4 2.97 -13.74 -4.83
CA ALA A 4 2.35 -12.41 -4.61
C ALA A 4 3.44 -11.34 -4.45
N ASP A 5 3.05 -10.13 -4.18
CA ASP A 5 4.06 -9.04 -4.02
C ASP A 5 4.24 -8.70 -2.54
N CYS A 6 5.26 -9.22 -1.91
CA CYS A 6 5.48 -8.92 -0.48
C CYS A 6 6.42 -7.72 -0.33
N CYS A 7 6.30 -6.99 0.75
CA CYS A 7 7.18 -5.80 0.93
C CYS A 7 8.46 -6.20 1.66
N THR A 8 9.58 -5.66 1.26
CA THR A 8 10.86 -5.99 1.93
C THR A 8 11.20 -4.89 2.93
N SER A 9 10.56 -3.75 2.79
CA SER A 9 10.80 -2.62 3.71
C SER A 9 9.61 -1.66 3.65
N TYR A 10 9.83 -0.40 3.92
CA TYR A 10 8.70 0.57 3.87
C TYR A 10 9.20 1.95 3.45
N ILE A 11 8.32 2.83 3.08
CA ILE A 11 8.75 4.19 2.66
C ILE A 11 9.42 4.92 3.84
N SER A 12 10.10 6.01 3.58
CA SER A 12 10.77 6.75 4.69
C SER A 12 9.88 7.87 5.23
N GLN A 13 8.72 8.02 4.68
CA GLN A 13 7.80 9.10 5.17
C GLN A 13 6.35 8.73 4.86
N SER A 14 5.40 9.50 5.33
CA SER A 14 3.98 9.18 5.05
C SER A 14 3.82 8.75 3.58
N ILE A 15 2.91 7.88 3.30
CA ILE A 15 2.71 7.43 1.89
C ILE A 15 2.07 8.54 1.06
N PRO A 16 2.57 8.71 -0.14
CA PRO A 16 2.04 9.74 -1.05
C PRO A 16 0.70 9.27 -1.63
N CYS A 17 -0.37 9.52 -0.93
CA CYS A 17 -1.70 9.09 -1.44
C CYS A 17 -1.99 9.76 -2.79
N SER A 18 -1.47 10.95 -2.98
CA SER A 18 -1.72 11.67 -4.27
C SER A 18 -1.03 10.95 -5.43
N LEU A 19 -0.05 10.16 -5.13
CA LEU A 19 0.67 9.44 -6.21
C LEU A 19 0.26 7.97 -6.28
N MET A 20 -0.95 7.65 -5.90
CA MET A 20 -1.39 6.22 -5.96
C MET A 20 -2.86 6.12 -6.40
N LYS A 21 -3.16 5.17 -7.24
CA LYS A 21 -4.56 5.00 -7.70
C LYS A 21 -5.26 3.94 -6.84
N SER A 22 -4.54 2.95 -6.39
CA SER A 22 -5.18 1.89 -5.54
C SER A 22 -4.18 1.36 -4.51
N TYR A 23 -4.60 0.43 -3.69
CA TYR A 23 -3.68 -0.15 -2.67
C TYR A 23 -4.08 -1.60 -2.37
N PHE A 24 -3.16 -2.42 -1.92
CA PHE A 24 -3.53 -3.83 -1.63
C PHE A 24 -2.70 -4.39 -0.47
N GLU A 25 -3.28 -5.27 0.31
CA GLU A 25 -2.53 -5.87 1.45
C GLU A 25 -1.82 -7.14 0.99
N THR A 26 -0.71 -7.46 1.57
CA THR A 26 0.01 -8.69 1.15
C THR A 26 -0.57 -9.94 1.84
N SER A 27 0.06 -11.07 1.66
CA SER A 27 -0.46 -12.31 2.30
C SER A 27 0.22 -12.55 3.65
N SER A 28 -0.52 -13.04 4.61
CA SER A 28 0.08 -13.29 5.96
C SER A 28 1.08 -14.45 5.88
N GLU A 29 1.18 -15.09 4.76
CA GLU A 29 2.14 -16.23 4.63
C GLU A 29 3.58 -15.71 4.59
N CYS A 30 3.78 -14.48 4.21
CA CYS A 30 5.16 -13.92 4.15
C CYS A 30 5.69 -13.72 5.58
N SER A 31 6.99 -13.76 5.74
CA SER A 31 7.56 -13.58 7.11
C SER A 31 7.18 -12.22 7.67
N LYS A 32 6.70 -11.35 6.84
CA LYS A 32 6.29 -9.99 7.31
C LYS A 32 5.21 -9.43 6.39
N PRO A 33 4.13 -9.00 6.99
CA PRO A 33 3.00 -8.43 6.21
C PRO A 33 3.35 -7.04 5.69
N GLY A 34 2.40 -6.36 5.10
CA GLY A 34 2.68 -5.00 4.58
C GLY A 34 1.71 -4.70 3.44
N VAL A 35 1.49 -3.44 3.15
CA VAL A 35 0.55 -3.08 2.05
C VAL A 35 1.29 -2.27 0.98
N ILE A 36 1.14 -2.64 -0.27
CA ILE A 36 1.84 -1.89 -1.35
C ILE A 36 0.82 -1.07 -2.13
N PHE A 37 1.13 0.17 -2.40
CA PHE A 37 0.17 1.00 -3.17
C PHE A 37 0.52 0.95 -4.66
N LEU A 38 -0.47 0.85 -5.51
CA LEU A 38 -0.18 0.80 -6.98
C LEU A 38 -0.38 2.19 -7.56
N THR A 39 0.64 2.75 -8.15
CA THR A 39 0.52 4.11 -8.74
C THR A 39 0.05 4.03 -10.19
N LYS A 40 -0.72 4.98 -10.62
CA LYS A 40 -1.20 4.96 -12.03
C LYS A 40 -0.03 5.11 -13.00
N LYS A 41 1.03 5.75 -12.57
CA LYS A 41 2.21 5.93 -13.47
C LYS A 41 2.93 4.60 -13.70
N GLY A 42 2.58 3.59 -12.97
CA GLY A 42 3.25 2.27 -13.15
C GLY A 42 4.34 2.09 -12.10
N ARG A 43 3.98 2.13 -10.84
CA ARG A 43 5.01 1.95 -9.78
C ARG A 43 4.37 1.30 -8.54
N GLN A 44 5.15 1.02 -7.53
CA GLN A 44 4.58 0.39 -6.31
C GLN A 44 5.32 0.87 -5.07
N VAL A 45 4.60 1.21 -4.03
CA VAL A 45 5.27 1.67 -2.78
C VAL A 45 5.10 0.62 -1.69
N CYS A 46 5.95 0.63 -0.70
CA CYS A 46 5.84 -0.38 0.39
C CYS A 46 5.51 0.31 1.71
N ALA A 47 4.47 -0.10 2.37
CA ALA A 47 4.11 0.54 3.67
C ALA A 47 3.85 -0.50 4.74
N LYS A 48 3.92 -0.12 5.99
CA LYS A 48 3.65 -1.08 7.09
C LYS A 48 2.16 -1.41 7.16
N PRO A 49 1.82 -2.31 8.05
CA PRO A 49 0.40 -2.71 8.21
C PRO A 49 -0.38 -1.58 8.88
N SER A 50 0.25 -0.84 9.74
CA SER A 50 -0.46 0.29 10.42
C SER A 50 0.40 1.55 10.35
N GLY A 51 1.01 1.80 9.22
CA GLY A 51 1.87 3.02 9.08
C GLY A 51 0.99 4.26 9.12
N PRO A 52 1.50 5.28 9.77
CA PRO A 52 0.76 6.55 9.88
C PRO A 52 0.70 7.26 8.53
N GLY A 53 -0.44 7.26 7.91
CA GLY A 53 -0.56 7.92 6.57
C GLY A 53 -1.00 6.88 5.55
N VAL A 54 -0.62 5.65 5.75
CA VAL A 54 -1.03 4.57 4.80
C VAL A 54 -2.55 4.45 4.77
N GLN A 55 -3.18 4.55 5.90
CA GLN A 55 -4.67 4.47 5.91
C GLN A 55 -5.24 5.70 5.22
N ASP A 56 -4.49 6.76 5.19
CA ASP A 56 -4.97 7.99 4.50
C ASP A 56 -5.00 7.72 2.99
N CYS A 57 -3.99 7.07 2.47
CA CYS A 57 -3.99 6.77 1.00
C CYS A 57 -5.14 5.82 0.69
N MET A 58 -5.31 4.81 1.49
CA MET A 58 -6.42 3.85 1.24
C MET A 58 -7.77 4.52 1.54
N LYS A 59 -7.77 5.56 2.33
CA LYS A 59 -9.03 6.26 2.64
C LYS A 59 -9.58 6.90 1.37
N LYS A 60 -8.75 7.65 0.69
CA LYS A 60 -9.20 8.29 -0.57
C LYS A 60 -9.40 7.22 -1.65
N LEU A 61 -8.69 6.12 -1.54
CA LEU A 61 -8.84 5.03 -2.55
C LEU A 61 -10.14 4.26 -2.32
N LYS A 62 -10.82 4.56 -1.25
CA LYS A 62 -12.10 3.84 -0.97
C LYS A 62 -12.96 4.64 0.01
N PRO A 63 -13.47 5.74 -0.48
CA PRO A 63 -14.33 6.62 0.34
C PRO A 63 -15.76 6.07 0.40
N TYR A 64 -15.95 4.94 1.04
CA TYR A 64 -17.32 4.37 1.13
C TYR A 64 -17.58 3.84 2.54
N SER A 65 -17.40 4.67 3.53
CA SER A 65 -17.64 4.22 4.94
C SER A 65 -18.41 5.28 5.72
N ILE A 66 -19.67 5.46 5.43
CA ILE A 66 -20.47 6.48 6.16
C ILE A 66 -19.66 7.77 6.33
N HIS A 1 4.28 -21.19 -6.11
CA HIS A 1 4.00 -19.82 -5.61
C HIS A 1 4.86 -19.52 -4.38
N PHE A 2 5.99 -18.87 -4.56
CA PHE A 2 6.86 -18.56 -3.41
C PHE A 2 7.47 -17.16 -3.57
N ALA A 3 6.64 -16.16 -3.76
CA ALA A 3 7.16 -14.78 -3.93
C ALA A 3 6.06 -13.76 -3.65
N ALA A 4 4.99 -13.81 -4.41
CA ALA A 4 3.88 -12.84 -4.19
C ALA A 4 4.41 -11.41 -4.17
N ASP A 5 3.71 -10.51 -3.53
CA ASP A 5 4.18 -9.10 -3.47
C ASP A 5 4.45 -8.68 -2.02
N CYS A 6 5.42 -9.30 -1.38
CA CYS A 6 5.72 -8.94 0.04
C CYS A 6 6.81 -7.86 0.08
N CYS A 7 6.62 -6.87 0.91
CA CYS A 7 7.64 -5.79 1.00
C CYS A 7 8.66 -6.09 2.09
N THR A 8 9.91 -5.84 1.84
CA THR A 8 10.95 -6.12 2.87
C THR A 8 11.29 -4.82 3.60
N SER A 9 11.03 -3.70 2.98
CA SER A 9 11.33 -2.40 3.62
C SER A 9 10.21 -1.40 3.28
N TYR A 10 9.76 -0.65 4.24
CA TYR A 10 8.67 0.33 3.95
C TYR A 10 9.27 1.67 3.54
N ILE A 11 8.46 2.58 3.07
CA ILE A 11 8.99 3.90 2.64
C ILE A 11 9.67 4.60 3.82
N SER A 12 10.38 5.67 3.57
CA SER A 12 11.08 6.39 4.68
C SER A 12 10.24 7.59 5.14
N GLN A 13 9.18 7.88 4.44
CA GLN A 13 8.32 9.02 4.84
C GLN A 13 6.85 8.66 4.65
N SER A 14 5.94 9.43 5.18
CA SER A 14 4.50 9.09 5.01
C SER A 14 4.23 8.65 3.57
N ILE A 15 3.28 7.78 3.36
CA ILE A 15 3.00 7.32 1.97
C ILE A 15 2.36 8.46 1.16
N PRO A 16 2.80 8.60 -0.05
CA PRO A 16 2.27 9.66 -0.94
C PRO A 16 0.86 9.31 -1.42
N CYS A 17 -0.14 9.55 -0.62
CA CYS A 17 -1.53 9.24 -1.06
C CYS A 17 -1.86 10.00 -2.34
N SER A 18 -1.26 11.15 -2.52
CA SER A 18 -1.52 11.97 -3.74
C SER A 18 -0.97 11.31 -5.02
N LEU A 19 -0.52 10.09 -4.94
CA LEU A 19 0.03 9.44 -6.17
C LEU A 19 -0.35 7.96 -6.17
N MET A 20 -1.42 7.59 -5.50
CA MET A 20 -1.82 6.15 -5.50
C MET A 20 -3.29 6.00 -5.90
N LYS A 21 -3.57 5.09 -6.79
CA LYS A 21 -4.97 4.88 -7.24
C LYS A 21 -5.63 3.72 -6.47
N SER A 22 -4.90 2.69 -6.15
CA SER A 22 -5.51 1.55 -5.41
C SER A 22 -4.44 0.74 -4.66
N TYR A 23 -4.56 0.66 -3.36
CA TYR A 23 -3.57 -0.11 -2.56
C TYR A 23 -4.06 -1.54 -2.32
N PHE A 24 -3.21 -2.42 -1.88
CA PHE A 24 -3.65 -3.82 -1.61
C PHE A 24 -2.85 -4.43 -0.47
N GLU A 25 -3.44 -5.32 0.29
CA GLU A 25 -2.72 -5.95 1.41
C GLU A 25 -1.99 -7.21 0.93
N THR A 26 -0.84 -7.48 1.46
CA THR A 26 -0.09 -8.70 1.02
C THR A 26 -0.67 -9.96 1.69
N SER A 27 -0.01 -11.06 1.56
CA SER A 27 -0.51 -12.32 2.18
C SER A 27 0.19 -12.58 3.52
N SER A 28 -0.54 -13.03 4.50
CA SER A 28 0.08 -13.31 5.83
C SER A 28 1.02 -14.50 5.74
N GLU A 29 1.08 -15.14 4.61
CA GLU A 29 1.97 -16.33 4.45
C GLU A 29 3.43 -15.88 4.38
N CYS A 30 3.68 -14.67 3.96
CA CYS A 30 5.08 -14.17 3.86
C CYS A 30 5.64 -13.91 5.27
N SER A 31 6.94 -14.02 5.43
CA SER A 31 7.55 -13.78 6.76
C SER A 31 7.32 -12.33 7.20
N LYS A 32 6.85 -11.51 6.30
CA LYS A 32 6.61 -10.08 6.66
C LYS A 32 5.47 -9.51 5.81
N PRO A 33 4.36 -9.27 6.45
CA PRO A 33 3.18 -8.71 5.75
C PRO A 33 3.42 -7.24 5.41
N GLY A 34 2.41 -6.57 4.92
CA GLY A 34 2.58 -5.14 4.56
C GLY A 34 1.59 -4.78 3.46
N VAL A 35 1.37 -3.52 3.22
CA VAL A 35 0.41 -3.12 2.15
C VAL A 35 1.14 -2.34 1.06
N ILE A 36 1.03 -2.76 -0.16
CA ILE A 36 1.71 -2.03 -1.27
C ILE A 36 0.69 -1.14 -2.00
N PHE A 37 1.03 0.09 -2.20
CA PHE A 37 0.09 1.00 -2.91
C PHE A 37 0.36 0.96 -4.42
N LEU A 38 -0.66 0.89 -5.22
CA LEU A 38 -0.44 0.85 -6.68
C LEU A 38 -0.66 2.25 -7.25
N THR A 39 0.31 2.81 -7.91
CA THR A 39 0.15 4.18 -8.45
C THR A 39 -0.43 4.14 -9.86
N LYS A 40 -1.21 5.11 -10.21
CA LYS A 40 -1.81 5.13 -11.58
C LYS A 40 -0.72 5.28 -12.63
N LYS A 41 0.37 5.91 -12.28
CA LYS A 41 1.48 6.09 -13.26
C LYS A 41 2.18 4.74 -13.52
N GLY A 42 1.79 3.72 -12.82
CA GLY A 42 2.42 2.38 -13.04
C GLY A 42 3.60 2.21 -12.08
N ARG A 43 3.34 2.23 -10.80
CA ARG A 43 4.45 2.08 -9.81
C ARG A 43 3.92 1.39 -8.54
N GLN A 44 4.77 1.19 -7.57
CA GLN A 44 4.30 0.53 -6.31
C GLN A 44 5.09 1.04 -5.10
N VAL A 45 4.46 1.13 -3.96
CA VAL A 45 5.17 1.60 -2.74
C VAL A 45 5.01 0.56 -1.63
N CYS A 46 5.93 0.53 -0.69
CA CYS A 46 5.81 -0.46 0.42
C CYS A 46 5.42 0.25 1.71
N ALA A 47 4.32 -0.10 2.31
CA ALA A 47 3.92 0.59 3.56
C ALA A 47 3.63 -0.42 4.67
N LYS A 48 3.66 0.02 5.89
CA LYS A 48 3.37 -0.90 7.03
C LYS A 48 1.86 -1.06 7.19
N PRO A 49 1.48 -1.92 8.11
CA PRO A 49 0.04 -2.17 8.35
C PRO A 49 -0.59 -0.97 9.06
N SER A 50 0.16 -0.29 9.89
CA SER A 50 -0.41 0.89 10.60
C SER A 50 0.49 2.12 10.40
N GLY A 51 1.20 2.17 9.30
CA GLY A 51 2.09 3.33 9.05
C GLY A 51 1.29 4.64 9.19
N PRO A 52 1.95 5.65 9.68
CA PRO A 52 1.30 6.96 9.86
C PRO A 52 1.05 7.63 8.51
N GLY A 53 -0.15 7.53 8.00
CA GLY A 53 -0.46 8.16 6.68
C GLY A 53 -0.90 7.06 5.71
N VAL A 54 -0.55 5.83 5.98
CA VAL A 54 -0.95 4.72 5.08
C VAL A 54 -2.48 4.63 5.03
N GLN A 55 -3.13 4.81 6.14
CA GLN A 55 -4.61 4.74 6.13
C GLN A 55 -5.15 5.94 5.36
N ASP A 56 -4.40 7.02 5.33
CA ASP A 56 -4.86 8.21 4.57
C ASP A 56 -4.84 7.89 3.08
N CYS A 57 -3.82 7.23 2.62
CA CYS A 57 -3.75 6.86 1.18
C CYS A 57 -4.90 5.92 0.85
N MET A 58 -5.13 4.95 1.69
CA MET A 58 -6.23 3.98 1.44
C MET A 58 -7.59 4.69 1.62
N LYS A 59 -7.62 5.76 2.36
CA LYS A 59 -8.90 6.48 2.55
C LYS A 59 -9.36 7.05 1.21
N LYS A 60 -8.49 7.79 0.56
CA LYS A 60 -8.87 8.36 -0.76
C LYS A 60 -8.93 7.23 -1.80
N LEU A 61 -8.23 6.15 -1.57
CA LEU A 61 -8.26 5.01 -2.53
C LEU A 61 -9.55 4.20 -2.38
N LYS A 62 -10.45 4.65 -1.55
CA LYS A 62 -11.73 3.90 -1.36
C LYS A 62 -12.91 4.68 -1.94
N PRO A 63 -13.24 4.37 -3.16
CA PRO A 63 -14.37 5.04 -3.84
C PRO A 63 -15.70 4.53 -3.28
N TYR A 64 -16.19 5.17 -2.26
CA TYR A 64 -17.49 4.72 -1.65
C TYR A 64 -18.32 5.93 -1.22
N SER A 65 -18.88 6.65 -2.16
CA SER A 65 -19.71 7.83 -1.79
C SER A 65 -20.25 8.51 -3.05
N ILE A 66 -21.52 8.82 -3.07
CA ILE A 66 -22.11 9.48 -4.27
C ILE A 66 -22.28 10.98 -4.02
N HIS A 1 -6.25 -12.58 -9.85
CA HIS A 1 -6.25 -12.46 -8.36
C HIS A 1 -5.04 -13.19 -7.77
N PHE A 2 -3.87 -12.68 -8.01
CA PHE A 2 -2.64 -13.35 -7.46
C PHE A 2 -1.64 -12.29 -6.98
N ALA A 3 -1.82 -11.78 -5.79
CA ALA A 3 -0.88 -10.74 -5.27
C ALA A 3 0.02 -11.34 -4.19
N ALA A 4 1.31 -11.23 -4.35
CA ALA A 4 2.25 -11.78 -3.33
C ALA A 4 3.42 -10.82 -3.12
N ASP A 5 3.38 -9.67 -3.72
CA ASP A 5 4.51 -8.70 -3.57
C ASP A 5 4.67 -8.31 -2.09
N CYS A 6 5.53 -8.97 -1.38
CA CYS A 6 5.74 -8.63 0.06
C CYS A 6 6.87 -7.61 0.21
N CYS A 7 7.05 -7.09 1.39
CA CYS A 7 8.14 -6.09 1.59
C CYS A 7 8.73 -6.21 3.00
N THR A 8 10.01 -6.00 3.13
CA THR A 8 10.64 -6.09 4.48
C THR A 8 10.84 -4.68 5.02
N SER A 9 10.87 -3.72 4.15
CA SER A 9 11.05 -2.30 4.58
C SER A 9 9.88 -1.46 4.04
N TYR A 10 9.95 -0.17 4.18
CA TYR A 10 8.83 0.68 3.67
C TYR A 10 9.34 2.03 3.17
N ILE A 11 8.46 2.94 2.87
CA ILE A 11 8.89 4.27 2.37
C ILE A 11 9.60 5.04 3.49
N SER A 12 10.17 6.19 3.18
CA SER A 12 10.88 6.98 4.23
C SER A 12 9.99 8.10 4.76
N GLN A 13 8.85 8.30 4.15
CA GLN A 13 7.93 9.37 4.64
C GLN A 13 6.48 8.91 4.52
N SER A 14 5.54 9.78 4.75
CA SER A 14 4.12 9.37 4.64
C SER A 14 3.85 8.83 3.23
N ILE A 15 2.84 8.02 3.07
CA ILE A 15 2.54 7.47 1.72
C ILE A 15 1.96 8.58 0.84
N PRO A 16 2.47 8.66 -0.36
CA PRO A 16 2.00 9.69 -1.32
C PRO A 16 0.71 9.26 -2.00
N CYS A 17 -0.40 9.45 -1.34
CA CYS A 17 -1.70 9.05 -1.97
C CYS A 17 -1.96 9.88 -3.22
N SER A 18 -1.39 11.05 -3.30
CA SER A 18 -1.60 11.90 -4.50
C SER A 18 -0.91 11.29 -5.72
N LEU A 19 -0.27 10.16 -5.56
CA LEU A 19 0.40 9.50 -6.71
C LEU A 19 0.04 8.02 -6.75
N MET A 20 -1.13 7.67 -6.29
CA MET A 20 -1.54 6.24 -6.31
C MET A 20 -3.05 6.13 -6.59
N LYS A 21 -3.46 5.15 -7.34
CA LYS A 21 -4.91 4.99 -7.66
C LYS A 21 -5.57 4.02 -6.67
N SER A 22 -4.83 3.08 -6.15
CA SER A 22 -5.44 2.10 -5.19
C SER A 22 -4.39 1.55 -4.24
N TYR A 23 -4.76 0.62 -3.40
CA TYR A 23 -3.79 0.03 -2.44
C TYR A 23 -4.18 -1.43 -2.13
N PHE A 24 -3.25 -2.26 -1.71
CA PHE A 24 -3.62 -3.67 -1.42
C PHE A 24 -2.72 -4.24 -0.31
N GLU A 25 -3.26 -5.11 0.50
CA GLU A 25 -2.43 -5.72 1.59
C GLU A 25 -1.79 -7.00 1.10
N THR A 26 -0.61 -7.31 1.55
CA THR A 26 0.06 -8.56 1.10
C THR A 26 -0.65 -9.78 1.66
N SER A 27 -0.12 -10.95 1.43
CA SER A 27 -0.77 -12.19 1.96
C SER A 27 -0.13 -12.61 3.27
N SER A 28 -0.90 -13.15 4.19
CA SER A 28 -0.34 -13.58 5.49
C SER A 28 0.61 -14.77 5.31
N GLU A 29 0.67 -15.30 4.12
CA GLU A 29 1.57 -16.46 3.86
C GLU A 29 3.03 -16.01 3.83
N CYS A 30 3.26 -14.76 3.56
CA CYS A 30 4.67 -14.26 3.51
C CYS A 30 5.25 -14.15 4.92
N SER A 31 6.54 -14.25 5.05
CA SER A 31 7.17 -14.16 6.41
C SER A 31 6.86 -12.81 7.03
N LYS A 32 6.52 -11.84 6.24
CA LYS A 32 6.20 -10.49 6.78
C LYS A 32 5.14 -9.81 5.91
N PRO A 33 4.19 -9.21 6.57
CA PRO A 33 3.09 -8.50 5.86
C PRO A 33 3.60 -7.19 5.26
N GLY A 34 2.69 -6.38 4.75
CA GLY A 34 3.11 -5.08 4.14
C GLY A 34 2.00 -4.59 3.21
N VAL A 35 1.75 -3.30 3.22
CA VAL A 35 0.68 -2.75 2.32
C VAL A 35 1.33 -1.98 1.17
N ILE A 36 1.07 -2.38 -0.04
CA ILE A 36 1.69 -1.67 -1.20
C ILE A 36 0.63 -0.89 -1.98
N PHE A 37 0.92 0.34 -2.31
CA PHE A 37 -0.08 1.15 -3.08
C PHE A 37 0.21 1.01 -4.58
N LEU A 38 -0.81 0.88 -5.38
CA LEU A 38 -0.60 0.73 -6.85
C LEU A 38 -0.76 2.09 -7.53
N THR A 39 0.27 2.55 -8.19
CA THR A 39 0.19 3.87 -8.89
C THR A 39 -0.18 3.67 -10.36
N LYS A 40 -1.01 4.53 -10.88
CA LYS A 40 -1.42 4.39 -12.31
C LYS A 40 -0.21 4.64 -13.22
N LYS A 41 0.78 5.33 -12.74
CA LYS A 41 1.98 5.59 -13.58
C LYS A 41 2.79 4.30 -13.79
N GLY A 42 2.38 3.23 -13.16
CA GLY A 42 3.11 1.95 -13.31
C GLY A 42 4.20 1.84 -12.24
N ARG A 43 3.83 1.96 -11.00
CA ARG A 43 4.84 1.87 -9.90
C ARG A 43 4.19 1.29 -8.64
N GLN A 44 4.96 1.01 -7.63
CA GLN A 44 4.37 0.44 -6.38
C GLN A 44 5.14 0.95 -5.15
N VAL A 45 4.43 1.33 -4.12
CA VAL A 45 5.11 1.83 -2.89
C VAL A 45 4.95 0.78 -1.78
N CYS A 46 5.85 0.76 -0.84
CA CYS A 46 5.74 -0.24 0.27
C CYS A 46 5.63 0.48 1.61
N ALA A 47 4.60 0.21 2.36
CA ALA A 47 4.45 0.88 3.68
C ALA A 47 4.08 -0.13 4.76
N LYS A 48 4.35 0.19 5.99
CA LYS A 48 4.02 -0.76 7.10
C LYS A 48 2.52 -1.10 7.07
N PRO A 49 2.12 -1.93 7.98
CA PRO A 49 0.70 -2.36 8.06
C PRO A 49 -0.18 -1.20 8.55
N SER A 50 0.27 -0.51 9.56
CA SER A 50 -0.53 0.64 10.09
C SER A 50 0.34 1.89 10.15
N GLY A 51 1.20 2.07 9.19
CA GLY A 51 2.08 3.28 9.19
C GLY A 51 1.24 4.52 9.49
N PRO A 52 1.89 5.50 10.06
CA PRO A 52 1.19 6.77 10.40
C PRO A 52 0.84 7.54 9.13
N GLY A 53 -0.24 7.19 8.50
CA GLY A 53 -0.64 7.90 7.26
C GLY A 53 -0.97 6.86 6.18
N VAL A 54 -0.45 5.68 6.30
CA VAL A 54 -0.72 4.62 5.27
C VAL A 54 -2.22 4.26 5.28
N GLN A 55 -2.79 4.08 6.44
CA GLN A 55 -4.23 3.74 6.50
C GLN A 55 -5.06 4.92 5.99
N ASP A 56 -4.64 6.11 6.32
CA ASP A 56 -5.39 7.30 5.84
C ASP A 56 -5.27 7.38 4.32
N CYS A 57 -4.16 6.93 3.79
CA CYS A 57 -3.99 6.95 2.32
C CYS A 57 -4.97 5.98 1.68
N MET A 58 -5.01 4.76 2.18
CA MET A 58 -5.95 3.77 1.60
C MET A 58 -7.39 4.23 1.85
N LYS A 59 -7.60 5.04 2.86
CA LYS A 59 -8.97 5.52 3.13
C LYS A 59 -9.41 6.43 1.98
N LYS A 60 -8.55 7.31 1.55
CA LYS A 60 -8.89 8.22 0.43
C LYS A 60 -8.99 7.42 -0.87
N LEU A 61 -8.33 6.29 -0.94
CA LEU A 61 -8.39 5.47 -2.19
C LEU A 61 -9.75 4.78 -2.32
N LYS A 62 -10.61 4.97 -1.35
CA LYS A 62 -11.95 4.35 -1.42
C LYS A 62 -12.91 5.24 -2.21
N PRO A 63 -13.90 4.62 -2.80
CA PRO A 63 -14.90 5.37 -3.60
C PRO A 63 -15.82 6.18 -2.68
N TYR A 64 -15.48 7.42 -2.43
CA TYR A 64 -16.34 8.27 -1.54
C TYR A 64 -16.45 9.68 -2.11
N SER A 65 -16.97 9.81 -3.30
CA SER A 65 -17.10 11.18 -3.90
C SER A 65 -18.43 11.29 -4.65
N ILE A 66 -19.14 12.36 -4.45
CA ILE A 66 -20.45 12.54 -5.15
C ILE A 66 -20.22 12.74 -6.65
N HIS A 1 7.79 -13.95 -9.44
CA HIS A 1 7.13 -14.40 -8.18
C HIS A 1 5.66 -14.76 -8.45
N PHE A 2 5.03 -15.46 -7.56
CA PHE A 2 3.60 -15.83 -7.77
C PHE A 2 2.74 -15.26 -6.64
N ALA A 3 1.49 -15.62 -6.60
CA ALA A 3 0.59 -15.10 -5.53
C ALA A 3 0.67 -13.57 -5.47
N ALA A 4 0.48 -13.00 -4.31
CA ALA A 4 0.54 -11.52 -4.18
C ALA A 4 2.00 -11.06 -4.06
N ASP A 5 2.22 -9.88 -3.55
CA ASP A 5 3.61 -9.39 -3.40
C ASP A 5 3.92 -9.10 -1.92
N CYS A 6 5.15 -8.84 -1.60
CA CYS A 6 5.52 -8.56 -0.17
C CYS A 6 6.68 -7.58 -0.10
N CYS A 7 6.99 -7.09 1.07
CA CYS A 7 8.12 -6.13 1.21
C CYS A 7 8.84 -6.34 2.54
N THR A 8 10.11 -6.05 2.57
CA THR A 8 10.88 -6.21 3.85
C THR A 8 11.03 -4.85 4.52
N SER A 9 10.91 -3.79 3.77
CA SER A 9 11.03 -2.43 4.34
C SER A 9 9.82 -1.58 3.92
N TYR A 10 9.89 -0.29 4.12
CA TYR A 10 8.74 0.58 3.72
C TYR A 10 9.25 1.96 3.28
N ILE A 11 8.37 2.88 3.04
CA ILE A 11 8.82 4.23 2.59
C ILE A 11 9.48 4.97 3.77
N SER A 12 10.21 6.02 3.48
CA SER A 12 10.89 6.76 4.58
C SER A 12 10.06 7.98 5.01
N GLN A 13 8.85 8.08 4.52
CA GLN A 13 8.00 9.24 4.90
C GLN A 13 6.52 8.90 4.65
N SER A 14 5.65 9.86 4.86
CA SER A 14 4.21 9.59 4.62
C SER A 14 3.98 9.02 3.22
N ILE A 15 3.01 8.17 3.07
CA ILE A 15 2.75 7.58 1.72
C ILE A 15 2.15 8.65 0.80
N PRO A 16 2.64 8.68 -0.41
CA PRO A 16 2.17 9.67 -1.40
C PRO A 16 0.83 9.25 -2.03
N CYS A 17 -0.24 9.38 -1.32
CA CYS A 17 -1.57 9.00 -1.89
C CYS A 17 -1.89 9.90 -3.10
N SER A 18 -1.25 11.03 -3.17
CA SER A 18 -1.51 11.96 -4.32
C SER A 18 -1.07 11.33 -5.64
N LEU A 19 -0.47 10.17 -5.60
CA LEU A 19 -0.03 9.51 -6.85
C LEU A 19 -0.34 8.02 -6.80
N MET A 20 -1.46 7.64 -6.23
CA MET A 20 -1.80 6.19 -6.17
C MET A 20 -3.26 5.97 -6.55
N LYS A 21 -3.52 5.05 -7.43
CA LYS A 21 -4.92 4.78 -7.87
C LYS A 21 -5.53 3.60 -7.09
N SER A 22 -4.75 2.61 -6.75
CA SER A 22 -5.32 1.45 -6.00
C SER A 22 -4.26 0.74 -5.15
N TYR A 23 -4.45 0.75 -3.86
CA TYR A 23 -3.48 0.07 -2.95
C TYR A 23 -3.96 -1.35 -2.64
N PHE A 24 -3.11 -2.20 -2.15
CA PHE A 24 -3.55 -3.59 -1.82
C PHE A 24 -2.74 -4.16 -0.66
N GLU A 25 -3.33 -5.03 0.11
CA GLU A 25 -2.61 -5.63 1.26
C GLU A 25 -1.92 -6.93 0.83
N THR A 26 -0.73 -7.17 1.32
CA THR A 26 -0.02 -8.43 0.94
C THR A 26 -0.73 -9.64 1.54
N SER A 27 -0.12 -10.79 1.47
CA SER A 27 -0.76 -12.00 2.04
C SER A 27 -0.15 -12.33 3.40
N SER A 28 -0.94 -12.76 4.34
CA SER A 28 -0.41 -13.10 5.69
C SER A 28 0.52 -14.32 5.60
N GLU A 29 0.56 -14.95 4.46
CA GLU A 29 1.44 -16.15 4.30
C GLU A 29 2.90 -15.70 4.21
N CYS A 30 3.14 -14.46 3.91
CA CYS A 30 4.55 -13.97 3.80
C CYS A 30 5.17 -13.87 5.18
N SER A 31 6.47 -13.71 5.26
CA SER A 31 7.12 -13.60 6.59
C SER A 31 6.56 -12.39 7.34
N LYS A 32 6.15 -11.40 6.61
CA LYS A 32 5.59 -10.18 7.26
C LYS A 32 4.60 -9.49 6.31
N PRO A 33 3.58 -8.92 6.88
CA PRO A 33 2.55 -8.23 6.08
C PRO A 33 3.09 -6.90 5.54
N GLY A 34 2.23 -6.12 4.91
CA GLY A 34 2.68 -4.82 4.36
C GLY A 34 1.63 -4.30 3.38
N VAL A 35 1.61 -3.02 3.13
CA VAL A 35 0.60 -2.47 2.18
C VAL A 35 1.30 -1.79 1.01
N ILE A 36 1.11 -2.28 -0.19
CA ILE A 36 1.76 -1.64 -1.36
C ILE A 36 0.76 -0.79 -2.14
N PHE A 37 1.07 0.44 -2.39
CA PHE A 37 0.12 1.29 -3.15
C PHE A 37 0.45 1.21 -4.65
N LEU A 38 -0.55 1.09 -5.47
CA LEU A 38 -0.27 1.00 -6.94
C LEU A 38 -0.49 2.37 -7.58
N THR A 39 0.49 2.87 -8.28
CA THR A 39 0.33 4.21 -8.93
C THR A 39 -0.22 4.03 -10.34
N LYS A 40 -1.07 4.93 -10.77
CA LYS A 40 -1.64 4.83 -12.14
C LYS A 40 -0.52 4.99 -13.17
N LYS A 41 0.56 5.60 -12.79
CA LYS A 41 1.70 5.80 -13.75
C LYS A 41 2.38 4.47 -14.03
N GLY A 42 2.20 3.51 -13.18
CA GLY A 42 2.84 2.18 -13.39
C GLY A 42 3.97 1.99 -12.37
N ARG A 43 3.66 2.08 -11.10
CA ARG A 43 4.73 1.90 -10.07
C ARG A 43 4.12 1.31 -8.79
N GLN A 44 4.92 1.07 -7.78
CA GLN A 44 4.38 0.50 -6.52
C GLN A 44 5.17 1.00 -5.30
N VAL A 45 4.50 1.34 -4.25
CA VAL A 45 5.19 1.82 -3.02
C VAL A 45 5.03 0.78 -1.91
N CYS A 46 5.84 0.84 -0.89
CA CYS A 46 5.72 -0.17 0.20
C CYS A 46 5.67 0.54 1.57
N ALA A 47 4.58 0.41 2.26
CA ALA A 47 4.47 1.06 3.59
C ALA A 47 4.07 0.05 4.67
N LYS A 48 4.39 0.34 5.90
CA LYS A 48 4.04 -0.61 7.01
C LYS A 48 2.54 -0.88 7.02
N PRO A 49 2.15 -1.87 7.77
CA PRO A 49 0.73 -2.24 7.88
C PRO A 49 -0.03 -1.21 8.71
N SER A 50 0.54 -0.78 9.80
CA SER A 50 -0.15 0.23 10.66
C SER A 50 0.64 1.55 10.66
N GLY A 51 1.36 1.82 9.61
CA GLY A 51 2.15 3.08 9.55
C GLY A 51 1.22 4.27 9.75
N PRO A 52 1.72 5.26 10.45
CA PRO A 52 0.92 6.47 10.73
C PRO A 52 0.73 7.27 9.45
N GLY A 53 -0.24 6.90 8.65
CA GLY A 53 -0.49 7.64 7.38
C GLY A 53 -0.80 6.64 6.27
N VAL A 54 -0.32 5.42 6.38
CA VAL A 54 -0.59 4.41 5.33
C VAL A 54 -2.08 4.07 5.29
N GLN A 55 -2.67 3.84 6.43
CA GLN A 55 -4.12 3.51 6.45
C GLN A 55 -4.91 4.74 6.01
N ASP A 56 -4.47 5.90 6.38
CA ASP A 56 -5.17 7.13 5.96
C ASP A 56 -5.04 7.27 4.44
N CYS A 57 -3.94 6.81 3.89
CA CYS A 57 -3.77 6.89 2.42
C CYS A 57 -4.77 5.97 1.75
N MET A 58 -4.88 4.75 2.21
CA MET A 58 -5.86 3.81 1.61
C MET A 58 -7.28 4.32 1.88
N LYS A 59 -7.45 5.10 2.92
CA LYS A 59 -8.80 5.63 3.23
C LYS A 59 -9.25 6.55 2.09
N LYS A 60 -8.39 7.43 1.66
CA LYS A 60 -8.75 8.34 0.55
C LYS A 60 -8.89 7.53 -0.75
N LEU A 61 -8.13 6.47 -0.88
CA LEU A 61 -8.21 5.65 -2.12
C LEU A 61 -9.46 4.77 -2.08
N LYS A 62 -10.24 4.87 -1.04
CA LYS A 62 -11.47 4.05 -0.93
C LYS A 62 -12.37 4.31 -2.13
N PRO A 63 -13.00 3.27 -2.60
CA PRO A 63 -13.91 3.37 -3.77
C PRO A 63 -15.22 4.05 -3.36
N TYR A 64 -15.62 5.05 -4.10
CA TYR A 64 -16.89 5.75 -3.77
C TYR A 64 -17.82 5.78 -4.98
N SER A 65 -17.83 4.71 -5.75
CA SER A 65 -18.70 4.68 -6.96
C SER A 65 -19.72 3.53 -6.83
N ILE A 66 -20.98 3.83 -6.94
CA ILE A 66 -22.02 2.76 -6.82
C ILE A 66 -22.97 2.82 -8.01
N HIS A 1 8.38 -19.93 -9.03
CA HIS A 1 7.24 -20.74 -8.52
C HIS A 1 6.09 -19.82 -8.11
N PHE A 2 4.96 -20.37 -7.78
CA PHE A 2 3.80 -19.52 -7.37
C PHE A 2 4.16 -18.72 -6.12
N ALA A 3 4.23 -17.42 -6.24
CA ALA A 3 4.58 -16.57 -5.06
C ALA A 3 3.70 -15.33 -5.01
N ALA A 4 3.32 -14.89 -3.84
CA ALA A 4 2.46 -13.68 -3.73
C ALA A 4 3.33 -12.42 -3.62
N ASP A 5 2.72 -11.28 -3.46
CA ASP A 5 3.51 -10.02 -3.35
C ASP A 5 3.79 -9.72 -1.87
N CYS A 6 4.98 -9.26 -1.58
CA CYS A 6 5.31 -8.94 -0.15
C CYS A 6 6.29 -7.77 -0.09
N CYS A 7 6.19 -6.96 0.93
CA CYS A 7 7.12 -5.79 1.04
C CYS A 7 8.37 -6.20 1.84
N THR A 8 9.52 -5.75 1.42
CA THR A 8 10.77 -6.09 2.16
C THR A 8 11.13 -4.96 3.11
N SER A 9 10.47 -3.83 2.98
CA SER A 9 10.76 -2.68 3.88
C SER A 9 9.60 -1.67 3.79
N TYR A 10 9.87 -0.42 4.03
CA TYR A 10 8.77 0.59 3.94
C TYR A 10 9.33 1.94 3.50
N ILE A 11 8.50 2.79 2.97
CA ILE A 11 8.98 4.13 2.50
C ILE A 11 9.68 4.85 3.64
N SER A 12 10.43 5.89 3.33
CA SER A 12 11.14 6.63 4.40
C SER A 12 10.30 7.80 4.92
N GLN A 13 9.10 7.95 4.43
CA GLN A 13 8.24 9.07 4.89
C GLN A 13 6.76 8.73 4.70
N SER A 14 5.88 9.60 5.05
CA SER A 14 4.43 9.30 4.87
C SER A 14 4.16 8.86 3.43
N ILE A 15 3.27 7.93 3.23
CA ILE A 15 2.97 7.48 1.83
C ILE A 15 2.25 8.59 1.07
N PRO A 16 2.66 8.78 -0.16
CA PRO A 16 2.05 9.82 -1.00
C PRO A 16 0.69 9.36 -1.53
N CYS A 17 -0.36 9.58 -0.78
CA CYS A 17 -1.71 9.16 -1.26
C CYS A 17 -2.04 9.91 -2.56
N SER A 18 -1.50 11.10 -2.71
CA SER A 18 -1.78 11.90 -3.94
C SER A 18 -1.12 11.27 -5.17
N LEU A 19 -0.49 10.14 -5.02
CA LEU A 19 0.17 9.48 -6.18
C LEU A 19 -0.18 8.00 -6.21
N MET A 20 -1.34 7.63 -5.73
CA MET A 20 -1.72 6.19 -5.74
C MET A 20 -3.17 6.02 -6.18
N LYS A 21 -3.41 5.12 -7.08
CA LYS A 21 -4.81 4.88 -7.56
C LYS A 21 -5.42 3.70 -6.80
N SER A 22 -4.61 2.79 -6.31
CA SER A 22 -5.17 1.62 -5.57
C SER A 22 -4.21 1.18 -4.46
N TYR A 23 -4.65 0.28 -3.62
CA TYR A 23 -3.77 -0.20 -2.51
C TYR A 23 -4.11 -1.65 -2.18
N PHE A 24 -3.16 -2.46 -1.81
CA PHE A 24 -3.48 -3.88 -1.48
C PHE A 24 -2.55 -4.43 -0.40
N GLU A 25 -3.05 -5.28 0.45
CA GLU A 25 -2.21 -5.87 1.53
C GLU A 25 -1.57 -7.15 1.02
N THR A 26 -0.42 -7.50 1.52
CA THR A 26 0.25 -8.74 1.05
C THR A 26 -0.33 -9.95 1.77
N SER A 27 0.13 -11.13 1.46
CA SER A 27 -0.41 -12.35 2.12
C SER A 27 0.27 -12.55 3.49
N SER A 28 -0.49 -12.89 4.48
CA SER A 28 0.12 -13.10 5.83
C SER A 28 1.02 -14.33 5.82
N GLU A 29 1.00 -15.07 4.75
CA GLU A 29 1.85 -16.28 4.66
C GLU A 29 3.32 -15.88 4.49
N CYS A 30 3.56 -14.67 4.07
CA CYS A 30 4.97 -14.21 3.87
C CYS A 30 5.65 -14.02 5.23
N SER A 31 6.94 -13.89 5.25
CA SER A 31 7.67 -13.71 6.54
C SER A 31 7.18 -12.44 7.24
N LYS A 32 6.70 -11.51 6.48
CA LYS A 32 6.19 -10.23 7.08
C LYS A 32 5.10 -9.63 6.20
N PRO A 33 4.06 -9.15 6.85
CA PRO A 33 2.93 -8.54 6.12
C PRO A 33 3.32 -7.16 5.58
N GLY A 34 2.37 -6.40 5.10
CA GLY A 34 2.70 -5.05 4.56
C GLY A 34 1.59 -4.59 3.62
N VAL A 35 1.68 -3.38 3.13
CA VAL A 35 0.64 -2.86 2.20
C VAL A 35 1.32 -2.15 1.02
N ILE A 36 1.14 -2.64 -0.17
CA ILE A 36 1.79 -1.98 -1.34
C ILE A 36 0.79 -1.09 -2.07
N PHE A 37 1.14 0.13 -2.31
CA PHE A 37 0.20 1.04 -3.03
C PHE A 37 0.55 1.04 -4.51
N LEU A 38 -0.44 0.96 -5.37
CA LEU A 38 -0.16 0.97 -6.82
C LEU A 38 -0.35 2.38 -7.36
N THR A 39 0.65 2.93 -8.01
CA THR A 39 0.53 4.31 -8.53
C THR A 39 0.01 4.28 -9.97
N LYS A 40 -0.73 5.29 -10.35
CA LYS A 40 -1.27 5.34 -11.74
C LYS A 40 -0.10 5.49 -12.73
N LYS A 41 0.99 6.07 -12.29
CA LYS A 41 2.16 6.25 -13.20
C LYS A 41 2.80 4.89 -13.52
N GLY A 42 2.36 3.86 -12.88
CA GLY A 42 2.95 2.51 -13.14
C GLY A 42 4.09 2.24 -12.16
N ARG A 43 3.80 2.27 -10.89
CA ARG A 43 4.87 2.01 -9.88
C ARG A 43 4.27 1.35 -8.63
N GLN A 44 5.08 1.03 -7.66
CA GLN A 44 4.55 0.39 -6.42
C GLN A 44 5.32 0.85 -5.19
N VAL A 45 4.64 1.13 -4.12
CA VAL A 45 5.33 1.59 -2.87
C VAL A 45 5.13 0.57 -1.76
N CYS A 46 5.94 0.61 -0.74
CA CYS A 46 5.79 -0.35 0.39
C CYS A 46 5.47 0.40 1.67
N ALA A 47 4.39 0.07 2.32
CA ALA A 47 4.04 0.79 3.58
C ALA A 47 3.81 -0.21 4.72
N LYS A 48 3.95 0.24 5.94
CA LYS A 48 3.74 -0.67 7.10
C LYS A 48 2.24 -0.96 7.28
N PRO A 49 1.96 -1.90 8.13
CA PRO A 49 0.55 -2.27 8.40
C PRO A 49 -0.13 -1.18 9.23
N SER A 50 0.62 -0.51 10.06
CA SER A 50 0.02 0.57 10.90
C SER A 50 0.84 1.86 10.74
N GLY A 51 1.30 2.13 9.54
CA GLY A 51 2.10 3.37 9.31
C GLY A 51 1.18 4.58 9.30
N PRO A 52 1.68 5.66 9.83
CA PRO A 52 0.89 6.92 9.89
C PRO A 52 0.76 7.52 8.49
N GLY A 53 -0.37 7.37 7.87
CA GLY A 53 -0.55 7.93 6.51
C GLY A 53 -0.98 6.81 5.56
N VAL A 54 -0.62 5.60 5.85
CA VAL A 54 -1.01 4.46 4.96
C VAL A 54 -2.53 4.34 4.91
N GLN A 55 -3.18 4.43 6.03
CA GLN A 55 -4.66 4.34 6.04
C GLN A 55 -5.22 5.58 5.35
N ASP A 56 -4.48 6.64 5.35
CA ASP A 56 -4.94 7.87 4.67
C ASP A 56 -4.96 7.64 3.16
N CYS A 57 -3.95 6.99 2.64
CA CYS A 57 -3.94 6.71 1.17
C CYS A 57 -5.08 5.77 0.83
N MET A 58 -5.27 4.75 1.62
CA MET A 58 -6.38 3.80 1.35
C MET A 58 -7.72 4.48 1.62
N LYS A 59 -7.72 5.51 2.43
CA LYS A 59 -8.99 6.22 2.72
C LYS A 59 -9.50 6.88 1.45
N LYS A 60 -8.66 7.61 0.79
CA LYS A 60 -9.08 8.28 -0.47
C LYS A 60 -9.33 7.22 -1.56
N LEU A 61 -8.66 6.09 -1.45
CA LEU A 61 -8.86 5.02 -2.48
C LEU A 61 -10.18 4.29 -2.23
N LYS A 62 -10.89 4.66 -1.20
CA LYS A 62 -12.19 4.00 -0.92
C LYS A 62 -13.35 4.91 -1.33
N PRO A 63 -13.89 4.64 -2.48
CA PRO A 63 -15.01 5.44 -3.01
C PRO A 63 -16.30 5.15 -2.23
N TYR A 64 -16.59 5.93 -1.23
CA TYR A 64 -17.83 5.70 -0.44
C TYR A 64 -18.70 6.96 -0.43
N SER A 65 -18.87 7.58 -1.57
CA SER A 65 -19.70 8.81 -1.65
C SER A 65 -20.03 9.14 -3.10
N ILE A 66 -20.85 10.13 -3.33
CA ILE A 66 -21.20 10.50 -4.73
C ILE A 66 -21.35 12.02 -4.85
N HIS A 1 11.72 -10.85 -9.36
CA HIS A 1 10.96 -10.40 -8.17
C HIS A 1 10.09 -11.54 -7.63
N PHE A 2 10.14 -11.77 -6.34
CA PHE A 2 9.32 -12.87 -5.75
C PHE A 2 7.92 -12.89 -6.38
N ALA A 3 7.48 -14.03 -6.84
CA ALA A 3 6.13 -14.10 -7.47
C ALA A 3 5.11 -13.34 -6.61
N ALA A 4 5.20 -13.46 -5.32
CA ALA A 4 4.24 -12.73 -4.44
C ALA A 4 4.62 -11.25 -4.34
N ASP A 5 3.80 -10.46 -3.70
CA ASP A 5 4.11 -9.01 -3.56
C ASP A 5 4.38 -8.66 -2.10
N CYS A 6 5.41 -9.21 -1.52
CA CYS A 6 5.72 -8.90 -0.09
C CYS A 6 6.69 -7.71 -0.01
N CYS A 7 6.54 -6.91 1.01
CA CYS A 7 7.45 -5.73 1.15
C CYS A 7 8.68 -6.10 1.99
N THR A 8 9.84 -5.65 1.59
CA THR A 8 11.07 -5.96 2.37
C THR A 8 11.36 -4.80 3.32
N SER A 9 10.73 -3.69 3.09
CA SER A 9 10.94 -2.49 3.97
C SER A 9 9.75 -1.55 3.83
N TYR A 10 9.96 -0.28 4.01
CA TYR A 10 8.82 0.67 3.87
C TYR A 10 9.33 2.03 3.39
N ILE A 11 8.48 2.81 2.78
CA ILE A 11 8.91 4.14 2.28
C ILE A 11 9.69 4.88 3.38
N SER A 12 10.21 6.04 3.08
CA SER A 12 10.97 6.80 4.12
C SER A 12 10.10 7.89 4.74
N GLN A 13 8.88 8.01 4.30
CA GLN A 13 7.98 9.05 4.87
C GLN A 13 6.52 8.62 4.70
N SER A 14 5.60 9.48 5.01
CA SER A 14 4.17 9.10 4.86
C SER A 14 3.92 8.62 3.42
N ILE A 15 2.97 7.74 3.24
CA ILE A 15 2.70 7.23 1.86
C ILE A 15 2.06 8.32 1.02
N PRO A 16 2.52 8.43 -0.20
CA PRO A 16 1.99 9.45 -1.13
C PRO A 16 0.62 9.04 -1.66
N CYS A 17 -0.42 9.30 -0.93
CA CYS A 17 -1.78 8.94 -1.42
C CYS A 17 -2.07 9.67 -2.73
N SER A 18 -1.53 10.85 -2.88
CA SER A 18 -1.77 11.65 -4.12
C SER A 18 -1.08 11.02 -5.34
N LEU A 19 -0.47 9.88 -5.17
CA LEU A 19 0.21 9.24 -6.33
C LEU A 19 -0.12 7.74 -6.35
N MET A 20 -1.27 7.36 -5.89
CA MET A 20 -1.63 5.92 -5.90
C MET A 20 -3.08 5.73 -6.35
N LYS A 21 -3.31 4.79 -7.22
CA LYS A 21 -4.69 4.53 -7.70
C LYS A 21 -5.37 3.47 -6.84
N SER A 22 -4.59 2.63 -6.19
CA SER A 22 -5.20 1.58 -5.33
C SER A 22 -4.19 1.08 -4.30
N TYR A 23 -4.60 0.18 -3.45
CA TYR A 23 -3.65 -0.35 -2.41
C TYR A 23 -4.03 -1.80 -2.07
N PHE A 24 -3.08 -2.62 -1.68
CA PHE A 24 -3.42 -4.02 -1.34
C PHE A 24 -2.49 -4.57 -0.26
N GLU A 25 -2.92 -5.55 0.48
CA GLU A 25 -2.06 -6.13 1.53
C GLU A 25 -1.26 -7.30 0.95
N THR A 26 -0.05 -7.50 1.41
CA THR A 26 0.76 -8.62 0.87
C THR A 26 0.16 -9.96 1.31
N SER A 27 0.50 -11.02 0.63
CA SER A 27 -0.06 -12.36 1.02
C SER A 27 0.27 -12.66 2.49
N SER A 28 -0.66 -13.19 3.22
CA SER A 28 -0.39 -13.50 4.67
C SER A 28 0.62 -14.64 4.77
N GLU A 29 0.98 -15.23 3.66
CA GLU A 29 1.97 -16.34 3.68
C GLU A 29 3.37 -15.80 3.94
N CYS A 30 3.63 -14.58 3.55
CA CYS A 30 4.99 -13.99 3.78
C CYS A 30 5.18 -13.66 5.26
N SER A 31 6.37 -13.85 5.76
CA SER A 31 6.64 -13.55 7.20
C SER A 31 6.40 -12.07 7.49
N LYS A 32 7.02 -11.23 6.73
CA LYS A 32 6.87 -9.76 6.94
C LYS A 32 5.70 -9.21 6.10
N PRO A 33 4.63 -8.89 6.77
CA PRO A 33 3.45 -8.34 6.08
C PRO A 33 3.70 -6.90 5.66
N GLY A 34 2.70 -6.23 5.15
CA GLY A 34 2.91 -4.81 4.72
C GLY A 34 1.88 -4.46 3.65
N VAL A 35 1.57 -3.20 3.50
CA VAL A 35 0.58 -2.78 2.47
C VAL A 35 1.30 -2.10 1.30
N ILE A 36 1.15 -2.61 0.12
CA ILE A 36 1.81 -1.99 -1.06
C ILE A 36 0.80 -1.18 -1.87
N PHE A 37 1.09 0.06 -2.15
CA PHE A 37 0.13 0.88 -2.94
C PHE A 37 0.50 0.82 -4.43
N LEU A 38 -0.47 0.64 -5.29
CA LEU A 38 -0.16 0.58 -6.74
C LEU A 38 -0.43 1.95 -7.37
N THR A 39 0.57 2.55 -7.96
CA THR A 39 0.37 3.90 -8.56
C THR A 39 -0.03 3.78 -10.03
N LYS A 40 -0.75 4.75 -10.52
CA LYS A 40 -1.18 4.70 -11.94
C LYS A 40 0.04 4.80 -12.86
N LYS A 41 1.08 5.46 -12.43
CA LYS A 41 2.30 5.58 -13.28
C LYS A 41 3.01 4.24 -13.38
N GLY A 42 2.54 3.25 -12.68
CA GLY A 42 3.19 1.91 -12.74
C GLY A 42 4.32 1.84 -11.72
N ARG A 43 4.02 2.03 -10.46
CA ARG A 43 5.09 1.98 -9.42
C ARG A 43 4.49 1.49 -8.09
N GLN A 44 5.03 0.44 -7.55
CA GLN A 44 4.47 -0.07 -6.26
C GLN A 44 5.24 0.51 -5.07
N VAL A 45 4.55 0.93 -4.05
CA VAL A 45 5.23 1.51 -2.86
C VAL A 45 5.09 0.55 -1.68
N CYS A 46 5.99 0.60 -0.74
CA CYS A 46 5.90 -0.33 0.43
C CYS A 46 5.44 0.45 1.66
N ALA A 47 4.53 -0.09 2.41
CA ALA A 47 4.06 0.65 3.62
C ALA A 47 3.93 -0.31 4.81
N LYS A 48 4.03 0.19 6.01
CA LYS A 48 3.91 -0.68 7.20
C LYS A 48 2.47 -1.20 7.33
N PRO A 49 2.27 -2.04 8.31
CA PRO A 49 0.93 -2.62 8.55
C PRO A 49 -0.01 -1.57 9.11
N SER A 50 0.50 -0.65 9.89
CA SER A 50 -0.36 0.41 10.47
C SER A 50 0.40 1.73 10.56
N GLY A 51 1.07 2.11 9.50
CA GLY A 51 1.84 3.38 9.51
C GLY A 51 0.88 4.57 9.52
N PRO A 52 1.27 5.60 10.20
CA PRO A 52 0.43 6.83 10.28
C PRO A 52 0.39 7.55 8.93
N GLY A 53 -0.58 7.24 8.12
CA GLY A 53 -0.68 7.89 6.78
C GLY A 53 -1.17 6.85 5.77
N VAL A 54 -0.85 5.61 5.99
CA VAL A 54 -1.30 4.54 5.04
C VAL A 54 -2.83 4.52 4.98
N GLN A 55 -3.47 4.72 6.10
CA GLN A 55 -4.96 4.73 6.10
C GLN A 55 -5.45 5.93 5.33
N ASP A 56 -4.63 6.95 5.24
CA ASP A 56 -5.04 8.16 4.47
C ASP A 56 -5.08 7.81 2.98
N CYS A 57 -4.11 7.08 2.51
CA CYS A 57 -4.13 6.68 1.07
C CYS A 57 -5.33 5.78 0.81
N MET A 58 -5.56 4.83 1.68
CA MET A 58 -6.71 3.92 1.49
C MET A 58 -8.02 4.70 1.64
N LYS A 59 -7.99 5.78 2.39
CA LYS A 59 -9.22 6.60 2.55
C LYS A 59 -9.57 7.23 1.20
N LYS A 60 -8.59 7.81 0.55
CA LYS A 60 -8.84 8.45 -0.77
C LYS A 60 -9.12 7.36 -1.81
N LEU A 61 -8.76 6.14 -1.54
CA LEU A 61 -9.01 5.05 -2.53
C LEU A 61 -10.50 4.69 -2.53
N LYS A 62 -11.26 5.24 -1.64
CA LYS A 62 -12.72 4.92 -1.59
C LYS A 62 -13.45 5.93 -0.69
N PRO A 63 -14.44 6.57 -1.24
CA PRO A 63 -15.24 7.56 -0.48
C PRO A 63 -16.16 6.85 0.52
N TYR A 64 -15.67 6.55 1.69
CA TYR A 64 -16.53 5.86 2.70
C TYR A 64 -17.16 6.88 3.64
N SER A 65 -16.52 7.17 4.73
CA SER A 65 -17.09 8.17 5.69
C SER A 65 -16.15 9.37 5.83
N ILE A 66 -16.69 10.52 6.13
CA ILE A 66 -15.83 11.73 6.27
C ILE A 66 -15.96 12.30 7.68
N HIS A 1 2.33 -20.75 -8.84
CA HIS A 1 1.61 -20.86 -7.53
C HIS A 1 1.00 -19.51 -7.13
N PHE A 2 -0.31 -19.43 -7.07
CA PHE A 2 -0.96 -18.15 -6.70
C PHE A 2 -0.37 -17.62 -5.39
N ALA A 3 0.26 -16.48 -5.44
CA ALA A 3 0.86 -15.90 -4.20
C ALA A 3 0.81 -14.37 -4.25
N ALA A 4 0.61 -13.73 -3.13
CA ALA A 4 0.55 -12.25 -3.11
C ALA A 4 1.95 -11.66 -2.92
N ASP A 5 2.14 -10.41 -3.23
CA ASP A 5 3.49 -9.79 -3.07
C ASP A 5 3.75 -9.45 -1.59
N CYS A 6 4.97 -9.15 -1.25
CA CYS A 6 5.29 -8.82 0.17
C CYS A 6 6.22 -7.61 0.21
N CYS A 7 6.17 -6.83 1.26
CA CYS A 7 7.06 -5.64 1.36
C CYS A 7 8.38 -6.01 2.02
N THR A 8 9.48 -5.50 1.52
CA THR A 8 10.80 -5.80 2.13
C THR A 8 11.30 -4.59 2.91
N SER A 9 10.75 -3.44 2.62
CA SER A 9 11.18 -2.19 3.34
C SER A 9 10.09 -1.13 3.15
N TYR A 10 9.80 -0.37 4.17
CA TYR A 10 8.75 0.68 4.03
C TYR A 10 9.35 2.01 3.57
N ILE A 11 8.53 2.90 3.08
CA ILE A 11 9.06 4.21 2.60
C ILE A 11 9.74 4.96 3.75
N SER A 12 10.58 5.90 3.43
CA SER A 12 11.27 6.67 4.50
C SER A 12 10.49 7.95 4.83
N GLN A 13 9.39 8.16 4.17
CA GLN A 13 8.57 9.38 4.43
C GLN A 13 7.09 9.05 4.38
N SER A 14 6.24 10.03 4.37
CA SER A 14 4.78 9.76 4.32
C SER A 14 4.43 9.09 2.99
N ILE A 15 3.34 8.38 2.93
CA ILE A 15 2.96 7.72 1.66
C ILE A 15 2.48 8.77 0.64
N PRO A 16 3.00 8.66 -0.54
CA PRO A 16 2.64 9.63 -1.62
C PRO A 16 1.30 9.25 -2.25
N CYS A 17 0.22 9.40 -1.52
CA CYS A 17 -1.12 9.06 -2.09
C CYS A 17 -1.45 9.96 -3.28
N SER A 18 -0.68 11.00 -3.48
CA SER A 18 -0.95 11.92 -4.62
C SER A 18 -0.69 11.23 -5.97
N LEU A 19 -0.28 9.99 -5.94
CA LEU A 19 -0.02 9.28 -7.23
C LEU A 19 -0.46 7.82 -7.11
N MET A 20 -1.13 7.45 -6.05
CA MET A 20 -1.57 6.03 -5.92
C MET A 20 -3.00 5.87 -6.43
N LYS A 21 -3.21 4.89 -7.27
CA LYS A 21 -4.57 4.64 -7.82
C LYS A 21 -5.28 3.55 -7.00
N SER A 22 -4.52 2.70 -6.35
CA SER A 22 -5.14 1.62 -5.53
C SER A 22 -4.18 1.20 -4.41
N TYR A 23 -4.64 0.35 -3.52
CA TYR A 23 -3.76 -0.11 -2.41
C TYR A 23 -4.15 -1.52 -1.98
N PHE A 24 -3.22 -2.31 -1.50
CA PHE A 24 -3.58 -3.69 -1.06
C PHE A 24 -2.66 -4.16 0.07
N GLU A 25 -3.20 -4.90 1.01
CA GLU A 25 -2.36 -5.41 2.12
C GLU A 25 -1.83 -6.79 1.76
N THR A 26 -0.72 -7.19 2.34
CA THR A 26 -0.16 -8.52 2.00
C THR A 26 -0.91 -9.62 2.76
N SER A 27 -0.38 -10.81 2.76
CA SER A 27 -1.07 -11.92 3.48
C SER A 27 -0.15 -12.57 4.50
N SER A 28 -0.66 -13.52 5.24
CA SER A 28 0.19 -14.22 6.25
C SER A 28 1.20 -15.12 5.54
N GLU A 29 0.92 -15.46 4.31
CA GLU A 29 1.85 -16.33 3.54
C GLU A 29 3.09 -15.53 3.14
N CYS A 30 2.98 -14.22 3.11
CA CYS A 30 4.15 -13.38 2.74
C CYS A 30 5.19 -13.41 3.85
N SER A 31 6.44 -13.48 3.51
CA SER A 31 7.51 -13.50 4.55
C SER A 31 7.47 -12.21 5.37
N LYS A 32 6.74 -11.23 4.91
CA LYS A 32 6.66 -9.94 5.66
C LYS A 32 5.34 -9.24 5.35
N PRO A 33 4.70 -8.78 6.39
CA PRO A 33 3.40 -8.08 6.23
C PRO A 33 3.63 -6.67 5.68
N GLY A 34 2.57 -5.94 5.47
CA GLY A 34 2.71 -4.55 4.94
C GLY A 34 1.76 -4.35 3.76
N VAL A 35 1.40 -3.14 3.49
CA VAL A 35 0.47 -2.87 2.34
C VAL A 35 1.21 -2.13 1.24
N ILE A 36 1.08 -2.57 0.02
CA ILE A 36 1.78 -1.88 -1.10
C ILE A 36 0.77 -1.07 -1.92
N PHE A 37 1.04 0.18 -2.13
CA PHE A 37 0.10 1.01 -2.94
C PHE A 37 0.49 0.93 -4.41
N LEU A 38 -0.46 0.73 -5.28
CA LEU A 38 -0.14 0.65 -6.73
C LEU A 38 -0.34 2.04 -7.35
N THR A 39 0.68 2.59 -7.94
CA THR A 39 0.54 3.95 -8.54
C THR A 39 0.08 3.86 -9.99
N LYS A 40 -0.72 4.79 -10.43
CA LYS A 40 -1.20 4.75 -11.84
C LYS A 40 -0.02 4.95 -12.80
N LYS A 41 1.01 5.61 -12.35
CA LYS A 41 2.19 5.84 -13.24
C LYS A 41 2.95 4.53 -13.46
N GLY A 42 2.53 3.48 -12.84
CA GLY A 42 3.22 2.17 -13.01
C GLY A 42 4.33 2.04 -11.96
N ARG A 43 3.98 2.07 -10.70
CA ARG A 43 5.02 1.96 -9.63
C ARG A 43 4.42 1.31 -8.39
N GLN A 44 5.20 1.12 -7.37
CA GLN A 44 4.66 0.47 -6.13
C GLN A 44 5.34 1.04 -4.89
N VAL A 45 4.58 1.24 -3.84
CA VAL A 45 5.17 1.79 -2.58
C VAL A 45 5.02 0.76 -1.45
N CYS A 46 5.92 0.74 -0.51
CA CYS A 46 5.80 -0.23 0.61
C CYS A 46 5.46 0.49 1.91
N ALA A 47 4.43 0.08 2.58
CA ALA A 47 4.05 0.75 3.85
C ALA A 47 3.84 -0.26 4.97
N LYS A 48 4.01 0.14 6.19
CA LYS A 48 3.80 -0.80 7.33
C LYS A 48 2.33 -1.22 7.40
N PRO A 49 2.03 -2.11 8.32
CA PRO A 49 0.64 -2.59 8.48
C PRO A 49 -0.24 -1.49 9.06
N SER A 50 0.30 -0.70 9.95
CA SER A 50 -0.52 0.39 10.56
C SER A 50 0.24 1.72 10.48
N GLY A 51 1.00 1.91 9.44
CA GLY A 51 1.77 3.18 9.30
C GLY A 51 0.83 4.37 9.51
N PRO A 52 1.32 5.38 10.17
CA PRO A 52 0.52 6.59 10.45
C PRO A 52 0.27 7.37 9.15
N GLY A 53 -0.86 7.14 8.54
CA GLY A 53 -1.17 7.86 7.27
C GLY A 53 -1.44 6.83 6.17
N VAL A 54 -0.85 5.67 6.27
CA VAL A 54 -1.07 4.63 5.23
C VAL A 54 -2.54 4.20 5.20
N GLN A 55 -3.14 4.04 6.35
CA GLN A 55 -4.57 3.64 6.38
C GLN A 55 -5.43 4.79 5.84
N ASP A 56 -5.09 6.00 6.19
CA ASP A 56 -5.87 7.14 5.66
C ASP A 56 -5.66 7.22 4.15
N CYS A 57 -4.53 6.75 3.68
CA CYS A 57 -4.27 6.76 2.22
C CYS A 57 -5.22 5.79 1.53
N MET A 58 -5.29 4.57 2.00
CA MET A 58 -6.21 3.59 1.37
C MET A 58 -7.67 4.01 1.63
N LYS A 59 -7.89 4.79 2.65
CA LYS A 59 -9.28 5.24 2.96
C LYS A 59 -9.76 6.14 1.82
N LYS A 60 -8.99 7.13 1.48
CA LYS A 60 -9.40 8.04 0.38
C LYS A 60 -9.36 7.28 -0.95
N LEU A 61 -8.61 6.22 -1.01
CA LEU A 61 -8.54 5.45 -2.29
C LEU A 61 -9.81 4.62 -2.49
N LYS A 62 -10.75 4.74 -1.58
CA LYS A 62 -12.01 3.95 -1.72
C LYS A 62 -13.20 4.89 -1.94
N PRO A 63 -13.30 5.38 -3.14
CA PRO A 63 -14.40 6.30 -3.49
C PRO A 63 -15.69 5.51 -3.74
N TYR A 64 -16.57 5.47 -2.78
CA TYR A 64 -17.84 4.70 -2.96
C TYR A 64 -19.00 5.66 -3.20
N SER A 65 -18.75 6.80 -3.78
CA SER A 65 -19.85 7.78 -4.03
C SER A 65 -19.78 8.27 -5.48
N ILE A 66 -19.79 7.38 -6.43
CA ILE A 66 -19.72 7.80 -7.85
C ILE A 66 -20.97 8.62 -8.21
N HIS A 1 7.91 -9.53 -12.41
CA HIS A 1 6.90 -10.61 -12.70
C HIS A 1 7.39 -11.94 -12.12
N PHE A 2 7.64 -11.99 -10.84
CA PHE A 2 8.10 -13.26 -10.22
C PHE A 2 7.67 -13.32 -8.75
N ALA A 3 7.37 -14.49 -8.26
CA ALA A 3 6.95 -14.63 -6.84
C ALA A 3 5.78 -13.67 -6.54
N ALA A 4 5.20 -13.78 -5.38
CA ALA A 4 4.06 -12.88 -5.03
C ALA A 4 4.57 -11.47 -4.73
N ASP A 5 3.85 -10.72 -3.95
CA ASP A 5 4.30 -9.33 -3.62
C ASP A 5 4.43 -9.16 -2.10
N CYS A 6 5.62 -8.93 -1.63
CA CYS A 6 5.81 -8.75 -0.16
C CYS A 6 6.94 -7.76 0.11
N CYS A 7 6.70 -6.80 0.96
CA CYS A 7 7.75 -5.80 1.27
C CYS A 7 8.53 -6.20 2.53
N THR A 8 9.82 -6.04 2.51
CA THR A 8 10.63 -6.39 3.71
C THR A 8 10.88 -5.11 4.51
N SER A 9 10.63 -3.98 3.92
CA SER A 9 10.83 -2.69 4.64
C SER A 9 9.69 -1.72 4.28
N TYR A 10 9.90 -0.44 4.41
CA TYR A 10 8.82 0.52 4.07
C TYR A 10 9.41 1.84 3.56
N ILE A 11 8.61 2.66 2.95
CA ILE A 11 9.13 3.96 2.43
C ILE A 11 9.87 4.70 3.56
N SER A 12 10.56 5.76 3.24
CA SER A 12 11.31 6.49 4.30
C SER A 12 10.46 7.63 4.87
N GLN A 13 9.28 7.83 4.36
CA GLN A 13 8.41 8.92 4.88
C GLN A 13 6.94 8.55 4.71
N SER A 14 6.06 9.50 4.81
CA SER A 14 4.61 9.18 4.66
C SER A 14 4.31 8.78 3.22
N ILE A 15 3.37 7.88 3.02
CA ILE A 15 3.03 7.45 1.63
C ILE A 15 2.31 8.58 0.89
N PRO A 16 2.70 8.79 -0.34
CA PRO A 16 2.09 9.85 -1.17
C PRO A 16 0.72 9.40 -1.69
N CYS A 17 -0.31 9.58 -0.91
CA CYS A 17 -1.67 9.17 -1.37
C CYS A 17 -2.03 9.94 -2.64
N SER A 18 -1.52 11.13 -2.80
CA SER A 18 -1.85 11.94 -4.01
C SER A 18 -1.23 11.36 -5.29
N LEU A 19 -0.64 10.20 -5.22
CA LEU A 19 -0.04 9.60 -6.45
C LEU A 19 -0.42 8.14 -6.58
N MET A 20 -1.13 7.59 -5.62
CA MET A 20 -1.53 6.16 -5.72
C MET A 20 -2.97 6.04 -6.21
N LYS A 21 -3.22 5.15 -7.13
CA LYS A 21 -4.61 4.97 -7.64
C LYS A 21 -5.31 3.87 -6.84
N SER A 22 -4.57 2.99 -6.23
CA SER A 22 -5.20 1.90 -5.43
C SER A 22 -4.22 1.35 -4.39
N TYR A 23 -4.68 0.46 -3.55
CA TYR A 23 -3.77 -0.12 -2.52
C TYR A 23 -4.19 -1.55 -2.21
N PHE A 24 -3.28 -2.39 -1.80
CA PHE A 24 -3.66 -3.81 -1.48
C PHE A 24 -2.77 -4.39 -0.40
N GLU A 25 -3.30 -5.30 0.39
CA GLU A 25 -2.49 -5.92 1.46
C GLU A 25 -1.84 -7.20 0.95
N THR A 26 -0.60 -7.44 1.31
CA THR A 26 0.08 -8.68 0.83
C THR A 26 -0.62 -9.91 1.40
N SER A 27 -0.06 -11.07 1.21
CA SER A 27 -0.69 -12.30 1.75
C SER A 27 -0.07 -12.67 3.10
N SER A 28 -0.84 -13.20 4.00
CA SER A 28 -0.29 -13.59 5.33
C SER A 28 0.68 -14.75 5.17
N GLU A 29 0.77 -15.32 4.00
CA GLU A 29 1.70 -16.45 3.78
C GLU A 29 3.15 -15.95 3.78
N CYS A 30 3.35 -14.71 3.42
CA CYS A 30 4.74 -14.16 3.40
C CYS A 30 5.25 -13.96 4.84
N SER A 31 6.51 -14.16 5.04
CA SER A 31 7.08 -13.98 6.42
C SER A 31 6.94 -12.53 6.89
N LYS A 32 6.54 -11.66 6.01
CA LYS A 32 6.38 -10.23 6.41
C LYS A 32 5.28 -9.58 5.57
N PRO A 33 4.20 -9.25 6.23
CA PRO A 33 3.05 -8.60 5.54
C PRO A 33 3.40 -7.15 5.19
N GLY A 34 2.41 -6.38 4.80
CA GLY A 34 2.69 -4.96 4.43
C GLY A 34 1.64 -4.49 3.42
N VAL A 35 1.40 -3.21 3.34
CA VAL A 35 0.38 -2.71 2.36
C VAL A 35 1.11 -2.06 1.18
N ILE A 36 0.95 -2.59 0.00
CA ILE A 36 1.65 -1.98 -1.17
C ILE A 36 0.68 -1.11 -1.95
N PHE A 37 1.08 0.09 -2.27
CA PHE A 37 0.17 0.98 -3.03
C PHE A 37 0.51 0.92 -4.52
N LEU A 38 -0.49 0.85 -5.36
CA LEU A 38 -0.22 0.81 -6.83
C LEU A 38 -0.42 2.21 -7.39
N THR A 39 0.60 2.76 -7.98
CA THR A 39 0.48 4.15 -8.53
C THR A 39 0.01 4.11 -9.97
N LYS A 40 -0.73 5.10 -10.38
CA LYS A 40 -1.23 5.13 -11.79
C LYS A 40 -0.05 5.29 -12.76
N LYS A 41 1.03 5.90 -12.32
CA LYS A 41 2.19 6.09 -13.22
C LYS A 41 2.87 4.74 -13.48
N GLY A 42 2.44 3.71 -12.82
CA GLY A 42 3.05 2.37 -13.04
C GLY A 42 4.15 2.12 -12.01
N ARG A 43 3.81 2.11 -10.74
CA ARG A 43 4.83 1.87 -9.69
C ARG A 43 4.19 1.18 -8.48
N GLN A 44 4.98 0.87 -7.48
CA GLN A 44 4.42 0.22 -6.27
C GLN A 44 5.20 0.66 -5.03
N VAL A 45 4.50 0.97 -3.96
CA VAL A 45 5.20 1.41 -2.72
C VAL A 45 4.98 0.39 -1.61
N CYS A 46 5.73 0.50 -0.53
CA CYS A 46 5.56 -0.48 0.59
C CYS A 46 5.43 0.28 1.91
N ALA A 47 4.28 0.23 2.53
CA ALA A 47 4.12 0.95 3.82
C ALA A 47 3.69 -0.01 4.94
N LYS A 48 3.94 0.37 6.16
CA LYS A 48 3.56 -0.49 7.31
C LYS A 48 2.05 -0.76 7.30
N PRO A 49 1.61 -1.52 8.26
CA PRO A 49 0.16 -1.85 8.35
C PRO A 49 -0.64 -0.61 8.78
N SER A 50 -0.11 0.16 9.68
CA SER A 50 -0.85 1.39 10.14
C SER A 50 0.12 2.58 10.20
N GLY A 51 1.02 2.68 9.26
CA GLY A 51 1.98 3.82 9.27
C GLY A 51 1.21 5.14 9.18
N PRO A 52 1.84 6.19 9.64
CA PRO A 52 1.20 7.53 9.61
C PRO A 52 1.09 8.03 8.17
N GLY A 53 -0.07 7.89 7.58
CA GLY A 53 -0.25 8.35 6.18
C GLY A 53 -0.70 7.18 5.32
N VAL A 54 -0.32 5.98 5.69
CA VAL A 54 -0.73 4.79 4.90
C VAL A 54 -2.25 4.65 4.93
N GLN A 55 -2.82 4.76 6.09
CA GLN A 55 -4.30 4.65 6.19
C GLN A 55 -4.94 5.84 5.48
N ASP A 56 -4.21 6.92 5.38
CA ASP A 56 -4.75 8.11 4.68
C ASP A 56 -4.84 7.80 3.18
N CYS A 57 -3.86 7.11 2.66
CA CYS A 57 -3.91 6.76 1.21
C CYS A 57 -5.10 5.83 0.96
N MET A 58 -5.24 4.81 1.77
CA MET A 58 -6.38 3.87 1.58
C MET A 58 -7.69 4.54 1.99
N LYS A 59 -7.63 5.59 2.77
CA LYS A 59 -8.88 6.26 3.18
C LYS A 59 -9.52 6.89 1.95
N LYS A 60 -8.78 7.66 1.21
CA LYS A 60 -9.34 8.28 -0.01
C LYS A 60 -9.59 7.20 -1.07
N LEU A 61 -8.83 6.13 -1.02
CA LEU A 61 -9.01 5.05 -2.04
C LEU A 61 -10.22 4.19 -1.69
N LYS A 62 -10.85 4.45 -0.58
CA LYS A 62 -12.04 3.64 -0.18
C LYS A 62 -13.21 3.91 -1.13
N PRO A 63 -13.74 2.87 -1.69
CA PRO A 63 -14.88 3.00 -2.63
C PRO A 63 -16.16 3.35 -1.88
N TYR A 64 -17.28 3.30 -2.54
CA TYR A 64 -18.56 3.63 -1.85
C TYR A 64 -18.52 5.07 -1.34
N SER A 65 -18.81 6.02 -2.17
CA SER A 65 -18.79 7.44 -1.73
C SER A 65 -20.13 7.83 -1.10
N ILE A 66 -20.13 8.16 0.16
CA ILE A 66 -21.40 8.55 0.83
C ILE A 66 -22.51 7.54 0.48
N HIS A 1 7.91 -11.21 -10.76
CA HIS A 1 6.61 -10.51 -10.87
C HIS A 1 5.45 -11.52 -10.80
N PHE A 2 5.19 -12.05 -9.63
CA PHE A 2 4.09 -13.04 -9.49
C PHE A 2 3.95 -13.47 -8.03
N ALA A 3 3.04 -14.36 -7.74
CA ALA A 3 2.85 -14.82 -6.33
C ALA A 3 2.56 -13.63 -5.43
N ALA A 4 2.87 -13.73 -4.17
CA ALA A 4 2.61 -12.60 -3.24
C ALA A 4 3.74 -11.57 -3.33
N ASP A 5 3.40 -10.31 -3.29
CA ASP A 5 4.46 -9.26 -3.37
C ASP A 5 4.76 -8.69 -1.98
N CYS A 6 5.58 -9.35 -1.22
CA CYS A 6 5.90 -8.84 0.15
C CYS A 6 7.14 -7.94 0.09
N CYS A 7 7.08 -6.80 0.71
CA CYS A 7 8.26 -5.88 0.69
C CYS A 7 9.10 -6.07 1.96
N THR A 8 10.36 -5.81 1.89
CA THR A 8 11.24 -5.98 3.09
C THR A 8 11.44 -4.62 3.77
N SER A 9 11.21 -3.56 3.05
CA SER A 9 11.39 -2.21 3.65
C SER A 9 10.32 -1.26 3.11
N TYR A 10 9.75 -0.45 3.96
CA TYR A 10 8.69 0.48 3.48
C TYR A 10 9.31 1.81 3.04
N ILE A 11 8.51 2.70 2.50
CA ILE A 11 9.06 4.02 2.05
C ILE A 11 9.85 4.67 3.18
N SER A 12 10.44 5.80 2.91
CA SER A 12 11.23 6.50 3.96
C SER A 12 10.44 7.66 4.55
N GLN A 13 9.26 7.91 4.03
CA GLN A 13 8.43 9.02 4.56
C GLN A 13 6.94 8.68 4.42
N SER A 14 6.08 9.64 4.64
CA SER A 14 4.62 9.36 4.52
C SER A 14 4.28 8.91 3.09
N ILE A 15 3.34 8.00 2.97
CA ILE A 15 2.95 7.52 1.61
C ILE A 15 2.15 8.61 0.88
N PRO A 16 2.45 8.77 -0.39
CA PRO A 16 1.76 9.79 -1.21
C PRO A 16 0.35 9.32 -1.59
N CYS A 17 -0.59 9.47 -0.70
CA CYS A 17 -1.99 9.04 -1.02
C CYS A 17 -2.49 9.79 -2.25
N SER A 18 -2.03 11.01 -2.43
CA SER A 18 -2.49 11.83 -3.60
C SER A 18 -1.95 11.30 -4.93
N LEU A 19 -1.36 10.14 -4.96
CA LEU A 19 -0.84 9.62 -6.26
C LEU A 19 -1.11 8.11 -6.37
N MET A 20 -1.79 7.53 -5.41
CA MET A 20 -2.07 6.07 -5.50
C MET A 20 -3.49 5.82 -5.99
N LYS A 21 -3.64 4.90 -6.92
CA LYS A 21 -4.99 4.59 -7.46
C LYS A 21 -5.62 3.41 -6.71
N SER A 22 -4.84 2.42 -6.35
CA SER A 22 -5.42 1.25 -5.61
C SER A 22 -4.33 0.50 -4.84
N TYR A 23 -4.46 0.42 -3.55
CA TYR A 23 -3.44 -0.31 -2.73
C TYR A 23 -3.91 -1.73 -2.43
N PHE A 24 -3.03 -2.58 -1.98
CA PHE A 24 -3.45 -3.98 -1.66
C PHE A 24 -2.59 -4.55 -0.54
N GLU A 25 -3.14 -5.41 0.27
CA GLU A 25 -2.35 -6.00 1.39
C GLU A 25 -1.70 -7.30 0.91
N THR A 26 -0.56 -7.63 1.43
CA THR A 26 0.12 -8.89 1.00
C THR A 26 -0.58 -10.10 1.63
N SER A 27 0.00 -11.26 1.49
CA SER A 27 -0.63 -12.47 2.08
C SER A 27 -0.04 -12.74 3.47
N SER A 28 -0.85 -13.20 4.39
CA SER A 28 -0.33 -13.48 5.76
C SER A 28 0.62 -14.67 5.71
N GLU A 29 0.71 -15.32 4.59
CA GLU A 29 1.63 -16.49 4.46
C GLU A 29 3.08 -16.03 4.40
N CYS A 30 3.30 -14.78 4.09
CA CYS A 30 4.69 -14.26 4.01
C CYS A 30 5.29 -14.14 5.42
N SER A 31 6.60 -14.06 5.52
CA SER A 31 7.24 -13.95 6.86
C SER A 31 6.77 -12.69 7.57
N LYS A 32 6.35 -11.71 6.83
CA LYS A 32 5.85 -10.45 7.44
C LYS A 32 4.83 -9.78 6.51
N PRO A 33 3.90 -9.11 7.12
CA PRO A 33 2.84 -8.42 6.34
C PRO A 33 3.40 -7.20 5.61
N GLY A 34 2.54 -6.47 4.93
CA GLY A 34 3.01 -5.26 4.20
C GLY A 34 1.95 -4.87 3.17
N VAL A 35 1.64 -3.61 3.06
CA VAL A 35 0.62 -3.18 2.07
C VAL A 35 1.28 -2.38 0.95
N ILE A 36 1.17 -2.82 -0.27
CA ILE A 36 1.81 -2.08 -1.38
C ILE A 36 0.79 -1.20 -2.09
N PHE A 37 1.08 0.05 -2.27
CA PHE A 37 0.12 0.94 -2.97
C PHE A 37 0.42 0.96 -4.47
N LEU A 38 -0.59 0.83 -5.29
CA LEU A 38 -0.34 0.86 -6.75
C LEU A 38 -0.64 2.26 -7.27
N THR A 39 0.34 2.93 -7.79
CA THR A 39 0.10 4.32 -8.28
C THR A 39 -0.30 4.31 -9.75
N LYS A 40 -1.05 5.29 -10.17
CA LYS A 40 -1.49 5.35 -11.59
C LYS A 40 -0.26 5.58 -12.49
N LYS A 41 0.77 6.19 -11.96
CA LYS A 41 1.99 6.44 -12.78
C LYS A 41 2.71 5.12 -13.07
N GLY A 42 2.28 4.05 -12.46
CA GLY A 42 2.93 2.74 -12.70
C GLY A 42 4.09 2.57 -11.71
N ARG A 43 3.82 2.67 -10.44
CA ARG A 43 4.90 2.51 -9.43
C ARG A 43 4.33 1.90 -8.14
N GLN A 44 4.90 0.84 -7.66
CA GLN A 44 4.37 0.21 -6.41
C GLN A 44 5.15 0.70 -5.18
N VAL A 45 4.44 1.03 -4.14
CA VAL A 45 5.11 1.51 -2.89
C VAL A 45 4.92 0.44 -1.80
N CYS A 46 5.61 0.57 -0.70
CA CYS A 46 5.46 -0.43 0.39
C CYS A 46 5.36 0.27 1.74
N ALA A 47 4.24 0.14 2.41
CA ALA A 47 4.10 0.82 3.73
C ALA A 47 3.59 -0.16 4.79
N LYS A 48 3.84 0.13 6.03
CA LYS A 48 3.37 -0.77 7.13
C LYS A 48 1.86 -0.60 7.34
N PRO A 49 1.28 -1.52 8.06
CA PRO A 49 -0.17 -1.47 8.34
C PRO A 49 -0.49 -0.34 9.33
N SER A 50 0.40 -0.08 10.25
CA SER A 50 0.14 1.00 11.24
C SER A 50 0.93 2.27 10.85
N GLY A 51 1.46 2.30 9.66
CA GLY A 51 2.24 3.50 9.23
C GLY A 51 1.34 4.74 9.30
N PRO A 52 1.91 5.81 9.79
CA PRO A 52 1.16 7.08 9.93
C PRO A 52 0.91 7.69 8.55
N GLY A 53 -0.10 7.23 7.85
CA GLY A 53 -0.40 7.78 6.50
C GLY A 53 -0.81 6.64 5.58
N VAL A 54 -0.42 5.43 5.89
CA VAL A 54 -0.79 4.27 5.02
C VAL A 54 -2.31 4.12 5.00
N GLN A 55 -2.93 4.14 6.15
CA GLN A 55 -4.40 4.00 6.18
C GLN A 55 -5.03 5.23 5.53
N ASP A 56 -4.32 6.32 5.54
CA ASP A 56 -4.85 7.55 4.89
C ASP A 56 -4.89 7.35 3.38
N CYS A 57 -3.88 6.73 2.82
CA CYS A 57 -3.89 6.50 1.35
C CYS A 57 -5.03 5.54 1.00
N MET A 58 -5.26 4.58 1.83
CA MET A 58 -6.36 3.61 1.57
C MET A 58 -7.71 4.29 1.68
N LYS A 59 -7.83 5.27 2.55
CA LYS A 59 -9.13 5.97 2.69
C LYS A 59 -9.43 6.72 1.40
N LYS A 60 -8.51 7.52 0.95
CA LYS A 60 -8.72 8.27 -0.32
C LYS A 60 -8.70 7.29 -1.50
N LEU A 61 -8.16 6.11 -1.29
CA LEU A 61 -8.10 5.11 -2.40
C LEU A 61 -9.48 4.50 -2.64
N LYS A 62 -10.46 4.91 -1.88
CA LYS A 62 -11.84 4.34 -2.06
C LYS A 62 -12.86 5.47 -2.19
N PRO A 63 -13.28 5.70 -3.40
CA PRO A 63 -14.29 6.76 -3.67
C PRO A 63 -15.67 6.31 -3.19
N TYR A 64 -15.95 6.50 -1.91
CA TYR A 64 -17.28 6.08 -1.39
C TYR A 64 -17.57 6.78 -0.06
N SER A 65 -17.24 8.04 0.03
CA SER A 65 -17.50 8.78 1.31
C SER A 65 -18.05 10.18 1.01
N ILE A 66 -19.09 10.57 1.69
CA ILE A 66 -19.68 11.92 1.45
C ILE A 66 -20.12 12.55 2.77
N HIS A 1 -4.27 -18.84 -7.14
CA HIS A 1 -3.20 -17.80 -7.21
C HIS A 1 -1.92 -18.30 -6.56
N PHE A 2 -0.78 -18.02 -7.14
CA PHE A 2 0.51 -18.49 -6.54
C PHE A 2 1.04 -17.45 -5.55
N ALA A 3 0.50 -17.40 -4.36
CA ALA A 3 0.98 -16.42 -3.35
C ALA A 3 0.72 -14.99 -3.83
N ALA A 4 1.02 -14.01 -3.01
CA ALA A 4 0.79 -12.61 -3.41
C ALA A 4 2.08 -11.78 -3.27
N ASP A 5 2.04 -10.53 -3.61
CA ASP A 5 3.26 -9.67 -3.49
C ASP A 5 3.68 -9.57 -2.03
N CYS A 6 4.90 -9.15 -1.79
CA CYS A 6 5.37 -9.02 -0.38
C CYS A 6 6.35 -7.84 -0.26
N CYS A 7 6.24 -7.08 0.78
CA CYS A 7 7.15 -5.91 0.95
C CYS A 7 8.40 -6.31 1.73
N THR A 8 9.55 -5.86 1.29
CA THR A 8 10.82 -6.19 2.00
C THR A 8 11.27 -4.97 2.79
N SER A 9 10.76 -3.82 2.45
CA SER A 9 11.13 -2.57 3.17
C SER A 9 10.06 -1.51 2.92
N TYR A 10 9.73 -0.73 3.92
CA TYR A 10 8.68 0.31 3.74
C TYR A 10 9.31 1.62 3.27
N ILE A 11 8.50 2.56 2.86
CA ILE A 11 9.06 3.87 2.39
C ILE A 11 9.83 4.55 3.52
N SER A 12 10.14 5.81 3.36
CA SER A 12 10.91 6.53 4.42
C SER A 12 9.98 7.39 5.27
N GLN A 13 8.86 7.77 4.75
CA GLN A 13 7.90 8.60 5.53
C GLN A 13 6.46 8.20 5.22
N SER A 14 5.50 8.97 5.68
CA SER A 14 4.09 8.62 5.39
C SER A 14 3.90 8.29 3.91
N ILE A 15 2.96 7.45 3.59
CA ILE A 15 2.74 7.10 2.16
C ILE A 15 2.14 8.28 1.40
N PRO A 16 2.62 8.50 0.22
CA PRO A 16 2.12 9.61 -0.62
C PRO A 16 0.77 9.23 -1.22
N CYS A 17 -0.30 9.47 -0.52
CA CYS A 17 -1.64 9.13 -1.08
C CYS A 17 -1.87 9.93 -2.37
N SER A 18 -1.31 11.11 -2.43
CA SER A 18 -1.48 11.97 -3.63
C SER A 18 -0.72 11.41 -4.84
N LEU A 19 -0.16 10.23 -4.73
CA LEU A 19 0.57 9.65 -5.88
C LEU A 19 0.19 8.18 -6.05
N MET A 20 -1.00 7.81 -5.67
CA MET A 20 -1.40 6.37 -5.82
C MET A 20 -2.87 6.26 -6.24
N LYS A 21 -3.18 5.34 -7.10
CA LYS A 21 -4.59 5.16 -7.56
C LYS A 21 -5.30 4.08 -6.74
N SER A 22 -4.58 3.09 -6.30
CA SER A 22 -5.23 2.00 -5.50
C SER A 22 -4.24 1.44 -4.48
N TYR A 23 -4.68 0.51 -3.66
CA TYR A 23 -3.77 -0.08 -2.65
C TYR A 23 -4.18 -1.53 -2.35
N PHE A 24 -3.26 -2.35 -1.92
CA PHE A 24 -3.62 -3.77 -1.62
C PHE A 24 -2.76 -4.31 -0.47
N GLU A 25 -3.33 -5.13 0.37
CA GLU A 25 -2.55 -5.70 1.51
C GLU A 25 -1.92 -7.03 1.08
N THR A 26 -0.74 -7.31 1.57
CA THR A 26 -0.08 -8.59 1.18
C THR A 26 -0.60 -9.75 2.02
N SER A 27 0.08 -10.87 1.98
CA SER A 27 -0.37 -12.05 2.77
C SER A 27 0.44 -12.15 4.07
N SER A 28 -0.21 -12.48 5.16
CA SER A 28 0.52 -12.58 6.45
C SER A 28 1.45 -13.80 6.43
N GLU A 29 1.39 -14.59 5.39
CA GLU A 29 2.26 -15.79 5.30
C GLU A 29 3.70 -15.38 4.99
N CYS A 30 3.89 -14.23 4.41
CA CYS A 30 5.27 -13.78 4.07
C CYS A 30 6.02 -13.40 5.35
N SER A 31 7.33 -13.52 5.34
CA SER A 31 8.12 -13.16 6.55
C SER A 31 7.92 -11.68 6.90
N LYS A 32 7.34 -10.93 6.00
CA LYS A 32 7.12 -9.49 6.27
C LYS A 32 5.90 -8.97 5.50
N PRO A 33 4.81 -8.84 6.21
CA PRO A 33 3.56 -8.35 5.58
C PRO A 33 3.65 -6.86 5.27
N GLY A 34 2.58 -6.26 4.84
CA GLY A 34 2.62 -4.81 4.52
C GLY A 34 1.66 -4.52 3.36
N VAL A 35 1.24 -3.30 3.20
CA VAL A 35 0.31 -2.97 2.09
C VAL A 35 1.04 -2.18 1.01
N ILE A 36 0.97 -2.60 -0.21
CA ILE A 36 1.67 -1.86 -1.31
C ILE A 36 0.67 -1.02 -2.09
N PHE A 37 0.98 0.22 -2.33
CA PHE A 37 0.04 1.08 -3.10
C PHE A 37 0.40 1.05 -4.59
N LEU A 38 -0.57 0.90 -5.44
CA LEU A 38 -0.28 0.89 -6.90
C LEU A 38 -0.55 2.28 -7.45
N THR A 39 0.43 2.89 -8.06
CA THR A 39 0.21 4.26 -8.60
C THR A 39 -0.28 4.21 -10.04
N LYS A 40 -0.81 5.30 -10.53
CA LYS A 40 -1.32 5.31 -11.93
C LYS A 40 -0.17 5.10 -12.91
N LYS A 41 1.01 5.53 -12.57
CA LYS A 41 2.17 5.34 -13.50
C LYS A 41 2.54 3.86 -13.57
N GLY A 42 1.96 3.05 -12.73
CA GLY A 42 2.28 1.60 -12.75
C GLY A 42 3.36 1.28 -11.72
N ARG A 43 3.64 2.19 -10.82
CA ARG A 43 4.68 1.94 -9.80
C ARG A 43 4.06 1.30 -8.55
N GLN A 44 4.86 0.99 -7.56
CA GLN A 44 4.32 0.37 -6.32
C GLN A 44 5.13 0.82 -5.11
N VAL A 45 4.48 1.14 -4.04
CA VAL A 45 5.21 1.59 -2.81
C VAL A 45 5.00 0.58 -1.68
N CYS A 46 5.91 0.51 -0.75
CA CYS A 46 5.75 -0.47 0.37
C CYS A 46 5.39 0.26 1.66
N ALA A 47 4.37 -0.18 2.36
CA ALA A 47 4.00 0.52 3.61
C ALA A 47 3.77 -0.49 4.74
N LYS A 48 3.90 -0.06 5.96
CA LYS A 48 3.69 -0.97 7.11
C LYS A 48 2.22 -1.37 7.21
N PRO A 49 1.93 -2.24 8.14
CA PRO A 49 0.54 -2.70 8.35
C PRO A 49 -0.30 -1.57 8.99
N SER A 50 0.32 -0.79 9.83
CA SER A 50 -0.43 0.32 10.49
C SER A 50 0.41 1.61 10.45
N GLY A 51 1.12 1.83 9.37
CA GLY A 51 1.94 3.07 9.26
C GLY A 51 1.03 4.30 9.25
N PRO A 52 1.51 5.35 9.87
CA PRO A 52 0.74 6.61 9.94
C PRO A 52 0.64 7.24 8.54
N GLY A 53 -0.55 7.40 8.04
CA GLY A 53 -0.71 8.00 6.68
C GLY A 53 -1.06 6.90 5.69
N VAL A 54 -0.60 5.69 5.92
CA VAL A 54 -0.92 4.58 4.98
C VAL A 54 -2.44 4.36 4.93
N GLN A 55 -3.07 4.38 6.07
CA GLN A 55 -4.54 4.19 6.08
C GLN A 55 -5.20 5.40 5.42
N ASP A 56 -4.56 6.53 5.47
CA ASP A 56 -5.14 7.73 4.82
C ASP A 56 -5.11 7.54 3.31
N CYS A 57 -4.08 6.92 2.80
CA CYS A 57 -4.01 6.69 1.33
C CYS A 57 -5.13 5.75 0.91
N MET A 58 -5.37 4.71 1.67
CA MET A 58 -6.45 3.76 1.31
C MET A 58 -7.82 4.39 1.52
N LYS A 59 -7.93 5.31 2.45
CA LYS A 59 -9.24 5.95 2.70
C LYS A 59 -9.62 6.77 1.46
N LYS A 60 -8.75 7.63 1.03
CA LYS A 60 -9.04 8.44 -0.18
C LYS A 60 -9.01 7.53 -1.41
N LEU A 61 -8.36 6.40 -1.33
CA LEU A 61 -8.30 5.48 -2.49
C LEU A 61 -9.63 4.74 -2.65
N LYS A 62 -10.58 5.01 -1.80
CA LYS A 62 -11.89 4.33 -1.89
C LYS A 62 -12.96 5.33 -2.37
N PRO A 63 -13.74 4.90 -3.32
CA PRO A 63 -14.82 5.76 -3.87
C PRO A 63 -15.96 5.89 -2.86
N TYR A 64 -15.92 6.91 -2.03
CA TYR A 64 -17.01 7.09 -1.02
C TYR A 64 -17.41 8.56 -0.93
N SER A 65 -16.93 9.37 -1.84
CA SER A 65 -17.29 10.82 -1.80
C SER A 65 -16.86 11.51 -3.10
N ILE A 66 -17.55 11.25 -4.18
CA ILE A 66 -17.19 11.88 -5.47
C ILE A 66 -18.45 12.25 -6.25
#